data_3EC8
# 
_entry.id   3EC8 
# 
_audit_conform.dict_name       mmcif_pdbx.dic 
_audit_conform.dict_version    5.388 
_audit_conform.dict_location   http://mmcif.pdb.org/dictionaries/ascii/mmcif_pdbx.dic 
# 
loop_
_database_2.database_id 
_database_2.database_code 
_database_2.pdbx_database_accession 
_database_2.pdbx_DOI 
PDB   3EC8         pdb_00003ec8 10.2210/pdb3ec8/pdb 
RCSB  RCSB049141   ?            ?                   
WWPDB D_1000049141 ?            ?                   
# 
loop_
_pdbx_audit_revision_history.ordinal 
_pdbx_audit_revision_history.data_content_type 
_pdbx_audit_revision_history.major_revision 
_pdbx_audit_revision_history.minor_revision 
_pdbx_audit_revision_history.revision_date 
1 'Structure model' 1 0 2008-09-30 
2 'Structure model' 1 1 2011-07-13 
3 'Structure model' 1 2 2024-03-20 
# 
_pdbx_audit_revision_details.ordinal             1 
_pdbx_audit_revision_details.revision_ordinal    1 
_pdbx_audit_revision_details.data_content_type   'Structure model' 
_pdbx_audit_revision_details.provider            repository 
_pdbx_audit_revision_details.type                'Initial release' 
_pdbx_audit_revision_details.description         ? 
_pdbx_audit_revision_details.details             ? 
# 
loop_
_pdbx_audit_revision_group.ordinal 
_pdbx_audit_revision_group.revision_ordinal 
_pdbx_audit_revision_group.data_content_type 
_pdbx_audit_revision_group.group 
1 2 'Structure model' Advisory                    
2 2 'Structure model' 'Version format compliance' 
3 3 'Structure model' 'Data collection'           
4 3 'Structure model' 'Database references'       
5 3 'Structure model' 'Derived calculations'      
# 
loop_
_pdbx_audit_revision_category.ordinal 
_pdbx_audit_revision_category.revision_ordinal 
_pdbx_audit_revision_category.data_content_type 
_pdbx_audit_revision_category.category 
1 3 'Structure model' chem_comp_atom     
2 3 'Structure model' chem_comp_bond     
3 3 'Structure model' database_2         
4 3 'Structure model' struct_ref_seq_dif 
5 3 'Structure model' struct_site        
# 
loop_
_pdbx_audit_revision_item.ordinal 
_pdbx_audit_revision_item.revision_ordinal 
_pdbx_audit_revision_item.data_content_type 
_pdbx_audit_revision_item.item 
1 3 'Structure model' '_database_2.pdbx_DOI'                
2 3 'Structure model' '_database_2.pdbx_database_accession' 
3 3 'Structure model' '_struct_ref_seq_dif.details'         
4 3 'Structure model' '_struct_site.pdbx_auth_asym_id'      
5 3 'Structure model' '_struct_site.pdbx_auth_comp_id'      
6 3 'Structure model' '_struct_site.pdbx_auth_seq_id'       
# 
_pdbx_database_status.status_code                     REL 
_pdbx_database_status.entry_id                        3EC8 
_pdbx_database_status.recvd_initial_deposition_date   2008-08-29 
_pdbx_database_status.deposit_site                    RCSB 
_pdbx_database_status.process_site                    PDBJ 
_pdbx_database_status.status_code_sf                  REL 
_pdbx_database_status.status_code_mr                  ? 
_pdbx_database_status.SG_entry                        Y 
_pdbx_database_status.pdb_format_compatible           Y 
_pdbx_database_status.status_code_cs                  ? 
_pdbx_database_status.status_code_nmr_data            ? 
_pdbx_database_status.methods_development_category    ? 
# 
loop_
_audit_author.name 
_audit_author.pdbx_ordinal 
'Wisniewska, M.'                       1  
'Lehtio, L.'                           2  
'Andersson, J.'                        3  
'Arrowsmith, C.H.'                     4  
'Collins, R.'                          5  
'Dahlgren, L.G.'                       6  
'Edwards, A.M.'                        7  
'Flodin, S.'                           8  
'Flores, A.'                           9  
'Graslund, S.'                         10 
'Hammarstrom, M.'                      11 
'Johansson, A.'                        12 
'Johansson, I.'                        13 
'Karlberg, T.'                         14 
'Kotenyova, T.'                        15 
'Moche, M.'                            16 
'Nilsson, M.E.'                        17 
'Nordlund, P.'                         18 
'Nyman, T.'                            19 
'Olesen, K.'                           20 
'Persson, C.'                          21 
'Sagemark, J.'                         22 
'Schueler, H.'                         23 
'Thorsell, A.G.'                       24 
'Tresaugues, L.'                       25 
'van den Berg, S.'                     26 
'Weigelt, J.'                          27 
'Welin, M.'                            28 
'Wikstrom, M.'                         29 
'Berglund, H.'                         30 
'Structural Genomics Consortium (SGC)' 31 
# 
_citation.id                        primary 
_citation.title                     'The crystal structure of the RA domain of FLJ10324 (RADIL)' 
_citation.journal_abbrev            'to be published' 
_citation.journal_volume            ? 
_citation.page_first                ? 
_citation.page_last                 ? 
_citation.year                      ? 
_citation.journal_id_ASTM           ? 
_citation.country                   ? 
_citation.journal_id_ISSN           ? 
_citation.journal_id_CSD            0353 
_citation.book_publisher            ? 
_citation.pdbx_database_id_PubMed   ? 
_citation.pdbx_database_id_DOI      ? 
# 
loop_
_citation_author.citation_id 
_citation_author.name 
_citation_author.ordinal 
_citation_author.identifier_ORCID 
primary 'Wisniewska, M.'   1  ? 
primary 'Lehtio, L.'       2  ? 
primary 'Andersson, J.'    3  ? 
primary 'Arrowsmith, C.H.' 4  ? 
primary 'Collins, R.'      5  ? 
primary 'Dahlgren, L.G.'   6  ? 
primary 'Edwards, A.M.'    7  ? 
primary 'Flodin, S.'       8  ? 
primary 'Flores, A.'       9  ? 
primary 'Graslund, S.'     10 ? 
primary 'Hammarstrom, M.'  11 ? 
primary 'Johansson, A.'    12 ? 
primary 'Johansson, I.'    13 ? 
primary 'Karlberg, T.'     14 ? 
primary 'Kotenyova, T.'    15 ? 
primary 'Moche, M.'        16 ? 
primary 'Nilsson, M.E.'    17 ? 
primary 'Nordlund, P.'     18 ? 
primary 'Nyman, T.'        19 ? 
primary 'Olesen, K.'       20 ? 
primary 'Persson, C.'      21 ? 
primary 'Sagemark, J.'     22 ? 
primary 'Schueler, H.'     23 ? 
primary 'Thorsell, A.G.'   24 ? 
primary 'Tresaugues, L.'   25 ? 
primary 'van den Berg, S.' 26 ? 
primary 'Weigelt, J.'      27 ? 
primary 'Welin, M.'        28 ? 
primary 'Wikstrom, M.'     29 ? 
primary 'Berglund, H.'     30 ? 
# 
loop_
_entity.id 
_entity.type 
_entity.src_method 
_entity.pdbx_description 
_entity.formula_weight 
_entity.pdbx_number_of_molecules 
_entity.pdbx_ec 
_entity.pdbx_mutation 
_entity.pdbx_fragment 
_entity.details 
1 polymer     man 'Putative uncharacterized protein FLJ10324' 18561.910 1 ? ? 'RA domain' ? 
2 non-polymer syn 'CHLORIDE ION'                              35.453    1 ? ? ?           ? 
3 non-polymer syn 'LEAD (II) ION'                             207.200   2 ? ? ?           ? 
4 non-polymer syn GLYCEROL                                    92.094    1 ? ? ?           ? 
5 water       nat water                                       18.015    9 ? ? ?           ? 
# 
_entity_poly.entity_id                      1 
_entity_poly.type                           'polypeptide(L)' 
_entity_poly.nstd_linkage                   no 
_entity_poly.nstd_monomer                   no 
_entity_poly.pdbx_seq_one_letter_code       
;MHHHHHHSSGVDLGTENLYFQSMDPAELSTQLSAPGVLKVFGDSVCTGTHYKSVLATGTSSARELVKEALERYALDPRQA
GQYVLCDVVGQAGDAGQRWQARCFRVFGDSEKPLLIQELWKPREGLSRRFELRKRSDVEELAAKEVDTITAGINAQARRL
QRSRAK
;
_entity_poly.pdbx_seq_one_letter_code_can   
;MHHHHHHSSGVDLGTENLYFQSMDPAELSTQLSAPGVLKVFGDSVCTGTHYKSVLATGTSSARELVKEALERYALDPRQA
GQYVLCDVVGQAGDAGQRWQARCFRVFGDSEKPLLIQELWKPREGLSRRFELRKRSDVEELAAKEVDTITAGINAQARRL
QRSRAK
;
_entity_poly.pdbx_strand_id                 A 
_entity_poly.pdbx_target_identifier         ? 
# 
loop_
_pdbx_entity_nonpoly.entity_id 
_pdbx_entity_nonpoly.name 
_pdbx_entity_nonpoly.comp_id 
2 'CHLORIDE ION'  CL  
3 'LEAD (II) ION' PB  
4 GLYCEROL        GOL 
5 water           HOH 
# 
loop_
_entity_poly_seq.entity_id 
_entity_poly_seq.num 
_entity_poly_seq.mon_id 
_entity_poly_seq.hetero 
1 1   MET n 
1 2   HIS n 
1 3   HIS n 
1 4   HIS n 
1 5   HIS n 
1 6   HIS n 
1 7   HIS n 
1 8   SER n 
1 9   SER n 
1 10  GLY n 
1 11  VAL n 
1 12  ASP n 
1 13  LEU n 
1 14  GLY n 
1 15  THR n 
1 16  GLU n 
1 17  ASN n 
1 18  LEU n 
1 19  TYR n 
1 20  PHE n 
1 21  GLN n 
1 22  SER n 
1 23  MET n 
1 24  ASP n 
1 25  PRO n 
1 26  ALA n 
1 27  GLU n 
1 28  LEU n 
1 29  SER n 
1 30  THR n 
1 31  GLN n 
1 32  LEU n 
1 33  SER n 
1 34  ALA n 
1 35  PRO n 
1 36  GLY n 
1 37  VAL n 
1 38  LEU n 
1 39  LYS n 
1 40  VAL n 
1 41  PHE n 
1 42  GLY n 
1 43  ASP n 
1 44  SER n 
1 45  VAL n 
1 46  CYS n 
1 47  THR n 
1 48  GLY n 
1 49  THR n 
1 50  HIS n 
1 51  TYR n 
1 52  LYS n 
1 53  SER n 
1 54  VAL n 
1 55  LEU n 
1 56  ALA n 
1 57  THR n 
1 58  GLY n 
1 59  THR n 
1 60  SER n 
1 61  SER n 
1 62  ALA n 
1 63  ARG n 
1 64  GLU n 
1 65  LEU n 
1 66  VAL n 
1 67  LYS n 
1 68  GLU n 
1 69  ALA n 
1 70  LEU n 
1 71  GLU n 
1 72  ARG n 
1 73  TYR n 
1 74  ALA n 
1 75  LEU n 
1 76  ASP n 
1 77  PRO n 
1 78  ARG n 
1 79  GLN n 
1 80  ALA n 
1 81  GLY n 
1 82  GLN n 
1 83  TYR n 
1 84  VAL n 
1 85  LEU n 
1 86  CYS n 
1 87  ASP n 
1 88  VAL n 
1 89  VAL n 
1 90  GLY n 
1 91  GLN n 
1 92  ALA n 
1 93  GLY n 
1 94  ASP n 
1 95  ALA n 
1 96  GLY n 
1 97  GLN n 
1 98  ARG n 
1 99  TRP n 
1 100 GLN n 
1 101 ALA n 
1 102 ARG n 
1 103 CYS n 
1 104 PHE n 
1 105 ARG n 
1 106 VAL n 
1 107 PHE n 
1 108 GLY n 
1 109 ASP n 
1 110 SER n 
1 111 GLU n 
1 112 LYS n 
1 113 PRO n 
1 114 LEU n 
1 115 LEU n 
1 116 ILE n 
1 117 GLN n 
1 118 GLU n 
1 119 LEU n 
1 120 TRP n 
1 121 LYS n 
1 122 PRO n 
1 123 ARG n 
1 124 GLU n 
1 125 GLY n 
1 126 LEU n 
1 127 SER n 
1 128 ARG n 
1 129 ARG n 
1 130 PHE n 
1 131 GLU n 
1 132 LEU n 
1 133 ARG n 
1 134 LYS n 
1 135 ARG n 
1 136 SER n 
1 137 ASP n 
1 138 VAL n 
1 139 GLU n 
1 140 GLU n 
1 141 LEU n 
1 142 ALA n 
1 143 ALA n 
1 144 LYS n 
1 145 GLU n 
1 146 VAL n 
1 147 ASP n 
1 148 THR n 
1 149 ILE n 
1 150 THR n 
1 151 ALA n 
1 152 GLY n 
1 153 ILE n 
1 154 ASN n 
1 155 ALA n 
1 156 GLN n 
1 157 ALA n 
1 158 ARG n 
1 159 ARG n 
1 160 LEU n 
1 161 GLN n 
1 162 ARG n 
1 163 SER n 
1 164 ARG n 
1 165 ALA n 
1 166 LYS n 
# 
_entity_src_gen.entity_id                          1 
_entity_src_gen.pdbx_src_id                        1 
_entity_src_gen.pdbx_alt_source_flag               sample 
_entity_src_gen.pdbx_seq_type                      ? 
_entity_src_gen.pdbx_beg_seq_num                   ? 
_entity_src_gen.pdbx_end_seq_num                   ? 
_entity_src_gen.gene_src_common_name               Human 
_entity_src_gen.gene_src_genus                     ? 
_entity_src_gen.pdbx_gene_src_gene                 ? 
_entity_src_gen.gene_src_species                   ? 
_entity_src_gen.gene_src_strain                    ? 
_entity_src_gen.gene_src_tissue                    ? 
_entity_src_gen.gene_src_tissue_fraction           ? 
_entity_src_gen.gene_src_details                   ? 
_entity_src_gen.pdbx_gene_src_fragment             ? 
_entity_src_gen.pdbx_gene_src_scientific_name      'Homo sapiens' 
_entity_src_gen.pdbx_gene_src_ncbi_taxonomy_id     9606 
_entity_src_gen.pdbx_gene_src_variant              ? 
_entity_src_gen.pdbx_gene_src_cell_line            ? 
_entity_src_gen.pdbx_gene_src_atcc                 ? 
_entity_src_gen.pdbx_gene_src_organ                ? 
_entity_src_gen.pdbx_gene_src_organelle            ? 
_entity_src_gen.pdbx_gene_src_cell                 ? 
_entity_src_gen.pdbx_gene_src_cellular_location    ? 
_entity_src_gen.host_org_common_name               ? 
_entity_src_gen.pdbx_host_org_scientific_name      'Escherichia coli' 
_entity_src_gen.pdbx_host_org_ncbi_taxonomy_id     562 
_entity_src_gen.host_org_genus                     ? 
_entity_src_gen.pdbx_host_org_gene                 ? 
_entity_src_gen.pdbx_host_org_organ                ? 
_entity_src_gen.host_org_species                   ? 
_entity_src_gen.pdbx_host_org_tissue               ? 
_entity_src_gen.pdbx_host_org_tissue_fraction      ? 
_entity_src_gen.pdbx_host_org_strain               'BL21(DE3) R3 pRARE' 
_entity_src_gen.pdbx_host_org_variant              ? 
_entity_src_gen.pdbx_host_org_cell_line            ? 
_entity_src_gen.pdbx_host_org_atcc                 ? 
_entity_src_gen.pdbx_host_org_culture_collection   ? 
_entity_src_gen.pdbx_host_org_cell                 ? 
_entity_src_gen.pdbx_host_org_organelle            ? 
_entity_src_gen.pdbx_host_org_cellular_location    ? 
_entity_src_gen.pdbx_host_org_vector_type          plasmid 
_entity_src_gen.pdbx_host_org_vector               ? 
_entity_src_gen.host_org_details                   ? 
_entity_src_gen.expression_system_id               ? 
_entity_src_gen.plasmid_name                       pNIC-Bsa4 
_entity_src_gen.plasmid_details                    ? 
_entity_src_gen.pdbx_description                   ? 
# 
loop_
_chem_comp.id 
_chem_comp.type 
_chem_comp.mon_nstd_flag 
_chem_comp.name 
_chem_comp.pdbx_synonyms 
_chem_comp.formula 
_chem_comp.formula_weight 
ALA 'L-peptide linking' y ALANINE         ?                               'C3 H7 N O2'     89.093  
ARG 'L-peptide linking' y ARGININE        ?                               'C6 H15 N4 O2 1' 175.209 
ASN 'L-peptide linking' y ASPARAGINE      ?                               'C4 H8 N2 O3'    132.118 
ASP 'L-peptide linking' y 'ASPARTIC ACID' ?                               'C4 H7 N O4'     133.103 
CL  non-polymer         . 'CHLORIDE ION'  ?                               'Cl -1'          35.453  
CYS 'L-peptide linking' y CYSTEINE        ?                               'C3 H7 N O2 S'   121.158 
GLN 'L-peptide linking' y GLUTAMINE       ?                               'C5 H10 N2 O3'   146.144 
GLU 'L-peptide linking' y 'GLUTAMIC ACID' ?                               'C5 H9 N O4'     147.129 
GLY 'peptide linking'   y GLYCINE         ?                               'C2 H5 N O2'     75.067  
GOL non-polymer         . GLYCEROL        'GLYCERIN; PROPANE-1,2,3-TRIOL' 'C3 H8 O3'       92.094  
HIS 'L-peptide linking' y HISTIDINE       ?                               'C6 H10 N3 O2 1' 156.162 
HOH non-polymer         . WATER           ?                               'H2 O'           18.015  
ILE 'L-peptide linking' y ISOLEUCINE      ?                               'C6 H13 N O2'    131.173 
LEU 'L-peptide linking' y LEUCINE         ?                               'C6 H13 N O2'    131.173 
LYS 'L-peptide linking' y LYSINE          ?                               'C6 H15 N2 O2 1' 147.195 
MET 'L-peptide linking' y METHIONINE      ?                               'C5 H11 N O2 S'  149.211 
PB  non-polymer         . 'LEAD (II) ION' ?                               'Pb 2'           207.200 
PHE 'L-peptide linking' y PHENYLALANINE   ?                               'C9 H11 N O2'    165.189 
PRO 'L-peptide linking' y PROLINE         ?                               'C5 H9 N O2'     115.130 
SER 'L-peptide linking' y SERINE          ?                               'C3 H7 N O3'     105.093 
THR 'L-peptide linking' y THREONINE       ?                               'C4 H9 N O3'     119.119 
TRP 'L-peptide linking' y TRYPTOPHAN      ?                               'C11 H12 N2 O2'  204.225 
TYR 'L-peptide linking' y TYROSINE        ?                               'C9 H11 N O3'    181.189 
VAL 'L-peptide linking' y VALINE          ?                               'C5 H11 N O2'    117.146 
# 
loop_
_pdbx_poly_seq_scheme.asym_id 
_pdbx_poly_seq_scheme.entity_id 
_pdbx_poly_seq_scheme.seq_id 
_pdbx_poly_seq_scheme.mon_id 
_pdbx_poly_seq_scheme.ndb_seq_num 
_pdbx_poly_seq_scheme.pdb_seq_num 
_pdbx_poly_seq_scheme.auth_seq_num 
_pdbx_poly_seq_scheme.pdb_mon_id 
_pdbx_poly_seq_scheme.auth_mon_id 
_pdbx_poly_seq_scheme.pdb_strand_id 
_pdbx_poly_seq_scheme.pdb_ins_code 
_pdbx_poly_seq_scheme.hetero 
A 1 1   MET 1   28  ?   ?   ?   A . n 
A 1 2   HIS 2   29  ?   ?   ?   A . n 
A 1 3   HIS 3   30  ?   ?   ?   A . n 
A 1 4   HIS 4   31  ?   ?   ?   A . n 
A 1 5   HIS 5   32  ?   ?   ?   A . n 
A 1 6   HIS 6   33  ?   ?   ?   A . n 
A 1 7   HIS 7   34  ?   ?   ?   A . n 
A 1 8   SER 8   35  ?   ?   ?   A . n 
A 1 9   SER 9   36  ?   ?   ?   A . n 
A 1 10  GLY 10  37  ?   ?   ?   A . n 
A 1 11  VAL 11  38  ?   ?   ?   A . n 
A 1 12  ASP 12  39  ?   ?   ?   A . n 
A 1 13  LEU 13  40  ?   ?   ?   A . n 
A 1 14  GLY 14  41  41  GLY GLY A . n 
A 1 15  THR 15  42  42  THR THR A . n 
A 1 16  GLU 16  43  43  GLU GLU A . n 
A 1 17  ASN 17  44  44  ASN ASN A . n 
A 1 18  LEU 18  45  45  LEU LEU A . n 
A 1 19  TYR 19  46  46  TYR TYR A . n 
A 1 20  PHE 20  47  47  PHE PHE A . n 
A 1 21  GLN 21  48  48  GLN GLN A . n 
A 1 22  SER 22  49  49  SER SER A . n 
A 1 23  MET 23  50  50  MET MET A . n 
A 1 24  ASP 24  51  51  ASP ASP A . n 
A 1 25  PRO 25  52  52  PRO PRO A . n 
A 1 26  ALA 26  53  53  ALA ALA A . n 
A 1 27  GLU 27  54  54  GLU GLU A . n 
A 1 28  LEU 28  55  55  LEU LEU A . n 
A 1 29  SER 29  56  56  SER SER A . n 
A 1 30  THR 30  57  57  THR THR A . n 
A 1 31  GLN 31  58  58  GLN GLN A . n 
A 1 32  LEU 32  59  59  LEU LEU A . n 
A 1 33  SER 33  60  60  SER SER A . n 
A 1 34  ALA 34  61  61  ALA ALA A . n 
A 1 35  PRO 35  62  62  PRO PRO A . n 
A 1 36  GLY 36  63  63  GLY GLY A . n 
A 1 37  VAL 37  64  64  VAL VAL A . n 
A 1 38  LEU 38  65  65  LEU LEU A . n 
A 1 39  LYS 39  66  66  LYS LYS A . n 
A 1 40  VAL 40  67  67  VAL VAL A . n 
A 1 41  PHE 41  68  68  PHE PHE A . n 
A 1 42  GLY 42  69  69  GLY GLY A . n 
A 1 43  ASP 43  70  70  ASP ASP A . n 
A 1 44  SER 44  71  71  SER SER A . n 
A 1 45  VAL 45  72  ?   ?   ?   A . n 
A 1 46  CYS 46  73  ?   ?   ?   A . n 
A 1 47  THR 47  74  74  THR THR A . n 
A 1 48  GLY 48  75  75  GLY GLY A . n 
A 1 49  THR 49  76  76  THR THR A . n 
A 1 50  HIS 50  77  77  HIS HIS A . n 
A 1 51  TYR 51  78  78  TYR TYR A . n 
A 1 52  LYS 52  79  79  LYS LYS A . n 
A 1 53  SER 53  80  80  SER SER A . n 
A 1 54  VAL 54  81  81  VAL VAL A . n 
A 1 55  LEU 55  82  82  LEU LEU A . n 
A 1 56  ALA 56  83  83  ALA ALA A . n 
A 1 57  THR 57  84  84  THR THR A . n 
A 1 58  GLY 58  85  85  GLY GLY A . n 
A 1 59  THR 59  86  86  THR THR A . n 
A 1 60  SER 60  87  87  SER SER A . n 
A 1 61  SER 61  88  88  SER SER A . n 
A 1 62  ALA 62  89  89  ALA ALA A . n 
A 1 63  ARG 63  90  90  ARG ARG A . n 
A 1 64  GLU 64  91  91  GLU GLU A . n 
A 1 65  LEU 65  92  92  LEU LEU A . n 
A 1 66  VAL 66  93  93  VAL VAL A . n 
A 1 67  LYS 67  94  94  LYS LYS A . n 
A 1 68  GLU 68  95  95  GLU GLU A . n 
A 1 69  ALA 69  96  96  ALA ALA A . n 
A 1 70  LEU 70  97  97  LEU LEU A . n 
A 1 71  GLU 71  98  98  GLU GLU A . n 
A 1 72  ARG 72  99  99  ARG ARG A . n 
A 1 73  TYR 73  100 100 TYR TYR A . n 
A 1 74  ALA 74  101 101 ALA ALA A . n 
A 1 75  LEU 75  102 102 LEU LEU A . n 
A 1 76  ASP 76  103 103 ASP ASP A . n 
A 1 77  PRO 77  104 104 PRO PRO A . n 
A 1 78  ARG 78  105 105 ARG ARG A . n 
A 1 79  GLN 79  106 106 GLN GLN A . n 
A 1 80  ALA 80  107 107 ALA ALA A . n 
A 1 81  GLY 81  108 108 GLY GLY A . n 
A 1 82  GLN 82  109 109 GLN GLN A . n 
A 1 83  TYR 83  110 110 TYR TYR A . n 
A 1 84  VAL 84  111 111 VAL VAL A . n 
A 1 85  LEU 85  112 112 LEU LEU A . n 
A 1 86  CYS 86  113 113 CYS CYS A . n 
A 1 87  ASP 87  114 114 ASP ASP A . n 
A 1 88  VAL 88  115 115 VAL VAL A . n 
A 1 89  VAL 89  116 116 VAL VAL A . n 
A 1 90  GLY 90  117 117 GLY GLY A . n 
A 1 91  GLN 91  118 ?   ?   ?   A . n 
A 1 92  ALA 92  119 ?   ?   ?   A . n 
A 1 93  GLY 93  120 ?   ?   ?   A . n 
A 1 94  ASP 94  121 ?   ?   ?   A . n 
A 1 95  ALA 95  122 ?   ?   ?   A . n 
A 1 96  GLY 96  123 ?   ?   ?   A . n 
A 1 97  GLN 97  124 ?   ?   ?   A . n 
A 1 98  ARG 98  125 ?   ?   ?   A . n 
A 1 99  TRP 99  126 126 TRP TRP A . n 
A 1 100 GLN 100 127 127 GLN GLN A . n 
A 1 101 ALA 101 128 128 ALA ALA A . n 
A 1 102 ARG 102 129 129 ARG ARG A . n 
A 1 103 CYS 103 130 130 CYS CYS A . n 
A 1 104 PHE 104 131 131 PHE PHE A . n 
A 1 105 ARG 105 132 132 ARG ARG A . n 
A 1 106 VAL 106 133 133 VAL VAL A . n 
A 1 107 PHE 107 134 134 PHE PHE A . n 
A 1 108 GLY 108 135 135 GLY GLY A . n 
A 1 109 ASP 109 136 136 ASP ASP A . n 
A 1 110 SER 110 137 137 SER SER A . n 
A 1 111 GLU 111 138 138 GLU GLU A . n 
A 1 112 LYS 112 139 139 LYS LYS A . n 
A 1 113 PRO 113 140 140 PRO PRO A . n 
A 1 114 LEU 114 141 141 LEU LEU A . n 
A 1 115 LEU 115 142 142 LEU LEU A . n 
A 1 116 ILE 116 143 143 ILE ILE A . n 
A 1 117 GLN 117 144 144 GLN GLN A . n 
A 1 118 GLU 118 145 145 GLU GLU A . n 
A 1 119 LEU 119 146 146 LEU LEU A . n 
A 1 120 TRP 120 147 147 TRP TRP A . n 
A 1 121 LYS 121 148 148 LYS LYS A . n 
A 1 122 PRO 122 149 149 PRO PRO A . n 
A 1 123 ARG 123 150 150 ARG ARG A . n 
A 1 124 GLU 124 151 151 GLU GLU A . n 
A 1 125 GLY 125 152 152 GLY GLY A . n 
A 1 126 LEU 126 153 153 LEU LEU A . n 
A 1 127 SER 127 154 154 SER SER A . n 
A 1 128 ARG 128 155 155 ARG ARG A . n 
A 1 129 ARG 129 156 156 ARG ARG A . n 
A 1 130 PHE 130 157 157 PHE PHE A . n 
A 1 131 GLU 131 158 158 GLU GLU A . n 
A 1 132 LEU 132 159 159 LEU LEU A . n 
A 1 133 ARG 133 160 160 ARG ARG A . n 
A 1 134 LYS 134 161 161 LYS LYS A . n 
A 1 135 ARG 135 162 162 ARG ARG A . n 
A 1 136 SER 136 163 163 SER SER A . n 
A 1 137 ASP 137 164 164 ASP ASP A . n 
A 1 138 VAL 138 165 165 VAL VAL A . n 
A 1 139 GLU 139 166 166 GLU GLU A . n 
A 1 140 GLU 140 167 167 GLU GLU A . n 
A 1 141 LEU 141 168 168 LEU LEU A . n 
A 1 142 ALA 142 169 169 ALA ALA A . n 
A 1 143 ALA 143 170 170 ALA ALA A . n 
A 1 144 LYS 144 171 171 LYS LYS A . n 
A 1 145 GLU 145 172 172 GLU GLU A . n 
A 1 146 VAL 146 173 173 VAL VAL A . n 
A 1 147 ASP 147 174 174 ASP ASP A . n 
A 1 148 THR 148 175 175 THR THR A . n 
A 1 149 ILE 149 176 176 ILE ILE A . n 
A 1 150 THR 150 177 177 THR THR A . n 
A 1 151 ALA 151 178 178 ALA ALA A . n 
A 1 152 GLY 152 179 179 GLY GLY A . n 
A 1 153 ILE 153 180 180 ILE ILE A . n 
A 1 154 ASN 154 181 181 ASN ASN A . n 
A 1 155 ALA 155 182 182 ALA ALA A . n 
A 1 156 GLN 156 183 183 GLN GLN A . n 
A 1 157 ALA 157 184 184 ALA ALA A . n 
A 1 158 ARG 158 185 185 ARG ARG A . n 
A 1 159 ARG 159 186 186 ARG ARG A . n 
A 1 160 LEU 160 187 187 LEU LEU A . n 
A 1 161 GLN 161 188 188 GLN GLN A . n 
A 1 162 ARG 162 189 189 ARG ARG A . n 
A 1 163 SER 163 190 ?   ?   ?   A . n 
A 1 164 ARG 164 191 ?   ?   ?   A . n 
A 1 165 ALA 165 192 ?   ?   ?   A . n 
A 1 166 LYS 166 193 ?   ?   ?   A . n 
# 
loop_
_pdbx_nonpoly_scheme.asym_id 
_pdbx_nonpoly_scheme.entity_id 
_pdbx_nonpoly_scheme.mon_id 
_pdbx_nonpoly_scheme.ndb_seq_num 
_pdbx_nonpoly_scheme.pdb_seq_num 
_pdbx_nonpoly_scheme.auth_seq_num 
_pdbx_nonpoly_scheme.pdb_mon_id 
_pdbx_nonpoly_scheme.auth_mon_id 
_pdbx_nonpoly_scheme.pdb_strand_id 
_pdbx_nonpoly_scheme.pdb_ins_code 
B 2 CL  1 1   1  CL  CL  A . 
C 3 PB  1 194 1  PB  PB  A . 
D 3 PB  1 2   2  PB  PB  A . 
E 4 GOL 1 195 1  GOL GOL A . 
F 5 HOH 1 196 1  HOH HOH A . 
F 5 HOH 2 197 2  HOH HOH A . 
F 5 HOH 3 198 3  HOH HOH A . 
F 5 HOH 4 199 5  HOH HOH A . 
F 5 HOH 5 200 6  HOH HOH A . 
F 5 HOH 6 201 7  HOH HOH A . 
F 5 HOH 7 202 8  HOH HOH A . 
F 5 HOH 8 203 10 HOH HOH A . 
F 5 HOH 9 204 11 HOH HOH A . 
# 
loop_
_pdbx_unobs_or_zero_occ_atoms.id 
_pdbx_unobs_or_zero_occ_atoms.PDB_model_num 
_pdbx_unobs_or_zero_occ_atoms.polymer_flag 
_pdbx_unobs_or_zero_occ_atoms.occupancy_flag 
_pdbx_unobs_or_zero_occ_atoms.auth_asym_id 
_pdbx_unobs_or_zero_occ_atoms.auth_comp_id 
_pdbx_unobs_or_zero_occ_atoms.auth_seq_id 
_pdbx_unobs_or_zero_occ_atoms.PDB_ins_code 
_pdbx_unobs_or_zero_occ_atoms.auth_atom_id 
_pdbx_unobs_or_zero_occ_atoms.label_alt_id 
_pdbx_unobs_or_zero_occ_atoms.label_asym_id 
_pdbx_unobs_or_zero_occ_atoms.label_comp_id 
_pdbx_unobs_or_zero_occ_atoms.label_seq_id 
_pdbx_unobs_or_zero_occ_atoms.label_atom_id 
1  1 Y 1 A THR 42  ? OG1 ? A THR 15  OG1 
2  1 Y 1 A THR 42  ? CG2 ? A THR 15  CG2 
3  1 Y 1 A THR 74  ? OG1 ? A THR 47  OG1 
4  1 Y 1 A THR 74  ? CG2 ? A THR 47  CG2 
5  1 Y 1 A GLN 127 ? CG  ? A GLN 100 CG  
6  1 Y 1 A GLN 127 ? CD  ? A GLN 100 CD  
7  1 Y 1 A GLN 127 ? OE1 ? A GLN 100 OE1 
8  1 Y 1 A GLN 127 ? NE2 ? A GLN 100 NE2 
9  1 Y 1 A ARG 150 ? CD  ? A ARG 123 CD  
10 1 Y 1 A ARG 150 ? NE  ? A ARG 123 NE  
11 1 Y 1 A ARG 150 ? CZ  ? A ARG 123 CZ  
12 1 Y 1 A ARG 150 ? NH1 ? A ARG 123 NH1 
13 1 Y 1 A ARG 150 ? NH2 ? A ARG 123 NH2 
14 1 Y 1 A ARG 186 ? NE  ? A ARG 159 NE  
15 1 Y 1 A ARG 186 ? CZ  ? A ARG 159 CZ  
16 1 Y 1 A ARG 186 ? NH1 ? A ARG 159 NH1 
17 1 Y 1 A ARG 186 ? NH2 ? A ARG 159 NH2 
# 
loop_
_software.name 
_software.classification 
_software.version 
_software.citation_id 
_software.pdbx_ordinal 
XDS       'data scaling'   .        ? 1 
autoSHARP phasing          .        ? 2 
REFMAC    refinement       5.5.0035 ? 3 
XDS       'data reduction' .        ? 4 
XSCALE    'data scaling'   .        ? 5 
# 
_cell.entry_id           3EC8 
_cell.length_a           46.080 
_cell.length_b           46.080 
_cell.length_c           135.610 
_cell.angle_alpha        90.00 
_cell.angle_beta         90.00 
_cell.angle_gamma        120.00 
_cell.Z_PDB              6 
_cell.pdbx_unique_axis   ? 
_cell.length_a_esd       ? 
_cell.length_b_esd       ? 
_cell.length_c_esd       ? 
_cell.angle_alpha_esd    ? 
_cell.angle_beta_esd     ? 
_cell.angle_gamma_esd    ? 
# 
_symmetry.entry_id                         3EC8 
_symmetry.space_group_name_H-M             'P 31 1 2' 
_symmetry.pdbx_full_space_group_name_H-M   ? 
_symmetry.cell_setting                     ? 
_symmetry.Int_Tables_number                151 
_symmetry.space_group_name_Hall            ? 
# 
_exptl.entry_id          3EC8 
_exptl.method            'X-RAY DIFFRACTION' 
_exptl.crystals_number   3 
# 
_exptl_crystal.id                    1 
_exptl_crystal.density_meas          ? 
_exptl_crystal.density_Matthews      2.24 
_exptl_crystal.density_percent_sol   45.07 
_exptl_crystal.description           ? 
_exptl_crystal.F_000                 ? 
_exptl_crystal.preparation           ? 
# 
_exptl_crystal_grow.crystal_id      1 
_exptl_crystal_grow.method          'VAPOR DIFFUSION, SITTING DROP' 
_exptl_crystal_grow.temp            277.0 
_exptl_crystal_grow.temp_details    ? 
_exptl_crystal_grow.pH              8.5 
_exptl_crystal_grow.pdbx_details    
'0.4M Ammonium dihydrogen phosphate, 0.1M TRIS pH 8.5, 35 %(v/v) MPD , VAPOR DIFFUSION, SITTING DROP, temperature 277.0K' 
_exptl_crystal_grow.pdbx_pH_range   . 
# 
_diffrn.id                     1 
_diffrn.ambient_temp           100 
_diffrn.ambient_temp_details   ? 
_diffrn.crystal_id             1 
# 
_diffrn_detector.diffrn_id              1 
_diffrn_detector.detector               CCD 
_diffrn_detector.type                   'MAR CCD 165 mm' 
_diffrn_detector.pdbx_collection_date   2008-05-27 
_diffrn_detector.details                'Double crystal monochromator with 2 sets of mirrors' 
# 
_diffrn_radiation.diffrn_id                        1 
_diffrn_radiation.wavelength_id                    1 
_diffrn_radiation.pdbx_monochromatic_or_laue_m_l   M 
_diffrn_radiation.monochromator                    'Double crystal Si(111)' 
_diffrn_radiation.pdbx_diffrn_protocol             'SINGLE WAVELENGTH' 
_diffrn_radiation.pdbx_scattering_type             x-ray 
# 
loop_
_diffrn_radiation_wavelength.id 
_diffrn_radiation_wavelength.wavelength 
_diffrn_radiation_wavelength.wt 
1 1.00849 1.0 
2 0.91841 1.0 
3 0.97968 1.0 
# 
_diffrn_source.diffrn_id                   1 
_diffrn_source.source                      SYNCHROTRON 
_diffrn_source.type                        'BESSY BEAMLINE 14.2' 
_diffrn_source.pdbx_synchrotron_site       BESSY 
_diffrn_source.pdbx_synchrotron_beamline   14.2 
_diffrn_source.pdbx_wavelength             ? 
_diffrn_source.pdbx_wavelength_list        '1.00849, 0.91841, 0.97968' 
# 
_reflns.entry_id                     3EC8 
_reflns.observed_criterion_sigma_I   ? 
_reflns.observed_criterion_sigma_F   ? 
_reflns.d_resolution_low             19.74 
_reflns.d_resolution_high            2.6 
_reflns.number_obs                   9816 
_reflns.number_all                   ? 
_reflns.percent_possible_obs         99.23 
_reflns.pdbx_Rmerge_I_obs            ? 
_reflns.pdbx_Rsym_value              ? 
_reflns.pdbx_netI_over_sigmaI        ? 
_reflns.B_iso_Wilson_estimate        ? 
_reflns.pdbx_redundancy              ? 
_reflns.R_free_details               ? 
_reflns.limit_h_max                  ? 
_reflns.limit_h_min                  ? 
_reflns.limit_k_max                  ? 
_reflns.limit_k_min                  ? 
_reflns.limit_l_max                  ? 
_reflns.limit_l_min                  ? 
_reflns.observed_criterion_F_max     ? 
_reflns.observed_criterion_F_min     ? 
_reflns.pdbx_chi_squared             ? 
_reflns.pdbx_scaling_rejects         ? 
_reflns.pdbx_ordinal                 1 
_reflns.pdbx_diffrn_id               1 
# 
_refine.entry_id                                 3EC8 
_refine.ls_number_reflns_obs                     4715 
_refine.ls_number_reflns_all                     ? 
_refine.pdbx_ls_sigma_I                          ? 
_refine.pdbx_ls_sigma_F                          ? 
_refine.pdbx_data_cutoff_high_absF               ? 
_refine.pdbx_data_cutoff_low_absF                ? 
_refine.pdbx_data_cutoff_high_rms_absF           ? 
_refine.ls_d_res_low                             11.63 
_refine.ls_d_res_high                            2.60 
_refine.ls_percent_reflns_obs                    100.00 
_refine.ls_R_factor_obs                          0.23149 
_refine.ls_R_factor_all                          ? 
_refine.ls_R_factor_R_work                       0.22720 
_refine.ls_R_factor_R_free                       0.27009 
_refine.ls_R_factor_R_free_error                 ? 
_refine.ls_R_factor_R_free_error_details         ? 
_refine.ls_percent_reflns_R_free                 10.0 
_refine.ls_number_reflns_R_free                  524 
_refine.ls_number_parameters                     ? 
_refine.ls_number_restraints                     ? 
_refine.occupancy_min                            ? 
_refine.occupancy_max                            ? 
_refine.correlation_coeff_Fo_to_Fc               0.938 
_refine.correlation_coeff_Fo_to_Fc_free          0.913 
_refine.B_iso_mean                               32.731 
_refine.aniso_B[1][1]                            0.22 
_refine.aniso_B[2][2]                            0.22 
_refine.aniso_B[3][3]                            -0.33 
_refine.aniso_B[1][2]                            0.11 
_refine.aniso_B[1][3]                            0.00 
_refine.aniso_B[2][3]                            0.00 
_refine.solvent_model_details                    MASK 
_refine.solvent_model_param_ksol                 ? 
_refine.solvent_model_param_bsol                 ? 
_refine.pdbx_solvent_vdw_probe_radii             1.20 
_refine.pdbx_solvent_ion_probe_radii             0.80 
_refine.pdbx_solvent_shrinkage_radii             0.80 
_refine.pdbx_ls_cross_valid_method               THROUGHOUT 
_refine.details                                  'HYDROGENS HAVE BEEN ADDED IN THE RIDING POSITIONS' 
_refine.pdbx_starting_model                      ? 
_refine.pdbx_method_to_determine_struct          MIRAS 
_refine.pdbx_isotropic_thermal_model             ? 
_refine.pdbx_stereochemistry_target_values       'MAXIMUM LIKELIHOOD' 
_refine.pdbx_stereochem_target_val_spec_case     ? 
_refine.pdbx_R_Free_selection_details            RANDOM 
_refine.pdbx_overall_ESU_R                       1.143 
_refine.pdbx_overall_ESU_R_Free                  0.351 
_refine.overall_SU_ML                            0.259 
_refine.overall_SU_B                             26.771 
_refine.ls_redundancy_reflns_obs                 ? 
_refine.B_iso_min                                ? 
_refine.B_iso_max                                ? 
_refine.overall_SU_R_Cruickshank_DPI             ? 
_refine.overall_SU_R_free                        ? 
_refine.ls_wR_factor_R_free                      ? 
_refine.ls_wR_factor_R_work                      ? 
_refine.overall_FOM_free_R_set                   ? 
_refine.overall_FOM_work_R_set                   ? 
_refine.pdbx_overall_phase_error                 ? 
_refine.pdbx_refine_id                           'X-RAY DIFFRACTION' 
_refine.pdbx_TLS_residual_ADP_flag               'LIKELY RESIDUAL' 
_refine.pdbx_diffrn_id                           1 
_refine.pdbx_overall_SU_R_free_Cruickshank_DPI   ? 
_refine.pdbx_overall_SU_R_Blow_DPI               ? 
_refine.pdbx_overall_SU_R_free_Blow_DPI          ? 
# 
_refine_hist.pdbx_refine_id                   'X-RAY DIFFRACTION' 
_refine_hist.cycle_id                         LAST 
_refine_hist.pdbx_number_atoms_protein        1080 
_refine_hist.pdbx_number_atoms_nucleic_acid   0 
_refine_hist.pdbx_number_atoms_ligand         9 
_refine_hist.number_atoms_solvent             9 
_refine_hist.number_atoms_total               1098 
_refine_hist.d_res_high                       2.60 
_refine_hist.d_res_low                        11.63 
# 
loop_
_refine_ls_restr.type 
_refine_ls_restr.dev_ideal 
_refine_ls_restr.dev_ideal_target 
_refine_ls_restr.weight 
_refine_ls_restr.number 
_refine_ls_restr.pdbx_refine_id 
_refine_ls_restr.pdbx_restraint_function 
r_bond_refined_d       0.009  0.022  ? 1101 'X-RAY DIFFRACTION' ? 
r_bond_other_d         0.001  0.020  ? 775  'X-RAY DIFFRACTION' ? 
r_angle_refined_deg    1.107  1.977  ? 1481 'X-RAY DIFFRACTION' ? 
r_angle_other_deg      0.824  3.000  ? 1873 'X-RAY DIFFRACTION' ? 
r_dihedral_angle_1_deg 6.261  5.000  ? 136  'X-RAY DIFFRACTION' ? 
r_dihedral_angle_2_deg 33.012 23.333 ? 51   'X-RAY DIFFRACTION' ? 
r_dihedral_angle_3_deg 18.243 15.000 ? 192  'X-RAY DIFFRACTION' ? 
r_dihedral_angle_4_deg 14.092 15.000 ? 11   'X-RAY DIFFRACTION' ? 
r_chiral_restr         0.068  0.200  ? 164  'X-RAY DIFFRACTION' ? 
r_gen_planes_refined   0.005  0.020  ? 1217 'X-RAY DIFFRACTION' ? 
r_gen_planes_other     0.001  0.020  ? 228  'X-RAY DIFFRACTION' ? 
r_mcbond_it            0.446  1.500  ? 687  'X-RAY DIFFRACTION' ? 
r_mcbond_other         0.062  1.500  ? 282  'X-RAY DIFFRACTION' ? 
r_mcangle_it           0.842  2.000  ? 1091 'X-RAY DIFFRACTION' ? 
r_scbond_it            1.040  3.000  ? 414  'X-RAY DIFFRACTION' ? 
r_scangle_it           1.843  4.500  ? 390  'X-RAY DIFFRACTION' ? 
# 
_refine_ls_shell.pdbx_total_number_of_bins_used   20 
_refine_ls_shell.d_res_high                       2.600 
_refine_ls_shell.d_res_low                        2.666 
_refine_ls_shell.number_reflns_R_work             333 
_refine_ls_shell.R_factor_R_work                  0.304 
_refine_ls_shell.percent_reflns_obs               100.00 
_refine_ls_shell.R_factor_R_free                  0.344 
_refine_ls_shell.R_factor_R_free_error            ? 
_refine_ls_shell.percent_reflns_R_free            ? 
_refine_ls_shell.number_reflns_R_free             37 
_refine_ls_shell.number_reflns_all                ? 
_refine_ls_shell.R_factor_all                     ? 
_refine_ls_shell.number_reflns_obs                ? 
_refine_ls_shell.redundancy_reflns_obs            ? 
_refine_ls_shell.pdbx_refine_id                   'X-RAY DIFFRACTION' 
# 
_struct.entry_id                  3EC8 
_struct.title                     'The crystal structure of the RA domain of FLJ10324 (RADIL)' 
_struct.pdbx_model_details        ? 
_struct.pdbx_CASP_flag            ? 
_struct.pdbx_model_type_details   ? 
# 
_struct_keywords.entry_id        3EC8 
_struct_keywords.pdbx_keywords   'CELL ADHESION' 
_struct_keywords.text            'beta barrel, helix, Structural Genomics, Structural Genomics Consortium, SGC, CELL ADHESION' 
# 
loop_
_struct_asym.id 
_struct_asym.pdbx_blank_PDB_chainid_flag 
_struct_asym.pdbx_modified 
_struct_asym.entity_id 
_struct_asym.details 
A N N 1 ? 
B N N 2 ? 
C N N 3 ? 
D N N 3 ? 
E N N 4 ? 
F N N 5 ? 
# 
_struct_ref.id                         1 
_struct_ref.db_name                    UNP 
_struct_ref.db_code                    A4D1Z5_HUMAN 
_struct_ref.pdbx_db_accession          A4D1Z5 
_struct_ref.entity_id                  1 
_struct_ref.pdbx_seq_one_letter_code   
;DPAELSTQLSAPGVLKVFGDSVCTGTHYKSVLATGTSSARELVKEALERYALDPRQAGQYVLCDVVGQAGDAGQRWQARC
FRVFGDSEKPLLIQELWKPREGLSRRFELRKRSDVEELAAKEVDTITAGINAQARRLQRSRAK
;
_struct_ref.pdbx_align_begin           51 
_struct_ref.pdbx_db_isoform            ? 
# 
_struct_ref_seq.align_id                      1 
_struct_ref_seq.ref_id                        1 
_struct_ref_seq.pdbx_PDB_id_code              3EC8 
_struct_ref_seq.pdbx_strand_id                A 
_struct_ref_seq.seq_align_beg                 24 
_struct_ref_seq.pdbx_seq_align_beg_ins_code   ? 
_struct_ref_seq.seq_align_end                 166 
_struct_ref_seq.pdbx_seq_align_end_ins_code   ? 
_struct_ref_seq.pdbx_db_accession             A4D1Z5 
_struct_ref_seq.db_align_beg                  51 
_struct_ref_seq.pdbx_db_align_beg_ins_code    ? 
_struct_ref_seq.db_align_end                  193 
_struct_ref_seq.pdbx_db_align_end_ins_code    ? 
_struct_ref_seq.pdbx_auth_seq_align_beg       51 
_struct_ref_seq.pdbx_auth_seq_align_end       193 
# 
loop_
_struct_ref_seq_dif.align_id 
_struct_ref_seq_dif.pdbx_pdb_id_code 
_struct_ref_seq_dif.mon_id 
_struct_ref_seq_dif.pdbx_pdb_strand_id 
_struct_ref_seq_dif.seq_num 
_struct_ref_seq_dif.pdbx_pdb_ins_code 
_struct_ref_seq_dif.pdbx_seq_db_name 
_struct_ref_seq_dif.pdbx_seq_db_accession_code 
_struct_ref_seq_dif.db_mon_id 
_struct_ref_seq_dif.pdbx_seq_db_seq_num 
_struct_ref_seq_dif.details 
_struct_ref_seq_dif.pdbx_auth_seq_num 
_struct_ref_seq_dif.pdbx_ordinal 
1 3EC8 MET A 1  ? UNP A4D1Z5 ? ? 'expression tag' 28 1  
1 3EC8 HIS A 2  ? UNP A4D1Z5 ? ? 'expression tag' 29 2  
1 3EC8 HIS A 3  ? UNP A4D1Z5 ? ? 'expression tag' 30 3  
1 3EC8 HIS A 4  ? UNP A4D1Z5 ? ? 'expression tag' 31 4  
1 3EC8 HIS A 5  ? UNP A4D1Z5 ? ? 'expression tag' 32 5  
1 3EC8 HIS A 6  ? UNP A4D1Z5 ? ? 'expression tag' 33 6  
1 3EC8 HIS A 7  ? UNP A4D1Z5 ? ? 'expression tag' 34 7  
1 3EC8 SER A 8  ? UNP A4D1Z5 ? ? 'expression tag' 35 8  
1 3EC8 SER A 9  ? UNP A4D1Z5 ? ? 'expression tag' 36 9  
1 3EC8 GLY A 10 ? UNP A4D1Z5 ? ? 'expression tag' 37 10 
1 3EC8 VAL A 11 ? UNP A4D1Z5 ? ? 'expression tag' 38 11 
1 3EC8 ASP A 12 ? UNP A4D1Z5 ? ? 'expression tag' 39 12 
1 3EC8 LEU A 13 ? UNP A4D1Z5 ? ? 'expression tag' 40 13 
1 3EC8 GLY A 14 ? UNP A4D1Z5 ? ? 'expression tag' 41 14 
1 3EC8 THR A 15 ? UNP A4D1Z5 ? ? 'expression tag' 42 15 
1 3EC8 GLU A 16 ? UNP A4D1Z5 ? ? 'expression tag' 43 16 
1 3EC8 ASN A 17 ? UNP A4D1Z5 ? ? 'expression tag' 44 17 
1 3EC8 LEU A 18 ? UNP A4D1Z5 ? ? 'expression tag' 45 18 
1 3EC8 TYR A 19 ? UNP A4D1Z5 ? ? 'expression tag' 46 19 
1 3EC8 PHE A 20 ? UNP A4D1Z5 ? ? 'expression tag' 47 20 
1 3EC8 GLN A 21 ? UNP A4D1Z5 ? ? 'expression tag' 48 21 
1 3EC8 SER A 22 ? UNP A4D1Z5 ? ? 'expression tag' 49 22 
1 3EC8 MET A 23 ? UNP A4D1Z5 ? ? 'expression tag' 50 23 
# 
loop_
_pdbx_struct_assembly.id 
_pdbx_struct_assembly.details 
_pdbx_struct_assembly.method_details 
_pdbx_struct_assembly.oligomeric_details 
_pdbx_struct_assembly.oligomeric_count 
1 author_defined_assembly   ?    monomeric 1 
2 software_defined_assembly PISA dimeric   2 
# 
loop_
_pdbx_struct_assembly_prop.biol_id 
_pdbx_struct_assembly_prop.type 
_pdbx_struct_assembly_prop.value 
_pdbx_struct_assembly_prop.details 
2 'ABSA (A^2)' 4910  ? 
2 MORE         -25   ? 
2 'SSA (A^2)'  15010 ? 
# 
loop_
_pdbx_struct_assembly_gen.assembly_id 
_pdbx_struct_assembly_gen.oper_expression 
_pdbx_struct_assembly_gen.asym_id_list 
1 1   A,B,C,D,E,F 
2 1,2 A,B,C,D,E,F 
# 
loop_
_pdbx_struct_oper_list.id 
_pdbx_struct_oper_list.type 
_pdbx_struct_oper_list.name 
_pdbx_struct_oper_list.symmetry_operation 
_pdbx_struct_oper_list.matrix[1][1] 
_pdbx_struct_oper_list.matrix[1][2] 
_pdbx_struct_oper_list.matrix[1][3] 
_pdbx_struct_oper_list.vector[1] 
_pdbx_struct_oper_list.matrix[2][1] 
_pdbx_struct_oper_list.matrix[2][2] 
_pdbx_struct_oper_list.matrix[2][3] 
_pdbx_struct_oper_list.vector[2] 
_pdbx_struct_oper_list.matrix[3][1] 
_pdbx_struct_oper_list.matrix[3][2] 
_pdbx_struct_oper_list.matrix[3][3] 
_pdbx_struct_oper_list.vector[3] 
1 'identity operation'         1_555 x,y,z        1.0000000000  0.0000000000 0.0000000000 0.0000000000  0.0000000000 1.0000000000  0.0000000000 0.0000000000   0.0000000000 0.0000000000 1.0000000000 0.0000000000  
2 'crystal symmetry operation' 4_554 -y,-x,-z-1/3 -0.5409895370 0.3657395767 0.7573406650 -8.5224410859 0.3657395767 -0.7085786736 0.6034491075 -12.2662703103 0.7573406650 0.6034491075 0.2495682106 11.0889993475 
# 
_struct_biol.id        1 
_struct_biol.details   ? 
# 
loop_
_struct_conf.conf_type_id 
_struct_conf.id 
_struct_conf.pdbx_PDB_helix_id 
_struct_conf.beg_label_comp_id 
_struct_conf.beg_label_asym_id 
_struct_conf.beg_label_seq_id 
_struct_conf.pdbx_beg_PDB_ins_code 
_struct_conf.end_label_comp_id 
_struct_conf.end_label_asym_id 
_struct_conf.end_label_seq_id 
_struct_conf.pdbx_end_PDB_ins_code 
_struct_conf.beg_auth_comp_id 
_struct_conf.beg_auth_asym_id 
_struct_conf.beg_auth_seq_id 
_struct_conf.end_auth_comp_id 
_struct_conf.end_auth_asym_id 
_struct_conf.end_auth_seq_id 
_struct_conf.pdbx_PDB_helix_class 
_struct_conf.details 
_struct_conf.pdbx_PDB_helix_length 
HELX_P HELX_P1 1 ASP A 24  ? ALA A 34  ? ASP A 51  ALA A 61  1 ? 11 
HELX_P HELX_P2 2 SER A 61  ? TYR A 73  ? SER A 88  TYR A 100 1 ? 13 
HELX_P HELX_P3 3 ASP A 76  ? GLY A 81  ? ASP A 103 GLY A 108 5 ? 6  
HELX_P HELX_P4 4 LYS A 112 ? TRP A 120 ? LYS A 139 TRP A 147 1 ? 9  
HELX_P HELX_P5 5 ARG A 135 ? ARG A 162 ? ARG A 162 ARG A 189 1 ? 28 
# 
_struct_conf_type.id          HELX_P 
_struct_conf_type.criteria    ? 
_struct_conf_type.reference   ? 
# 
_struct_sheet.id               A 
_struct_sheet.type             ? 
_struct_sheet.number_strands   5 
_struct_sheet.details          ? 
# 
loop_
_struct_sheet_order.sheet_id 
_struct_sheet_order.range_id_1 
_struct_sheet_order.range_id_2 
_struct_sheet_order.offset 
_struct_sheet_order.sense 
A 1 2 ? anti-parallel 
A 2 3 ? parallel      
A 3 4 ? anti-parallel 
A 4 5 ? anti-parallel 
# 
loop_
_struct_sheet_range.sheet_id 
_struct_sheet_range.id 
_struct_sheet_range.beg_label_comp_id 
_struct_sheet_range.beg_label_asym_id 
_struct_sheet_range.beg_label_seq_id 
_struct_sheet_range.pdbx_beg_PDB_ins_code 
_struct_sheet_range.end_label_comp_id 
_struct_sheet_range.end_label_asym_id 
_struct_sheet_range.end_label_seq_id 
_struct_sheet_range.pdbx_end_PDB_ins_code 
_struct_sheet_range.beg_auth_comp_id 
_struct_sheet_range.beg_auth_asym_id 
_struct_sheet_range.beg_auth_seq_id 
_struct_sheet_range.end_auth_comp_id 
_struct_sheet_range.end_auth_asym_id 
_struct_sheet_range.end_auth_seq_id 
A 1 LYS A 52  ? THR A 57  ? LYS A 79  THR A 84  
A 2 PRO A 35  ? PHE A 41  ? PRO A 62  PHE A 68  
A 3 SER A 127 ? LYS A 134 ? SER A 154 LYS A 161 
A 4 TYR A 83  ? GLY A 90  ? TYR A 110 GLY A 117 
A 5 CYS A 103 ? VAL A 106 ? CYS A 130 VAL A 133 
# 
loop_
_pdbx_struct_sheet_hbond.sheet_id 
_pdbx_struct_sheet_hbond.range_id_1 
_pdbx_struct_sheet_hbond.range_id_2 
_pdbx_struct_sheet_hbond.range_1_label_atom_id 
_pdbx_struct_sheet_hbond.range_1_label_comp_id 
_pdbx_struct_sheet_hbond.range_1_label_asym_id 
_pdbx_struct_sheet_hbond.range_1_label_seq_id 
_pdbx_struct_sheet_hbond.range_1_PDB_ins_code 
_pdbx_struct_sheet_hbond.range_1_auth_atom_id 
_pdbx_struct_sheet_hbond.range_1_auth_comp_id 
_pdbx_struct_sheet_hbond.range_1_auth_asym_id 
_pdbx_struct_sheet_hbond.range_1_auth_seq_id 
_pdbx_struct_sheet_hbond.range_2_label_atom_id 
_pdbx_struct_sheet_hbond.range_2_label_comp_id 
_pdbx_struct_sheet_hbond.range_2_label_asym_id 
_pdbx_struct_sheet_hbond.range_2_label_seq_id 
_pdbx_struct_sheet_hbond.range_2_PDB_ins_code 
_pdbx_struct_sheet_hbond.range_2_auth_atom_id 
_pdbx_struct_sheet_hbond.range_2_auth_comp_id 
_pdbx_struct_sheet_hbond.range_2_auth_asym_id 
_pdbx_struct_sheet_hbond.range_2_auth_seq_id 
A 1 2 O ALA A 56  ? O ALA A 83  N GLY A 36  ? N GLY A 63  
A 2 3 N PHE A 41  ? N PHE A 68  O PHE A 130 ? O PHE A 157 
A 3 4 O ARG A 129 ? O ARG A 156 N VAL A 88  ? N VAL A 115 
A 4 5 N VAL A 89  ? N VAL A 116 O CYS A 103 ? O CYS A 130 
# 
loop_
_struct_site.id 
_struct_site.pdbx_evidence_code 
_struct_site.pdbx_auth_asym_id 
_struct_site.pdbx_auth_comp_id 
_struct_site.pdbx_auth_seq_id 
_struct_site.pdbx_auth_ins_code 
_struct_site.pdbx_num_residues 
_struct_site.details 
AC1 Software A PB  2   ? 3 'BINDING SITE FOR RESIDUE PB A 2'    
AC2 Software A GOL 195 ? 3 'BINDING SITE FOR RESIDUE GOL A 195' 
# 
loop_
_struct_site_gen.id 
_struct_site_gen.site_id 
_struct_site_gen.pdbx_num_res 
_struct_site_gen.label_comp_id 
_struct_site_gen.label_asym_id 
_struct_site_gen.label_seq_id 
_struct_site_gen.pdbx_auth_ins_code 
_struct_site_gen.auth_comp_id 
_struct_site_gen.auth_asym_id 
_struct_site_gen.auth_seq_id 
_struct_site_gen.label_atom_id 
_struct_site_gen.label_alt_id 
_struct_site_gen.symmetry 
_struct_site_gen.details 
1 AC1 3 LEU A 18  ? LEU A 45  . ? 1_555 ? 
2 AC1 3 GLU A 145 ? GLU A 172 . ? 4_554 ? 
3 AC1 3 HOH F .   ? HOH A 203 . ? 1_555 ? 
4 AC2 3 ASP A 87  ? ASP A 114 . ? 4_554 ? 
5 AC2 3 ARG A 105 ? ARG A 132 . ? 4_554 ? 
6 AC2 3 ILE A 116 ? ILE A 143 . ? 4_554 ? 
# 
loop_
_pdbx_validate_close_contact.id 
_pdbx_validate_close_contact.PDB_model_num 
_pdbx_validate_close_contact.auth_atom_id_1 
_pdbx_validate_close_contact.auth_asym_id_1 
_pdbx_validate_close_contact.auth_comp_id_1 
_pdbx_validate_close_contact.auth_seq_id_1 
_pdbx_validate_close_contact.PDB_ins_code_1 
_pdbx_validate_close_contact.label_alt_id_1 
_pdbx_validate_close_contact.auth_atom_id_2 
_pdbx_validate_close_contact.auth_asym_id_2 
_pdbx_validate_close_contact.auth_comp_id_2 
_pdbx_validate_close_contact.auth_seq_id_2 
_pdbx_validate_close_contact.PDB_ins_code_2 
_pdbx_validate_close_contact.label_alt_id_2 
_pdbx_validate_close_contact.dist 
1 1 OE1 A GLU 158 ? ? NH1 A ARG 160 ? ? 2.03 
2 1 OE2 A GLU 145 ? ? O   A HOH 202 ? ? 2.16 
# 
_pdbx_validate_torsion.id              1 
_pdbx_validate_torsion.PDB_model_num   1 
_pdbx_validate_torsion.auth_comp_id    THR 
_pdbx_validate_torsion.auth_asym_id    A 
_pdbx_validate_torsion.auth_seq_id     42 
_pdbx_validate_torsion.PDB_ins_code    ? 
_pdbx_validate_torsion.label_alt_id    ? 
_pdbx_validate_torsion.phi             -112.58 
_pdbx_validate_torsion.psi             50.74 
# 
_pdbx_SG_project.id                    1 
_pdbx_SG_project.project_name          ? 
_pdbx_SG_project.full_name_of_center   'Structural Genomics Consortium' 
_pdbx_SG_project.initial_of_center     SGC 
# 
loop_
_pdbx_refine_tls.id 
_pdbx_refine_tls.details 
_pdbx_refine_tls.method 
_pdbx_refine_tls.origin_x 
_pdbx_refine_tls.origin_y 
_pdbx_refine_tls.origin_z 
_pdbx_refine_tls.T[1][1] 
_pdbx_refine_tls.T[2][2] 
_pdbx_refine_tls.T[3][3] 
_pdbx_refine_tls.T[1][2] 
_pdbx_refine_tls.T[1][3] 
_pdbx_refine_tls.T[2][3] 
_pdbx_refine_tls.L[1][1] 
_pdbx_refine_tls.L[2][2] 
_pdbx_refine_tls.L[3][3] 
_pdbx_refine_tls.L[1][2] 
_pdbx_refine_tls.L[1][3] 
_pdbx_refine_tls.L[2][3] 
_pdbx_refine_tls.S[1][1] 
_pdbx_refine_tls.S[1][2] 
_pdbx_refine_tls.S[1][3] 
_pdbx_refine_tls.S[2][1] 
_pdbx_refine_tls.S[2][2] 
_pdbx_refine_tls.S[2][3] 
_pdbx_refine_tls.S[3][1] 
_pdbx_refine_tls.S[3][2] 
_pdbx_refine_tls.S[3][3] 
_pdbx_refine_tls.pdbx_refine_id 
1 ? refined -11.5385 4.0582   8.2097  0.0880 0.1168 0.0448 0.0632  -0.0112 -0.0191 4.8286 6.6041 4.4708 0.3285  -2.4226 -0.5499 -0.2543 -0.2733 0.1465 0.4655  0.1826  0.2775  -0.2489 -0.2164 0.0717  'X-RAY DIFFRACTION' 
2 ? refined -1.9945  5.3041   -3.3193 0.0820 0.0487 0.1936 -0.0234 0.0941  -0.0274 5.0486 4.4512 5.9396 -1.3588 -2.5730 -0.0334 0.2424  -0.0766 0.5477 -0.4132 -0.0828 -0.5389 -0.1574 -0.1993 -0.1596 'X-RAY DIFFRACTION' 
3 ? refined 2.0301   0.7084   3.9044  0.1512 0.2093 0.3565 0.0637  -0.1025 -0.0972 4.0483 8.1102 5.5686 -3.7780 -3.1361 -0.3264 0.0136  -0.3331 0.8046 0.2416  0.0393  -1.2326 -0.5013 0.1429  -0.0529 'X-RAY DIFFRACTION' 
4 ? refined 17.1264  -19.0074 -6.1312 0.1446 0.1269 0.1415 -0.0436 0.0259  -0.0222 6.2548 8.0077 3.1945 -5.7373 2.5798  -1.5310 0.1281  -0.4625 0.5730 -0.0095 0.0211  -0.7260 0.0787  -0.1717 -0.1492 'X-RAY DIFFRACTION' 
# 
loop_
_pdbx_refine_tls_group.id 
_pdbx_refine_tls_group.refine_tls_id 
_pdbx_refine_tls_group.beg_auth_asym_id 
_pdbx_refine_tls_group.beg_auth_seq_id 
_pdbx_refine_tls_group.end_auth_asym_id 
_pdbx_refine_tls_group.end_auth_seq_id 
_pdbx_refine_tls_group.selection 
_pdbx_refine_tls_group.beg_label_asym_id 
_pdbx_refine_tls_group.beg_label_seq_id 
_pdbx_refine_tls_group.end_label_asym_id 
_pdbx_refine_tls_group.end_label_seq_id 
_pdbx_refine_tls_group.pdbx_refine_id 
_pdbx_refine_tls_group.selection_details 
1 1 A 41  A 71  ? A 14  A 44  'X-RAY DIFFRACTION' ? 
2 2 A 74  A 142 ? A 47  A 115 'X-RAY DIFFRACTION' ? 
3 3 A 143 A 165 ? A 116 A 138 'X-RAY DIFFRACTION' ? 
4 4 A 166 A 189 ? A 139 A 162 'X-RAY DIFFRACTION' ? 
# 
loop_
_pdbx_unobs_or_zero_occ_residues.id 
_pdbx_unobs_or_zero_occ_residues.PDB_model_num 
_pdbx_unobs_or_zero_occ_residues.polymer_flag 
_pdbx_unobs_or_zero_occ_residues.occupancy_flag 
_pdbx_unobs_or_zero_occ_residues.auth_asym_id 
_pdbx_unobs_or_zero_occ_residues.auth_comp_id 
_pdbx_unobs_or_zero_occ_residues.auth_seq_id 
_pdbx_unobs_or_zero_occ_residues.PDB_ins_code 
_pdbx_unobs_or_zero_occ_residues.label_asym_id 
_pdbx_unobs_or_zero_occ_residues.label_comp_id 
_pdbx_unobs_or_zero_occ_residues.label_seq_id 
1  1 Y 1 A MET 28  ? A MET 1   
2  1 Y 1 A HIS 29  ? A HIS 2   
3  1 Y 1 A HIS 30  ? A HIS 3   
4  1 Y 1 A HIS 31  ? A HIS 4   
5  1 Y 1 A HIS 32  ? A HIS 5   
6  1 Y 1 A HIS 33  ? A HIS 6   
7  1 Y 1 A HIS 34  ? A HIS 7   
8  1 Y 1 A SER 35  ? A SER 8   
9  1 Y 1 A SER 36  ? A SER 9   
10 1 Y 1 A GLY 37  ? A GLY 10  
11 1 Y 1 A VAL 38  ? A VAL 11  
12 1 Y 1 A ASP 39  ? A ASP 12  
13 1 Y 1 A LEU 40  ? A LEU 13  
14 1 Y 1 A VAL 72  ? A VAL 45  
15 1 Y 1 A CYS 73  ? A CYS 46  
16 1 Y 1 A GLN 118 ? A GLN 91  
17 1 Y 1 A ALA 119 ? A ALA 92  
18 1 Y 1 A GLY 120 ? A GLY 93  
19 1 Y 1 A ASP 121 ? A ASP 94  
20 1 Y 1 A ALA 122 ? A ALA 95  
21 1 Y 1 A GLY 123 ? A GLY 96  
22 1 Y 1 A GLN 124 ? A GLN 97  
23 1 Y 1 A ARG 125 ? A ARG 98  
24 1 Y 1 A SER 190 ? A SER 163 
25 1 Y 1 A ARG 191 ? A ARG 164 
26 1 Y 1 A ALA 192 ? A ALA 165 
27 1 Y 1 A LYS 193 ? A LYS 166 
# 
loop_
_chem_comp_atom.comp_id 
_chem_comp_atom.atom_id 
_chem_comp_atom.type_symbol 
_chem_comp_atom.pdbx_aromatic_flag 
_chem_comp_atom.pdbx_stereo_config 
_chem_comp_atom.pdbx_ordinal 
ALA N    N  N N 1   
ALA CA   C  N S 2   
ALA C    C  N N 3   
ALA O    O  N N 4   
ALA CB   C  N N 5   
ALA OXT  O  N N 6   
ALA H    H  N N 7   
ALA H2   H  N N 8   
ALA HA   H  N N 9   
ALA HB1  H  N N 10  
ALA HB2  H  N N 11  
ALA HB3  H  N N 12  
ALA HXT  H  N N 13  
ARG N    N  N N 14  
ARG CA   C  N S 15  
ARG C    C  N N 16  
ARG O    O  N N 17  
ARG CB   C  N N 18  
ARG CG   C  N N 19  
ARG CD   C  N N 20  
ARG NE   N  N N 21  
ARG CZ   C  N N 22  
ARG NH1  N  N N 23  
ARG NH2  N  N N 24  
ARG OXT  O  N N 25  
ARG H    H  N N 26  
ARG H2   H  N N 27  
ARG HA   H  N N 28  
ARG HB2  H  N N 29  
ARG HB3  H  N N 30  
ARG HG2  H  N N 31  
ARG HG3  H  N N 32  
ARG HD2  H  N N 33  
ARG HD3  H  N N 34  
ARG HE   H  N N 35  
ARG HH11 H  N N 36  
ARG HH12 H  N N 37  
ARG HH21 H  N N 38  
ARG HH22 H  N N 39  
ARG HXT  H  N N 40  
ASN N    N  N N 41  
ASN CA   C  N S 42  
ASN C    C  N N 43  
ASN O    O  N N 44  
ASN CB   C  N N 45  
ASN CG   C  N N 46  
ASN OD1  O  N N 47  
ASN ND2  N  N N 48  
ASN OXT  O  N N 49  
ASN H    H  N N 50  
ASN H2   H  N N 51  
ASN HA   H  N N 52  
ASN HB2  H  N N 53  
ASN HB3  H  N N 54  
ASN HD21 H  N N 55  
ASN HD22 H  N N 56  
ASN HXT  H  N N 57  
ASP N    N  N N 58  
ASP CA   C  N S 59  
ASP C    C  N N 60  
ASP O    O  N N 61  
ASP CB   C  N N 62  
ASP CG   C  N N 63  
ASP OD1  O  N N 64  
ASP OD2  O  N N 65  
ASP OXT  O  N N 66  
ASP H    H  N N 67  
ASP H2   H  N N 68  
ASP HA   H  N N 69  
ASP HB2  H  N N 70  
ASP HB3  H  N N 71  
ASP HD2  H  N N 72  
ASP HXT  H  N N 73  
CL  CL   CL N N 74  
CYS N    N  N N 75  
CYS CA   C  N R 76  
CYS C    C  N N 77  
CYS O    O  N N 78  
CYS CB   C  N N 79  
CYS SG   S  N N 80  
CYS OXT  O  N N 81  
CYS H    H  N N 82  
CYS H2   H  N N 83  
CYS HA   H  N N 84  
CYS HB2  H  N N 85  
CYS HB3  H  N N 86  
CYS HG   H  N N 87  
CYS HXT  H  N N 88  
GLN N    N  N N 89  
GLN CA   C  N S 90  
GLN C    C  N N 91  
GLN O    O  N N 92  
GLN CB   C  N N 93  
GLN CG   C  N N 94  
GLN CD   C  N N 95  
GLN OE1  O  N N 96  
GLN NE2  N  N N 97  
GLN OXT  O  N N 98  
GLN H    H  N N 99  
GLN H2   H  N N 100 
GLN HA   H  N N 101 
GLN HB2  H  N N 102 
GLN HB3  H  N N 103 
GLN HG2  H  N N 104 
GLN HG3  H  N N 105 
GLN HE21 H  N N 106 
GLN HE22 H  N N 107 
GLN HXT  H  N N 108 
GLU N    N  N N 109 
GLU CA   C  N S 110 
GLU C    C  N N 111 
GLU O    O  N N 112 
GLU CB   C  N N 113 
GLU CG   C  N N 114 
GLU CD   C  N N 115 
GLU OE1  O  N N 116 
GLU OE2  O  N N 117 
GLU OXT  O  N N 118 
GLU H    H  N N 119 
GLU H2   H  N N 120 
GLU HA   H  N N 121 
GLU HB2  H  N N 122 
GLU HB3  H  N N 123 
GLU HG2  H  N N 124 
GLU HG3  H  N N 125 
GLU HE2  H  N N 126 
GLU HXT  H  N N 127 
GLY N    N  N N 128 
GLY CA   C  N N 129 
GLY C    C  N N 130 
GLY O    O  N N 131 
GLY OXT  O  N N 132 
GLY H    H  N N 133 
GLY H2   H  N N 134 
GLY HA2  H  N N 135 
GLY HA3  H  N N 136 
GLY HXT  H  N N 137 
GOL C1   C  N N 138 
GOL O1   O  N N 139 
GOL C2   C  N N 140 
GOL O2   O  N N 141 
GOL C3   C  N N 142 
GOL O3   O  N N 143 
GOL H11  H  N N 144 
GOL H12  H  N N 145 
GOL HO1  H  N N 146 
GOL H2   H  N N 147 
GOL HO2  H  N N 148 
GOL H31  H  N N 149 
GOL H32  H  N N 150 
GOL HO3  H  N N 151 
HIS N    N  N N 152 
HIS CA   C  N S 153 
HIS C    C  N N 154 
HIS O    O  N N 155 
HIS CB   C  N N 156 
HIS CG   C  Y N 157 
HIS ND1  N  Y N 158 
HIS CD2  C  Y N 159 
HIS CE1  C  Y N 160 
HIS NE2  N  Y N 161 
HIS OXT  O  N N 162 
HIS H    H  N N 163 
HIS H2   H  N N 164 
HIS HA   H  N N 165 
HIS HB2  H  N N 166 
HIS HB3  H  N N 167 
HIS HD1  H  N N 168 
HIS HD2  H  N N 169 
HIS HE1  H  N N 170 
HIS HE2  H  N N 171 
HIS HXT  H  N N 172 
HOH O    O  N N 173 
HOH H1   H  N N 174 
HOH H2   H  N N 175 
ILE N    N  N N 176 
ILE CA   C  N S 177 
ILE C    C  N N 178 
ILE O    O  N N 179 
ILE CB   C  N S 180 
ILE CG1  C  N N 181 
ILE CG2  C  N N 182 
ILE CD1  C  N N 183 
ILE OXT  O  N N 184 
ILE H    H  N N 185 
ILE H2   H  N N 186 
ILE HA   H  N N 187 
ILE HB   H  N N 188 
ILE HG12 H  N N 189 
ILE HG13 H  N N 190 
ILE HG21 H  N N 191 
ILE HG22 H  N N 192 
ILE HG23 H  N N 193 
ILE HD11 H  N N 194 
ILE HD12 H  N N 195 
ILE HD13 H  N N 196 
ILE HXT  H  N N 197 
LEU N    N  N N 198 
LEU CA   C  N S 199 
LEU C    C  N N 200 
LEU O    O  N N 201 
LEU CB   C  N N 202 
LEU CG   C  N N 203 
LEU CD1  C  N N 204 
LEU CD2  C  N N 205 
LEU OXT  O  N N 206 
LEU H    H  N N 207 
LEU H2   H  N N 208 
LEU HA   H  N N 209 
LEU HB2  H  N N 210 
LEU HB3  H  N N 211 
LEU HG   H  N N 212 
LEU HD11 H  N N 213 
LEU HD12 H  N N 214 
LEU HD13 H  N N 215 
LEU HD21 H  N N 216 
LEU HD22 H  N N 217 
LEU HD23 H  N N 218 
LEU HXT  H  N N 219 
LYS N    N  N N 220 
LYS CA   C  N S 221 
LYS C    C  N N 222 
LYS O    O  N N 223 
LYS CB   C  N N 224 
LYS CG   C  N N 225 
LYS CD   C  N N 226 
LYS CE   C  N N 227 
LYS NZ   N  N N 228 
LYS OXT  O  N N 229 
LYS H    H  N N 230 
LYS H2   H  N N 231 
LYS HA   H  N N 232 
LYS HB2  H  N N 233 
LYS HB3  H  N N 234 
LYS HG2  H  N N 235 
LYS HG3  H  N N 236 
LYS HD2  H  N N 237 
LYS HD3  H  N N 238 
LYS HE2  H  N N 239 
LYS HE3  H  N N 240 
LYS HZ1  H  N N 241 
LYS HZ2  H  N N 242 
LYS HZ3  H  N N 243 
LYS HXT  H  N N 244 
MET N    N  N N 245 
MET CA   C  N S 246 
MET C    C  N N 247 
MET O    O  N N 248 
MET CB   C  N N 249 
MET CG   C  N N 250 
MET SD   S  N N 251 
MET CE   C  N N 252 
MET OXT  O  N N 253 
MET H    H  N N 254 
MET H2   H  N N 255 
MET HA   H  N N 256 
MET HB2  H  N N 257 
MET HB3  H  N N 258 
MET HG2  H  N N 259 
MET HG3  H  N N 260 
MET HE1  H  N N 261 
MET HE2  H  N N 262 
MET HE3  H  N N 263 
MET HXT  H  N N 264 
PB  PB   PB N N 265 
PHE N    N  N N 266 
PHE CA   C  N S 267 
PHE C    C  N N 268 
PHE O    O  N N 269 
PHE CB   C  N N 270 
PHE CG   C  Y N 271 
PHE CD1  C  Y N 272 
PHE CD2  C  Y N 273 
PHE CE1  C  Y N 274 
PHE CE2  C  Y N 275 
PHE CZ   C  Y N 276 
PHE OXT  O  N N 277 
PHE H    H  N N 278 
PHE H2   H  N N 279 
PHE HA   H  N N 280 
PHE HB2  H  N N 281 
PHE HB3  H  N N 282 
PHE HD1  H  N N 283 
PHE HD2  H  N N 284 
PHE HE1  H  N N 285 
PHE HE2  H  N N 286 
PHE HZ   H  N N 287 
PHE HXT  H  N N 288 
PRO N    N  N N 289 
PRO CA   C  N S 290 
PRO C    C  N N 291 
PRO O    O  N N 292 
PRO CB   C  N N 293 
PRO CG   C  N N 294 
PRO CD   C  N N 295 
PRO OXT  O  N N 296 
PRO H    H  N N 297 
PRO HA   H  N N 298 
PRO HB2  H  N N 299 
PRO HB3  H  N N 300 
PRO HG2  H  N N 301 
PRO HG3  H  N N 302 
PRO HD2  H  N N 303 
PRO HD3  H  N N 304 
PRO HXT  H  N N 305 
SER N    N  N N 306 
SER CA   C  N S 307 
SER C    C  N N 308 
SER O    O  N N 309 
SER CB   C  N N 310 
SER OG   O  N N 311 
SER OXT  O  N N 312 
SER H    H  N N 313 
SER H2   H  N N 314 
SER HA   H  N N 315 
SER HB2  H  N N 316 
SER HB3  H  N N 317 
SER HG   H  N N 318 
SER HXT  H  N N 319 
THR N    N  N N 320 
THR CA   C  N S 321 
THR C    C  N N 322 
THR O    O  N N 323 
THR CB   C  N R 324 
THR OG1  O  N N 325 
THR CG2  C  N N 326 
THR OXT  O  N N 327 
THR H    H  N N 328 
THR H2   H  N N 329 
THR HA   H  N N 330 
THR HB   H  N N 331 
THR HG1  H  N N 332 
THR HG21 H  N N 333 
THR HG22 H  N N 334 
THR HG23 H  N N 335 
THR HXT  H  N N 336 
TRP N    N  N N 337 
TRP CA   C  N S 338 
TRP C    C  N N 339 
TRP O    O  N N 340 
TRP CB   C  N N 341 
TRP CG   C  Y N 342 
TRP CD1  C  Y N 343 
TRP CD2  C  Y N 344 
TRP NE1  N  Y N 345 
TRP CE2  C  Y N 346 
TRP CE3  C  Y N 347 
TRP CZ2  C  Y N 348 
TRP CZ3  C  Y N 349 
TRP CH2  C  Y N 350 
TRP OXT  O  N N 351 
TRP H    H  N N 352 
TRP H2   H  N N 353 
TRP HA   H  N N 354 
TRP HB2  H  N N 355 
TRP HB3  H  N N 356 
TRP HD1  H  N N 357 
TRP HE1  H  N N 358 
TRP HE3  H  N N 359 
TRP HZ2  H  N N 360 
TRP HZ3  H  N N 361 
TRP HH2  H  N N 362 
TRP HXT  H  N N 363 
TYR N    N  N N 364 
TYR CA   C  N S 365 
TYR C    C  N N 366 
TYR O    O  N N 367 
TYR CB   C  N N 368 
TYR CG   C  Y N 369 
TYR CD1  C  Y N 370 
TYR CD2  C  Y N 371 
TYR CE1  C  Y N 372 
TYR CE2  C  Y N 373 
TYR CZ   C  Y N 374 
TYR OH   O  N N 375 
TYR OXT  O  N N 376 
TYR H    H  N N 377 
TYR H2   H  N N 378 
TYR HA   H  N N 379 
TYR HB2  H  N N 380 
TYR HB3  H  N N 381 
TYR HD1  H  N N 382 
TYR HD2  H  N N 383 
TYR HE1  H  N N 384 
TYR HE2  H  N N 385 
TYR HH   H  N N 386 
TYR HXT  H  N N 387 
VAL N    N  N N 388 
VAL CA   C  N S 389 
VAL C    C  N N 390 
VAL O    O  N N 391 
VAL CB   C  N N 392 
VAL CG1  C  N N 393 
VAL CG2  C  N N 394 
VAL OXT  O  N N 395 
VAL H    H  N N 396 
VAL H2   H  N N 397 
VAL HA   H  N N 398 
VAL HB   H  N N 399 
VAL HG11 H  N N 400 
VAL HG12 H  N N 401 
VAL HG13 H  N N 402 
VAL HG21 H  N N 403 
VAL HG22 H  N N 404 
VAL HG23 H  N N 405 
VAL HXT  H  N N 406 
# 
loop_
_chem_comp_bond.comp_id 
_chem_comp_bond.atom_id_1 
_chem_comp_bond.atom_id_2 
_chem_comp_bond.value_order 
_chem_comp_bond.pdbx_aromatic_flag 
_chem_comp_bond.pdbx_stereo_config 
_chem_comp_bond.pdbx_ordinal 
ALA N   CA   sing N N 1   
ALA N   H    sing N N 2   
ALA N   H2   sing N N 3   
ALA CA  C    sing N N 4   
ALA CA  CB   sing N N 5   
ALA CA  HA   sing N N 6   
ALA C   O    doub N N 7   
ALA C   OXT  sing N N 8   
ALA CB  HB1  sing N N 9   
ALA CB  HB2  sing N N 10  
ALA CB  HB3  sing N N 11  
ALA OXT HXT  sing N N 12  
ARG N   CA   sing N N 13  
ARG N   H    sing N N 14  
ARG N   H2   sing N N 15  
ARG CA  C    sing N N 16  
ARG CA  CB   sing N N 17  
ARG CA  HA   sing N N 18  
ARG C   O    doub N N 19  
ARG C   OXT  sing N N 20  
ARG CB  CG   sing N N 21  
ARG CB  HB2  sing N N 22  
ARG CB  HB3  sing N N 23  
ARG CG  CD   sing N N 24  
ARG CG  HG2  sing N N 25  
ARG CG  HG3  sing N N 26  
ARG CD  NE   sing N N 27  
ARG CD  HD2  sing N N 28  
ARG CD  HD3  sing N N 29  
ARG NE  CZ   sing N N 30  
ARG NE  HE   sing N N 31  
ARG CZ  NH1  sing N N 32  
ARG CZ  NH2  doub N N 33  
ARG NH1 HH11 sing N N 34  
ARG NH1 HH12 sing N N 35  
ARG NH2 HH21 sing N N 36  
ARG NH2 HH22 sing N N 37  
ARG OXT HXT  sing N N 38  
ASN N   CA   sing N N 39  
ASN N   H    sing N N 40  
ASN N   H2   sing N N 41  
ASN CA  C    sing N N 42  
ASN CA  CB   sing N N 43  
ASN CA  HA   sing N N 44  
ASN C   O    doub N N 45  
ASN C   OXT  sing N N 46  
ASN CB  CG   sing N N 47  
ASN CB  HB2  sing N N 48  
ASN CB  HB3  sing N N 49  
ASN CG  OD1  doub N N 50  
ASN CG  ND2  sing N N 51  
ASN ND2 HD21 sing N N 52  
ASN ND2 HD22 sing N N 53  
ASN OXT HXT  sing N N 54  
ASP N   CA   sing N N 55  
ASP N   H    sing N N 56  
ASP N   H2   sing N N 57  
ASP CA  C    sing N N 58  
ASP CA  CB   sing N N 59  
ASP CA  HA   sing N N 60  
ASP C   O    doub N N 61  
ASP C   OXT  sing N N 62  
ASP CB  CG   sing N N 63  
ASP CB  HB2  sing N N 64  
ASP CB  HB3  sing N N 65  
ASP CG  OD1  doub N N 66  
ASP CG  OD2  sing N N 67  
ASP OD2 HD2  sing N N 68  
ASP OXT HXT  sing N N 69  
CYS N   CA   sing N N 70  
CYS N   H    sing N N 71  
CYS N   H2   sing N N 72  
CYS CA  C    sing N N 73  
CYS CA  CB   sing N N 74  
CYS CA  HA   sing N N 75  
CYS C   O    doub N N 76  
CYS C   OXT  sing N N 77  
CYS CB  SG   sing N N 78  
CYS CB  HB2  sing N N 79  
CYS CB  HB3  sing N N 80  
CYS SG  HG   sing N N 81  
CYS OXT HXT  sing N N 82  
GLN N   CA   sing N N 83  
GLN N   H    sing N N 84  
GLN N   H2   sing N N 85  
GLN CA  C    sing N N 86  
GLN CA  CB   sing N N 87  
GLN CA  HA   sing N N 88  
GLN C   O    doub N N 89  
GLN C   OXT  sing N N 90  
GLN CB  CG   sing N N 91  
GLN CB  HB2  sing N N 92  
GLN CB  HB3  sing N N 93  
GLN CG  CD   sing N N 94  
GLN CG  HG2  sing N N 95  
GLN CG  HG3  sing N N 96  
GLN CD  OE1  doub N N 97  
GLN CD  NE2  sing N N 98  
GLN NE2 HE21 sing N N 99  
GLN NE2 HE22 sing N N 100 
GLN OXT HXT  sing N N 101 
GLU N   CA   sing N N 102 
GLU N   H    sing N N 103 
GLU N   H2   sing N N 104 
GLU CA  C    sing N N 105 
GLU CA  CB   sing N N 106 
GLU CA  HA   sing N N 107 
GLU C   O    doub N N 108 
GLU C   OXT  sing N N 109 
GLU CB  CG   sing N N 110 
GLU CB  HB2  sing N N 111 
GLU CB  HB3  sing N N 112 
GLU CG  CD   sing N N 113 
GLU CG  HG2  sing N N 114 
GLU CG  HG3  sing N N 115 
GLU CD  OE1  doub N N 116 
GLU CD  OE2  sing N N 117 
GLU OE2 HE2  sing N N 118 
GLU OXT HXT  sing N N 119 
GLY N   CA   sing N N 120 
GLY N   H    sing N N 121 
GLY N   H2   sing N N 122 
GLY CA  C    sing N N 123 
GLY CA  HA2  sing N N 124 
GLY CA  HA3  sing N N 125 
GLY C   O    doub N N 126 
GLY C   OXT  sing N N 127 
GLY OXT HXT  sing N N 128 
GOL C1  O1   sing N N 129 
GOL C1  C2   sing N N 130 
GOL C1  H11  sing N N 131 
GOL C1  H12  sing N N 132 
GOL O1  HO1  sing N N 133 
GOL C2  O2   sing N N 134 
GOL C2  C3   sing N N 135 
GOL C2  H2   sing N N 136 
GOL O2  HO2  sing N N 137 
GOL C3  O3   sing N N 138 
GOL C3  H31  sing N N 139 
GOL C3  H32  sing N N 140 
GOL O3  HO3  sing N N 141 
HIS N   CA   sing N N 142 
HIS N   H    sing N N 143 
HIS N   H2   sing N N 144 
HIS CA  C    sing N N 145 
HIS CA  CB   sing N N 146 
HIS CA  HA   sing N N 147 
HIS C   O    doub N N 148 
HIS C   OXT  sing N N 149 
HIS CB  CG   sing N N 150 
HIS CB  HB2  sing N N 151 
HIS CB  HB3  sing N N 152 
HIS CG  ND1  sing Y N 153 
HIS CG  CD2  doub Y N 154 
HIS ND1 CE1  doub Y N 155 
HIS ND1 HD1  sing N N 156 
HIS CD2 NE2  sing Y N 157 
HIS CD2 HD2  sing N N 158 
HIS CE1 NE2  sing Y N 159 
HIS CE1 HE1  sing N N 160 
HIS NE2 HE2  sing N N 161 
HIS OXT HXT  sing N N 162 
HOH O   H1   sing N N 163 
HOH O   H2   sing N N 164 
ILE N   CA   sing N N 165 
ILE N   H    sing N N 166 
ILE N   H2   sing N N 167 
ILE CA  C    sing N N 168 
ILE CA  CB   sing N N 169 
ILE CA  HA   sing N N 170 
ILE C   O    doub N N 171 
ILE C   OXT  sing N N 172 
ILE CB  CG1  sing N N 173 
ILE CB  CG2  sing N N 174 
ILE CB  HB   sing N N 175 
ILE CG1 CD1  sing N N 176 
ILE CG1 HG12 sing N N 177 
ILE CG1 HG13 sing N N 178 
ILE CG2 HG21 sing N N 179 
ILE CG2 HG22 sing N N 180 
ILE CG2 HG23 sing N N 181 
ILE CD1 HD11 sing N N 182 
ILE CD1 HD12 sing N N 183 
ILE CD1 HD13 sing N N 184 
ILE OXT HXT  sing N N 185 
LEU N   CA   sing N N 186 
LEU N   H    sing N N 187 
LEU N   H2   sing N N 188 
LEU CA  C    sing N N 189 
LEU CA  CB   sing N N 190 
LEU CA  HA   sing N N 191 
LEU C   O    doub N N 192 
LEU C   OXT  sing N N 193 
LEU CB  CG   sing N N 194 
LEU CB  HB2  sing N N 195 
LEU CB  HB3  sing N N 196 
LEU CG  CD1  sing N N 197 
LEU CG  CD2  sing N N 198 
LEU CG  HG   sing N N 199 
LEU CD1 HD11 sing N N 200 
LEU CD1 HD12 sing N N 201 
LEU CD1 HD13 sing N N 202 
LEU CD2 HD21 sing N N 203 
LEU CD2 HD22 sing N N 204 
LEU CD2 HD23 sing N N 205 
LEU OXT HXT  sing N N 206 
LYS N   CA   sing N N 207 
LYS N   H    sing N N 208 
LYS N   H2   sing N N 209 
LYS CA  C    sing N N 210 
LYS CA  CB   sing N N 211 
LYS CA  HA   sing N N 212 
LYS C   O    doub N N 213 
LYS C   OXT  sing N N 214 
LYS CB  CG   sing N N 215 
LYS CB  HB2  sing N N 216 
LYS CB  HB3  sing N N 217 
LYS CG  CD   sing N N 218 
LYS CG  HG2  sing N N 219 
LYS CG  HG3  sing N N 220 
LYS CD  CE   sing N N 221 
LYS CD  HD2  sing N N 222 
LYS CD  HD3  sing N N 223 
LYS CE  NZ   sing N N 224 
LYS CE  HE2  sing N N 225 
LYS CE  HE3  sing N N 226 
LYS NZ  HZ1  sing N N 227 
LYS NZ  HZ2  sing N N 228 
LYS NZ  HZ3  sing N N 229 
LYS OXT HXT  sing N N 230 
MET N   CA   sing N N 231 
MET N   H    sing N N 232 
MET N   H2   sing N N 233 
MET CA  C    sing N N 234 
MET CA  CB   sing N N 235 
MET CA  HA   sing N N 236 
MET C   O    doub N N 237 
MET C   OXT  sing N N 238 
MET CB  CG   sing N N 239 
MET CB  HB2  sing N N 240 
MET CB  HB3  sing N N 241 
MET CG  SD   sing N N 242 
MET CG  HG2  sing N N 243 
MET CG  HG3  sing N N 244 
MET SD  CE   sing N N 245 
MET CE  HE1  sing N N 246 
MET CE  HE2  sing N N 247 
MET CE  HE3  sing N N 248 
MET OXT HXT  sing N N 249 
PHE N   CA   sing N N 250 
PHE N   H    sing N N 251 
PHE N   H2   sing N N 252 
PHE CA  C    sing N N 253 
PHE CA  CB   sing N N 254 
PHE CA  HA   sing N N 255 
PHE C   O    doub N N 256 
PHE C   OXT  sing N N 257 
PHE CB  CG   sing N N 258 
PHE CB  HB2  sing N N 259 
PHE CB  HB3  sing N N 260 
PHE CG  CD1  doub Y N 261 
PHE CG  CD2  sing Y N 262 
PHE CD1 CE1  sing Y N 263 
PHE CD1 HD1  sing N N 264 
PHE CD2 CE2  doub Y N 265 
PHE CD2 HD2  sing N N 266 
PHE CE1 CZ   doub Y N 267 
PHE CE1 HE1  sing N N 268 
PHE CE2 CZ   sing Y N 269 
PHE CE2 HE2  sing N N 270 
PHE CZ  HZ   sing N N 271 
PHE OXT HXT  sing N N 272 
PRO N   CA   sing N N 273 
PRO N   CD   sing N N 274 
PRO N   H    sing N N 275 
PRO CA  C    sing N N 276 
PRO CA  CB   sing N N 277 
PRO CA  HA   sing N N 278 
PRO C   O    doub N N 279 
PRO C   OXT  sing N N 280 
PRO CB  CG   sing N N 281 
PRO CB  HB2  sing N N 282 
PRO CB  HB3  sing N N 283 
PRO CG  CD   sing N N 284 
PRO CG  HG2  sing N N 285 
PRO CG  HG3  sing N N 286 
PRO CD  HD2  sing N N 287 
PRO CD  HD3  sing N N 288 
PRO OXT HXT  sing N N 289 
SER N   CA   sing N N 290 
SER N   H    sing N N 291 
SER N   H2   sing N N 292 
SER CA  C    sing N N 293 
SER CA  CB   sing N N 294 
SER CA  HA   sing N N 295 
SER C   O    doub N N 296 
SER C   OXT  sing N N 297 
SER CB  OG   sing N N 298 
SER CB  HB2  sing N N 299 
SER CB  HB3  sing N N 300 
SER OG  HG   sing N N 301 
SER OXT HXT  sing N N 302 
THR N   CA   sing N N 303 
THR N   H    sing N N 304 
THR N   H2   sing N N 305 
THR CA  C    sing N N 306 
THR CA  CB   sing N N 307 
THR CA  HA   sing N N 308 
THR C   O    doub N N 309 
THR C   OXT  sing N N 310 
THR CB  OG1  sing N N 311 
THR CB  CG2  sing N N 312 
THR CB  HB   sing N N 313 
THR OG1 HG1  sing N N 314 
THR CG2 HG21 sing N N 315 
THR CG2 HG22 sing N N 316 
THR CG2 HG23 sing N N 317 
THR OXT HXT  sing N N 318 
TRP N   CA   sing N N 319 
TRP N   H    sing N N 320 
TRP N   H2   sing N N 321 
TRP CA  C    sing N N 322 
TRP CA  CB   sing N N 323 
TRP CA  HA   sing N N 324 
TRP C   O    doub N N 325 
TRP C   OXT  sing N N 326 
TRP CB  CG   sing N N 327 
TRP CB  HB2  sing N N 328 
TRP CB  HB3  sing N N 329 
TRP CG  CD1  doub Y N 330 
TRP CG  CD2  sing Y N 331 
TRP CD1 NE1  sing Y N 332 
TRP CD1 HD1  sing N N 333 
TRP CD2 CE2  doub Y N 334 
TRP CD2 CE3  sing Y N 335 
TRP NE1 CE2  sing Y N 336 
TRP NE1 HE1  sing N N 337 
TRP CE2 CZ2  sing Y N 338 
TRP CE3 CZ3  doub Y N 339 
TRP CE3 HE3  sing N N 340 
TRP CZ2 CH2  doub Y N 341 
TRP CZ2 HZ2  sing N N 342 
TRP CZ3 CH2  sing Y N 343 
TRP CZ3 HZ3  sing N N 344 
TRP CH2 HH2  sing N N 345 
TRP OXT HXT  sing N N 346 
TYR N   CA   sing N N 347 
TYR N   H    sing N N 348 
TYR N   H2   sing N N 349 
TYR CA  C    sing N N 350 
TYR CA  CB   sing N N 351 
TYR CA  HA   sing N N 352 
TYR C   O    doub N N 353 
TYR C   OXT  sing N N 354 
TYR CB  CG   sing N N 355 
TYR CB  HB2  sing N N 356 
TYR CB  HB3  sing N N 357 
TYR CG  CD1  doub Y N 358 
TYR CG  CD2  sing Y N 359 
TYR CD1 CE1  sing Y N 360 
TYR CD1 HD1  sing N N 361 
TYR CD2 CE2  doub Y N 362 
TYR CD2 HD2  sing N N 363 
TYR CE1 CZ   doub Y N 364 
TYR CE1 HE1  sing N N 365 
TYR CE2 CZ   sing Y N 366 
TYR CE2 HE2  sing N N 367 
TYR CZ  OH   sing N N 368 
TYR OH  HH   sing N N 369 
TYR OXT HXT  sing N N 370 
VAL N   CA   sing N N 371 
VAL N   H    sing N N 372 
VAL N   H2   sing N N 373 
VAL CA  C    sing N N 374 
VAL CA  CB   sing N N 375 
VAL CA  HA   sing N N 376 
VAL C   O    doub N N 377 
VAL C   OXT  sing N N 378 
VAL CB  CG1  sing N N 379 
VAL CB  CG2  sing N N 380 
VAL CB  HB   sing N N 381 
VAL CG1 HG11 sing N N 382 
VAL CG1 HG12 sing N N 383 
VAL CG1 HG13 sing N N 384 
VAL CG2 HG21 sing N N 385 
VAL CG2 HG22 sing N N 386 
VAL CG2 HG23 sing N N 387 
VAL OXT HXT  sing N N 388 
# 
_atom_sites.entry_id                    3EC8 
_atom_sites.fract_transf_matrix[1][1]   -0.02292089 
_atom_sites.fract_transf_matrix[1][2]   -0.00974638 
_atom_sites.fract_transf_matrix[1][3]   0.00274776 
_atom_sites.fract_transf_matrix[2][1]   -0.01091675 
_atom_sites.fract_transf_matrix[2][2]   -0.00018117 
_atom_sites.fract_transf_matrix[2][3]   0.02255538 
_atom_sites.fract_transf_matrix[3][1]   -0.00297419 
_atom_sites.fract_transf_matrix[3][2]   0.00660362 
_atom_sites.fract_transf_matrix[3][3]   -0.00138646 
_atom_sites.fract_transf_vector[1]      -0.456602 
_atom_sites.fract_transf_vector[2]      0.111241 
_atom_sites.fract_transf_vector[3]      -0.131150 
# 
loop_
_atom_type.symbol 
C  
CL 
N  
O  
PB 
S  
# 
loop_
_atom_site.group_PDB 
_atom_site.id 
_atom_site.type_symbol 
_atom_site.label_atom_id 
_atom_site.label_alt_id 
_atom_site.label_comp_id 
_atom_site.label_asym_id 
_atom_site.label_entity_id 
_atom_site.label_seq_id 
_atom_site.pdbx_PDB_ins_code 
_atom_site.Cartn_x 
_atom_site.Cartn_y 
_atom_site.Cartn_z 
_atom_site.occupancy 
_atom_site.B_iso_or_equiv 
_atom_site.pdbx_formal_charge 
_atom_site.auth_seq_id 
_atom_site.auth_comp_id 
_atom_site.auth_asym_id 
_atom_site.auth_atom_id 
_atom_site.pdbx_PDB_model_num 
ATOM   1    N  N   . GLY A 1 14  ? -17.405 -3.193  -1.978  1.00 52.57  ? 41  GLY A N   1 
ATOM   2    C  CA  . GLY A 1 14  ? -18.037 -4.382  -2.627  1.00 52.72  ? 41  GLY A CA  1 
ATOM   3    C  C   . GLY A 1 14  ? -17.368 -5.692  -2.227  1.00 52.69  ? 41  GLY A C   1 
ATOM   4    O  O   . GLY A 1 14  ? -18.049 -6.715  -2.015  1.00 52.78  ? 41  GLY A O   1 
ATOM   5    N  N   . THR A 1 15  ? -16.034 -5.663  -2.166  1.00 52.19  ? 42  THR A N   1 
ATOM   6    C  CA  . THR A 1 15  ? -15.237 -6.715  -1.524  1.00 51.68  ? 42  THR A CA  1 
ATOM   7    C  C   . THR A 1 15  ? -14.584 -6.104  -0.281  1.00 51.18  ? 42  THR A C   1 
ATOM   8    O  O   . THR A 1 15  ? -13.370 -6.195  -0.087  1.00 51.09  ? 42  THR A O   1 
ATOM   9    C  CB  . THR A 1 15  ? -14.145 -7.262  -2.470  1.00 51.51  ? 42  THR A CB  1 
ATOM   10   N  N   . GLU A 1 16  ? -15.407 -5.456  0.542   1.00 50.53  ? 43  GLU A N   1 
ATOM   11   C  CA  . GLU A 1 16  ? -14.938 -4.788  1.755   1.00 50.13  ? 43  GLU A CA  1 
ATOM   12   C  C   . GLU A 1 16  ? -14.651 -5.832  2.823   1.00 49.09  ? 43  GLU A C   1 
ATOM   13   O  O   . GLU A 1 16  ? -15.508 -6.687  3.085   1.00 49.33  ? 43  GLU A O   1 
ATOM   14   C  CB  . GLU A 1 16  ? -16.002 -3.811  2.279   1.00 50.44  ? 43  GLU A CB  1 
ATOM   15   C  CG  . GLU A 1 16  ? -16.302 -2.646  1.343   1.00 51.66  ? 43  GLU A CG  1 
ATOM   16   C  CD  . GLU A 1 16  ? -17.332 -1.682  1.921   1.00 54.24  ? 43  GLU A CD  1 
ATOM   17   O  OE1 . GLU A 1 16  ? -17.125 -1.209  3.066   1.00 55.86  ? 43  GLU A OE1 1 
ATOM   18   O  OE2 . GLU A 1 16  ? -18.345 -1.391  1.232   1.00 55.00  ? 43  GLU A OE2 1 
ATOM   19   N  N   . ASN A 1 17  ? -13.467 -5.773  3.435   1.00 47.52  ? 44  ASN A N   1 
ATOM   20   C  CA  . ASN A 1 17  ? -13.124 -6.729  4.486   1.00 46.55  ? 44  ASN A CA  1 
ATOM   21   C  C   . ASN A 1 17  ? -12.677 -6.081  5.794   1.00 45.50  ? 44  ASN A C   1 
ATOM   22   O  O   . ASN A 1 17  ? -11.944 -6.699  6.562   1.00 45.02  ? 44  ASN A O   1 
ATOM   23   C  CB  . ASN A 1 17  ? -12.131 -7.804  3.989   1.00 46.51  ? 44  ASN A CB  1 
ATOM   24   C  CG  . ASN A 1 17  ? -10.707 -7.283  3.783   1.00 46.92  ? 44  ASN A CG  1 
ATOM   25   O  OD1 . ASN A 1 17  ? -10.436 -6.085  3.828   1.00 48.48  ? 44  ASN A OD1 1 
ATOM   26   N  ND2 . ASN A 1 17  ? -9.791  -8.207  3.536   1.00 47.20  ? 44  ASN A ND2 1 
ATOM   27   N  N   . LEU A 1 18  ? -13.137 -4.849  6.038   1.00 44.40  ? 45  LEU A N   1 
ATOM   28   C  CA  . LEU A 1 18  ? -13.002 -4.195  7.345   1.00 43.73  ? 45  LEU A CA  1 
ATOM   29   C  C   . LEU A 1 18  ? -14.368 -4.017  8.034   1.00 43.42  ? 45  LEU A C   1 
ATOM   30   O  O   . LEU A 1 18  ? -15.328 -3.561  7.423   1.00 43.18  ? 45  LEU A O   1 
ATOM   31   C  CB  . LEU A 1 18  ? -12.324 -2.839  7.205   1.00 43.44  ? 45  LEU A CB  1 
ATOM   32   C  CG  . LEU A 1 18  ? -11.779 -2.315  8.534   1.00 42.97  ? 45  LEU A CG  1 
ATOM   33   C  CD1 . LEU A 1 18  ? -10.493 -3.004  8.858   1.00 41.31  ? 45  LEU A CD1 1 
ATOM   34   C  CD2 . LEU A 1 18  ? -11.584 -0.808  8.495   1.00 43.30  ? 45  LEU A CD2 1 
ATOM   35   N  N   . TYR A 1 19  ? -14.439 -4.376  9.313   1.00 43.31  ? 46  TYR A N   1 
ATOM   36   C  CA  . TYR A 1 19  ? -15.702 -4.401  10.061  1.00 43.17  ? 46  TYR A CA  1 
ATOM   37   C  C   . TYR A 1 19  ? -15.525 -3.843  11.449  1.00 43.29  ? 46  TYR A C   1 
ATOM   38   O  O   . TYR A 1 19  ? -14.572 -4.181  12.142  1.00 42.76  ? 46  TYR A O   1 
ATOM   39   C  CB  . TYR A 1 19  ? -16.235 -5.827  10.187  1.00 42.94  ? 46  TYR A CB  1 
ATOM   40   C  CG  . TYR A 1 19  ? -16.458 -6.490  8.866   1.00 42.42  ? 46  TYR A CG  1 
ATOM   41   C  CD1 . TYR A 1 19  ? -17.690 -6.425  8.233   1.00 42.36  ? 46  TYR A CD1 1 
ATOM   42   C  CD2 . TYR A 1 19  ? -15.430 -7.170  8.236   1.00 42.32  ? 46  TYR A CD2 1 
ATOM   43   C  CE1 . TYR A 1 19  ? -17.894 -7.038  7.009   1.00 42.57  ? 46  TYR A CE1 1 
ATOM   44   C  CE2 . TYR A 1 19  ? -15.617 -7.774  7.013   1.00 42.42  ? 46  TYR A CE2 1 
ATOM   45   C  CZ  . TYR A 1 19  ? -16.849 -7.706  6.404   1.00 42.18  ? 46  TYR A CZ  1 
ATOM   46   O  OH  . TYR A 1 19  ? -17.026 -8.303  5.184   1.00 42.70  ? 46  TYR A OH  1 
ATOM   47   N  N   . PHE A 1 20  ? -16.457 -2.992  11.855  1.00 43.98  ? 47  PHE A N   1 
ATOM   48   C  CA  . PHE A 1 20  ? -16.444 -2.447  13.198  1.00 44.57  ? 47  PHE A CA  1 
ATOM   49   C  C   . PHE A 1 20  ? -17.486 -3.183  13.991  1.00 44.75  ? 47  PHE A C   1 
ATOM   50   O  O   . PHE A 1 20  ? -18.510 -3.582  13.442  1.00 44.81  ? 47  PHE A O   1 
ATOM   51   C  CB  . PHE A 1 20  ? -16.741 -0.960  13.177  1.00 44.85  ? 47  PHE A CB  1 
ATOM   52   C  CG  . PHE A 1 20  ? -15.621 -0.134  12.655  1.00 46.12  ? 47  PHE A CG  1 
ATOM   53   C  CD1 . PHE A 1 20  ? -14.500 0.095   13.432  1.00 48.20  ? 47  PHE A CD1 1 
ATOM   54   C  CD2 . PHE A 1 20  ? -15.685 0.429   11.392  1.00 47.78  ? 47  PHE A CD2 1 
ATOM   55   C  CE1 . PHE A 1 20  ? -13.447 0.870   12.958  1.00 49.29  ? 47  PHE A CE1 1 
ATOM   56   C  CE2 . PHE A 1 20  ? -14.649 1.209   10.911  1.00 48.96  ? 47  PHE A CE2 1 
ATOM   57   C  CZ  . PHE A 1 20  ? -13.522 1.427   11.690  1.00 49.33  ? 47  PHE A CZ  1 
ATOM   58   N  N   . GLN A 1 21  ? -17.220 -3.362  15.278  1.00 45.25  ? 48  GLN A N   1 
ATOM   59   C  CA  . GLN A 1 21  ? -18.066 -4.174  16.149  1.00 45.76  ? 48  GLN A CA  1 
ATOM   60   C  C   . GLN A 1 21  ? -18.430 -3.442  17.437  1.00 46.24  ? 48  GLN A C   1 
ATOM   61   O  O   . GLN A 1 21  ? -17.620 -2.695  17.998  1.00 45.98  ? 48  GLN A O   1 
ATOM   62   C  CB  . GLN A 1 21  ? -17.338 -5.473  16.496  1.00 45.84  ? 48  GLN A CB  1 
ATOM   63   C  CG  . GLN A 1 21  ? -18.170 -6.472  17.290  1.00 45.89  ? 48  GLN A CG  1 
ATOM   64   C  CD  . GLN A 1 21  ? -17.700 -7.904  17.089  1.00 46.16  ? 48  GLN A CD  1 
ATOM   65   O  OE1 . GLN A 1 21  ? -17.495 -8.349  15.961  1.00 45.58  ? 48  GLN A OE1 1 
ATOM   66   N  NE2 . GLN A 1 21  ? -17.528 -8.633  18.187  1.00 46.82  ? 48  GLN A NE2 1 
ATOM   67   N  N   . SER A 1 22  ? -19.653 -3.678  17.911  1.00 46.95  ? 49  SER A N   1 
ATOM   68   C  CA  . SER A 1 22  ? -20.113 -3.121  19.176  1.00 47.45  ? 49  SER A CA  1 
ATOM   69   C  C   . SER A 1 22  ? -19.769 -1.641  19.278  1.00 48.00  ? 49  SER A C   1 
ATOM   70   O  O   . SER A 1 22  ? -19.145 -1.202  20.245  1.00 48.03  ? 49  SER A O   1 
ATOM   71   C  CB  . SER A 1 22  ? -19.503 -3.895  20.353  1.00 47.48  ? 49  SER A CB  1 
ATOM   72   O  OG  . SER A 1 22  ? -18.136 -3.560  20.547  1.00 47.74  ? 49  SER A OG  1 
ATOM   73   N  N   . MET A 1 23  ? -20.158 -0.876  18.263  1.00 48.75  ? 50  MET A N   1 
ATOM   74   C  CA  . MET A 1 23  ? -19.892 0.551   18.248  1.00 49.34  ? 50  MET A CA  1 
ATOM   75   C  C   . MET A 1 23  ? -21.196 1.335   18.186  1.00 49.74  ? 50  MET A C   1 
ATOM   76   O  O   . MET A 1 23  ? -22.257 0.788   17.868  1.00 49.88  ? 50  MET A O   1 
ATOM   77   C  CB  . MET A 1 23  ? -18.985 0.908   17.071  1.00 49.66  ? 50  MET A CB  1 
ATOM   78   C  CG  . MET A 1 23  ? -17.962 1.996   17.389  1.00 50.48  ? 50  MET A CG  1 
ATOM   79   S  SD  . MET A 1 23  ? -16.527 1.945   16.296  1.00 52.37  ? 50  MET A SD  1 
ATOM   80   C  CE  . MET A 1 23  ? -15.451 3.148   17.088  1.00 52.52  ? 50  MET A CE  1 
ATOM   81   N  N   . ASP A 1 24  ? -21.098 2.623   18.502  1.00 49.99  ? 51  ASP A N   1 
ATOM   82   C  CA  . ASP A 1 24  ? -22.248 3.509   18.509  1.00 50.20  ? 51  ASP A CA  1 
ATOM   83   C  C   . ASP A 1 24  ? -22.257 4.392   17.262  1.00 50.44  ? 51  ASP A C   1 
ATOM   84   O  O   . ASP A 1 24  ? -21.194 4.744   16.744  1.00 50.44  ? 51  ASP A O   1 
ATOM   85   C  CB  . ASP A 1 24  ? -22.261 4.374   19.781  1.00 50.46  ? 51  ASP A CB  1 
ATOM   86   C  CG  . ASP A 1 24  ? -20.906 5.003   20.091  1.00 50.66  ? 51  ASP A CG  1 
ATOM   87   O  OD1 . ASP A 1 24  ? -20.883 6.212   20.422  1.00 50.82  ? 51  ASP A OD1 1 
ATOM   88   O  OD2 . ASP A 1 24  ? -19.878 4.289   20.012  1.00 49.92  ? 51  ASP A OD2 1 
ATOM   89   N  N   . PRO A 1 25  ? -23.462 4.750   16.773  1.00 50.73  ? 52  PRO A N   1 
ATOM   90   C  CA  . PRO A 1 25  ? -23.621 5.639   15.625  1.00 50.79  ? 52  PRO A CA  1 
ATOM   91   C  C   . PRO A 1 25  ? -22.632 6.811   15.583  1.00 50.91  ? 52  PRO A C   1 
ATOM   92   O  O   . PRO A 1 25  ? -21.997 7.021   14.553  1.00 50.97  ? 52  PRO A O   1 
ATOM   93   C  CB  . PRO A 1 25  ? -25.048 6.158   15.796  1.00 50.79  ? 52  PRO A CB  1 
ATOM   94   C  CG  . PRO A 1 25  ? -25.775 5.023   16.443  1.00 50.80  ? 52  PRO A CG  1 
ATOM   95   C  CD  . PRO A 1 25  ? -24.768 4.274   17.277  1.00 50.79  ? 52  PRO A CD  1 
ATOM   96   N  N   . ALA A 1 26  ? -22.495 7.543   16.691  1.00 50.83  ? 53  ALA A N   1 
ATOM   97   C  CA  . ALA A 1 26  ? -21.649 8.750   16.742  1.00 50.85  ? 53  ALA A CA  1 
ATOM   98   C  C   . ALA A 1 26  ? -20.162 8.476   16.495  1.00 50.80  ? 53  ALA A C   1 
ATOM   99   O  O   . ALA A 1 26  ? -19.574 9.025   15.557  1.00 50.80  ? 53  ALA A O   1 
ATOM   100  C  CB  . ALA A 1 26  ? -21.833 9.477   18.075  1.00 50.92  ? 53  ALA A CB  1 
ATOM   101  N  N   . GLU A 1 27  ? -19.551 7.642   17.333  1.00 50.72  ? 54  GLU A N   1 
ATOM   102  C  CA  . GLU A 1 27  ? -18.154 7.246   17.109  1.00 50.73  ? 54  GLU A CA  1 
ATOM   103  C  C   . GLU A 1 27  ? -17.946 6.537   15.758  1.00 50.44  ? 54  GLU A C   1 
ATOM   104  O  O   . GLU A 1 27  ? -16.854 6.605   15.197  1.00 50.42  ? 54  GLU A O   1 
ATOM   105  C  CB  . GLU A 1 27  ? -17.627 6.346   18.238  1.00 50.83  ? 54  GLU A CB  1 
ATOM   106  C  CG  . GLU A 1 27  ? -16.988 7.094   19.413  1.00 51.30  ? 54  GLU A CG  1 
ATOM   107  C  CD  . GLU A 1 27  ? -15.786 6.358   20.027  1.00 52.07  ? 54  GLU A CD  1 
ATOM   108  O  OE1 . GLU A 1 27  ? -15.369 5.294   19.501  1.00 52.10  ? 54  GLU A OE1 1 
ATOM   109  O  OE2 . GLU A 1 27  ? -15.251 6.860   21.040  1.00 51.91  ? 54  GLU A OE2 1 
ATOM   110  N  N   . LEU A 1 28  ? -18.982 5.864   15.250  1.00 50.03  ? 55  LEU A N   1 
ATOM   111  C  CA  . LEU A 1 28  ? -18.888 5.134   13.981  1.00 49.91  ? 55  LEU A CA  1 
ATOM   112  C  C   . LEU A 1 28  ? -19.133 6.025   12.751  1.00 49.79  ? 55  LEU A C   1 
ATOM   113  O  O   . LEU A 1 28  ? -18.563 5.783   11.698  1.00 49.93  ? 55  LEU A O   1 
ATOM   114  C  CB  . LEU A 1 28  ? -19.857 3.943   13.977  1.00 49.86  ? 55  LEU A CB  1 
ATOM   115  C  CG  . LEU A 1 28  ? -19.896 3.085   12.709  1.00 49.60  ? 55  LEU A CG  1 
ATOM   116  C  CD1 . LEU A 1 28  ? -18.502 2.597   12.340  1.00 49.71  ? 55  LEU A CD1 1 
ATOM   117  C  CD2 . LEU A 1 28  ? -20.843 1.916   12.887  1.00 49.40  ? 55  LEU A CD2 1 
ATOM   118  N  N   . SER A 1 29  ? -19.975 7.041   12.887  1.00 49.76  ? 56  SER A N   1 
ATOM   119  C  CA  . SER A 1 29  ? -20.202 8.011   11.816  1.00 49.82  ? 56  SER A CA  1 
ATOM   120  C  C   . SER A 1 29  ? -19.004 8.929   11.578  1.00 49.77  ? 56  SER A C   1 
ATOM   121  O  O   . SER A 1 29  ? -18.721 9.280   10.441  1.00 49.91  ? 56  SER A O   1 
ATOM   122  C  CB  . SER A 1 29  ? -21.427 8.870   12.121  1.00 49.91  ? 56  SER A CB  1 
ATOM   123  O  OG  . SER A 1 29  ? -21.632 9.835   11.104  1.00 50.45  ? 56  SER A OG  1 
ATOM   124  N  N   . THR A 1 30  ? -18.315 9.335   12.642  1.00 49.74  ? 57  THR A N   1 
ATOM   125  C  CA  . THR A 1 30  ? -17.126 10.185  12.498  1.00 49.67  ? 57  THR A CA  1 
ATOM   126  C  C   . THR A 1 30  ? -15.967 9.344   11.986  1.00 49.62  ? 57  THR A C   1 
ATOM   127  O  O   . THR A 1 30  ? -15.235 9.737   11.075  1.00 50.09  ? 57  THR A O   1 
ATOM   128  C  CB  . THR A 1 30  ? -16.711 10.840  13.835  1.00 49.86  ? 57  THR A CB  1 
ATOM   129  O  OG1 . THR A 1 30  ? -16.192 9.839   14.725  1.00 49.84  ? 57  THR A OG1 1 
ATOM   130  C  CG2 . THR A 1 30  ? -17.904 11.580  14.487  1.00 49.42  ? 57  THR A CG2 1 
ATOM   131  N  N   . GLN A 1 31  ? -15.802 8.170   12.572  1.00 49.18  ? 58  GLN A N   1 
ATOM   132  C  CA  . GLN A 1 31  ? -14.826 7.214   12.072  1.00 48.95  ? 58  GLN A CA  1 
ATOM   133  C  C   . GLN A 1 31  ? -14.884 7.106   10.539  1.00 48.37  ? 58  GLN A C   1 
ATOM   134  O  O   . GLN A 1 31  ? -13.839 7.008   9.883   1.00 49.23  ? 58  GLN A O   1 
ATOM   135  C  CB  . GLN A 1 31  ? -15.068 5.840   12.710  1.00 49.11  ? 58  GLN A CB  1 
ATOM   136  C  CG  . GLN A 1 31  ? -13.916 4.860   12.588  1.00 50.40  ? 58  GLN A CG  1 
ATOM   137  C  CD  . GLN A 1 31  ? -12.771 5.181   13.526  1.00 51.63  ? 58  GLN A CD  1 
ATOM   138  O  OE1 . GLN A 1 31  ? -12.197 6.267   13.468  1.00 54.09  ? 58  GLN A OE1 1 
ATOM   139  N  NE2 . GLN A 1 31  ? -12.426 4.234   14.391  1.00 51.75  ? 58  GLN A NE2 1 
ATOM   140  N  N   . LEU A 1 32  ? -16.092 7.129   9.970   1.00 46.90  ? 59  LEU A N   1 
ATOM   141  C  CA  . LEU A 1 32  ? -16.263 6.942   8.533   1.00 45.66  ? 59  LEU A CA  1 
ATOM   142  C  C   . LEU A 1 32  ? -16.400 8.259   7.752   1.00 44.66  ? 59  LEU A C   1 
ATOM   143  O  O   . LEU A 1 32  ? -16.200 8.273   6.536   1.00 44.75  ? 59  LEU A O   1 
ATOM   144  C  CB  . LEU A 1 32  ? -17.461 6.020   8.265   1.00 45.64  ? 59  LEU A CB  1 
ATOM   145  C  CG  . LEU A 1 32  ? -17.249 4.505   8.449   1.00 45.81  ? 59  LEU A CG  1 
ATOM   146  C  CD1 . LEU A 1 32  ? -16.385 4.183   9.669   1.00 46.57  ? 59  LEU A CD1 1 
ATOM   147  C  CD2 . LEU A 1 32  ? -18.585 3.769   8.546   1.00 44.66  ? 59  LEU A CD2 1 
ATOM   148  N  N   . SER A 1 33  ? -16.740 9.351   8.441   1.00 43.25  ? 60  SER A N   1 
ATOM   149  C  CA  . SER A 1 33  ? -16.961 10.656  7.799   1.00 42.15  ? 60  SER A CA  1 
ATOM   150  C  C   . SER A 1 33  ? -15.866 11.683  8.080   1.00 41.14  ? 60  SER A C   1 
ATOM   151  O  O   . SER A 1 33  ? -15.774 12.694  7.375   1.00 40.91  ? 60  SER A O   1 
ATOM   152  C  CB  . SER A 1 33  ? -18.296 11.245  8.249   1.00 42.14  ? 60  SER A CB  1 
ATOM   153  O  OG  . SER A 1 33  ? -19.367 10.411  7.857   1.00 42.78  ? 60  SER A OG  1 
ATOM   154  N  N   . ALA A 1 34  ? -15.055 11.441  9.108   1.00 39.99  ? 61  ALA A N   1 
ATOM   155  C  CA  . ALA A 1 34  ? -13.966 12.349  9.462   1.00 39.24  ? 61  ALA A CA  1 
ATOM   156  C  C   . ALA A 1 34  ? -12.935 12.408  8.326   1.00 38.39  ? 61  ALA A C   1 
ATOM   157  O  O   . ALA A 1 34  ? -12.582 11.379  7.760   1.00 37.99  ? 61  ALA A O   1 
ATOM   158  C  CB  . ALA A 1 34  ? -13.306 11.914  10.759  1.00 39.15  ? 61  ALA A CB  1 
ATOM   159  N  N   . PRO A 1 35  ? -12.488 13.619  7.961   1.00 37.52  ? 62  PRO A N   1 
ATOM   160  C  CA  . PRO A 1 35  ? -11.452 13.764  6.942   1.00 37.16  ? 62  PRO A CA  1 
ATOM   161  C  C   . PRO A 1 35  ? -10.039 13.379  7.411   1.00 36.70  ? 62  PRO A C   1 
ATOM   162  O  O   . PRO A 1 35  ? -9.762  13.324  8.608   1.00 37.22  ? 62  PRO A O   1 
ATOM   163  C  CB  . PRO A 1 35  ? -11.496 15.264  6.612   1.00 37.38  ? 62  PRO A CB  1 
ATOM   164  C  CG  . PRO A 1 35  ? -12.798 15.736  7.088   1.00 37.34  ? 62  PRO A CG  1 
ATOM   165  C  CD  . PRO A 1 35  ? -13.126 14.909  8.270   1.00 37.44  ? 62  PRO A CD  1 
ATOM   166  N  N   . GLY A 1 36  ? -9.151  13.124  6.464   1.00 35.84  ? 63  GLY A N   1 
ATOM   167  C  CA  . GLY A 1 36  ? -7.765  12.826  6.776   1.00 35.50  ? 63  GLY A CA  1 
ATOM   168  C  C   . GLY A 1 36  ? -6.897  13.134  5.576   1.00 35.28  ? 63  GLY A C   1 
ATOM   169  O  O   . GLY A 1 36  ? -7.396  13.224  4.453   1.00 35.10  ? 63  GLY A O   1 
ATOM   170  N  N   . VAL A 1 37  ? -5.606  13.346  5.815   1.00 34.98  ? 64  VAL A N   1 
ATOM   171  C  CA  . VAL A 1 37  ? -4.643  13.436  4.729   1.00 34.87  ? 64  VAL A CA  1 
ATOM   172  C  C   . VAL A 1 37  ? -3.831  12.167  4.744   1.00 34.59  ? 64  VAL A C   1 
ATOM   173  O  O   . VAL A 1 37  ? -3.563  11.622  5.812   1.00 34.80  ? 64  VAL A O   1 
ATOM   174  C  CB  . VAL A 1 37  ? -3.705  14.668  4.806   1.00 34.93  ? 64  VAL A CB  1 
ATOM   175  C  CG1 . VAL A 1 37  ? -4.351  15.851  4.139   1.00 35.37  ? 64  VAL A CG1 1 
ATOM   176  C  CG2 . VAL A 1 37  ? -3.305  15.012  6.240   1.00 35.47  ? 64  VAL A CG2 1 
ATOM   177  N  N   . LEU A 1 38  ? -3.492  11.688  3.544   1.00 34.15  ? 65  LEU A N   1 
ATOM   178  C  CA  . LEU A 1 38  ? -2.592  10.557  3.344   1.00 33.48  ? 65  LEU A CA  1 
ATOM   179  C  C   . LEU A 1 38  ? -1.381  11.008  2.535   1.00 32.88  ? 65  LEU A C   1 
ATOM   180  O  O   . LEU A 1 38  ? -1.511  11.511  1.411   1.00 32.32  ? 65  LEU A O   1 
ATOM   181  C  CB  . LEU A 1 38  ? -3.318  9.427   2.602   1.00 33.62  ? 65  LEU A CB  1 
ATOM   182  C  CG  . LEU A 1 38  ? -3.876  8.274   3.432   1.00 34.29  ? 65  LEU A CG  1 
ATOM   183  C  CD1 . LEU A 1 38  ? -4.076  8.669   4.901   1.00 35.53  ? 65  LEU A CD1 1 
ATOM   184  C  CD2 . LEU A 1 38  ? -5.176  7.796   2.842   1.00 33.26  ? 65  LEU A CD2 1 
ATOM   185  N  N   . LYS A 1 39  ? -0.198  10.835  3.111   1.00 32.37  ? 66  LYS A N   1 
ATOM   186  C  CA  . LYS A 1 39  ? 1.036   11.103  2.382   1.00 32.08  ? 66  LYS A CA  1 
ATOM   187  C  C   . LYS A 1 39  ? 1.349   9.924   1.445   1.00 31.15  ? 66  LYS A C   1 
ATOM   188  O  O   . LYS A 1 39  ? 1.711   8.854   1.907   1.00 30.67  ? 66  LYS A O   1 
ATOM   189  C  CB  . LYS A 1 39  ? 2.179   11.326  3.360   1.00 32.16  ? 66  LYS A CB  1 
ATOM   190  C  CG  . LYS A 1 39  ? 1.990   12.520  4.278   1.00 33.62  ? 66  LYS A CG  1 
ATOM   191  C  CD  . LYS A 1 39  ? 3.239   12.751  5.145   1.00 35.58  ? 66  LYS A CD  1 
ATOM   192  C  CE  . LYS A 1 39  ? 3.016   13.807  6.213   1.00 36.98  ? 66  LYS A CE  1 
ATOM   193  N  NZ  . LYS A 1 39  ? 4.039   13.716  7.317   1.00 38.04  ? 66  LYS A NZ  1 
ATOM   194  N  N   . VAL A 1 40  ? 1.196   10.129  0.139   1.00 30.27  ? 67  VAL A N   1 
ATOM   195  C  CA  . VAL A 1 40  ? 1.415   9.065   -0.842  1.00 29.99  ? 67  VAL A CA  1 
ATOM   196  C  C   . VAL A 1 40  ? 2.748   9.257   -1.586  1.00 29.78  ? 67  VAL A C   1 
ATOM   197  O  O   . VAL A 1 40  ? 2.941   10.227  -2.313  1.00 29.41  ? 67  VAL A O   1 
ATOM   198  C  CB  . VAL A 1 40  ? 0.253   8.977   -1.860  1.00 29.93  ? 67  VAL A CB  1 
ATOM   199  C  CG1 . VAL A 1 40  ? 0.529   7.914   -2.885  1.00 28.95  ? 67  VAL A CG1 1 
ATOM   200  C  CG2 . VAL A 1 40  ? -1.086  8.692   -1.142  1.00 30.23  ? 67  VAL A CG2 1 
ATOM   201  N  N   . PHE A 1 41  ? 3.653   8.303   -1.401  1.00 29.54  ? 68  PHE A N   1 
ATOM   202  C  CA  . PHE A 1 41  ? 4.978   8.355   -1.995  1.00 29.07  ? 68  PHE A CA  1 
ATOM   203  C  C   . PHE A 1 41  ? 4.960   7.563   -3.276  1.00 29.15  ? 68  PHE A C   1 
ATOM   204  O  O   . PHE A 1 41  ? 3.925   7.022   -3.659  1.00 29.21  ? 68  PHE A O   1 
ATOM   205  C  CB  . PHE A 1 41  ? 6.018   7.790   -1.036  1.00 28.75  ? 68  PHE A CB  1 
ATOM   206  C  CG  . PHE A 1 41  ? 6.127   8.557   0.256   1.00 28.65  ? 68  PHE A CG  1 
ATOM   207  C  CD1 . PHE A 1 41  ? 7.233   9.364   0.512   1.00 29.27  ? 68  PHE A CD1 1 
ATOM   208  C  CD2 . PHE A 1 41  ? 5.125   8.483   1.215   1.00 27.80  ? 68  PHE A CD2 1 
ATOM   209  C  CE1 . PHE A 1 41  ? 7.340   10.078  1.721   1.00 29.24  ? 68  PHE A CE1 1 
ATOM   210  C  CE2 . PHE A 1 41  ? 5.218   9.192   2.416   1.00 28.78  ? 68  PHE A CE2 1 
ATOM   211  C  CZ  . PHE A 1 41  ? 6.328   9.985   2.676   1.00 28.30  ? 68  PHE A CZ  1 
ATOM   212  N  N   . GLY A 1 42  ? 6.097   7.542   -3.963  1.00 29.43  ? 69  GLY A N   1 
ATOM   213  C  CA  . GLY A 1 42  ? 6.284   6.718   -5.141  1.00 29.52  ? 69  GLY A CA  1 
ATOM   214  C  C   . GLY A 1 42  ? 7.263   5.621   -4.799  1.00 30.03  ? 69  GLY A C   1 
ATOM   215  O  O   . GLY A 1 42  ? 7.641   5.447   -3.630  1.00 29.36  ? 69  GLY A O   1 
ATOM   216  N  N   . ASP A 1 43  ? 7.696   4.896   -5.829  1.00 31.00  ? 70  ASP A N   1 
ATOM   217  C  CA  . ASP A 1 43  ? 8.605   3.755   -5.666  1.00 31.49  ? 70  ASP A CA  1 
ATOM   218  C  C   . ASP A 1 43  ? 9.794   4.100   -4.761  1.00 31.53  ? 70  ASP A C   1 
ATOM   219  O  O   . ASP A 1 43  ? 10.057  3.373   -3.792  1.00 31.89  ? 70  ASP A O   1 
ATOM   220  C  CB  . ASP A 1 43  ? 9.105   3.261   -7.030  1.00 31.73  ? 70  ASP A CB  1 
ATOM   221  C  CG  . ASP A 1 43  ? 9.894   1.956   -6.932  1.00 32.21  ? 70  ASP A CG  1 
ATOM   222  O  OD1 . ASP A 1 43  ? 9.800   1.250   -5.897  1.00 32.95  ? 70  ASP A OD1 1 
ATOM   223  O  OD2 . ASP A 1 43  ? 10.602  1.638   -7.909  1.00 31.74  ? 70  ASP A OD2 1 
ATOM   224  N  N   . SER A 1 44  ? 10.497  5.186   -5.103  1.00 31.03  ? 71  SER A N   1 
ATOM   225  C  CA  . SER A 1 44  ? 11.521  5.809   -4.254  1.00 31.15  ? 71  SER A CA  1 
ATOM   226  C  C   . SER A 1 44  ? 12.713  6.357   -5.075  1.00 31.11  ? 71  SER A C   1 
ATOM   227  O  O   . SER A 1 44  ? 13.605  5.613   -5.510  1.00 30.52  ? 71  SER A O   1 
ATOM   228  C  CB  . SER A 1 44  ? 12.024  4.870   -3.148  1.00 31.18  ? 71  SER A CB  1 
ATOM   229  O  OG  . SER A 1 44  ? 13.177  5.403   -2.515  1.00 32.32  ? 71  SER A OG  1 
ATOM   230  N  N   . THR A 1 47  ? 12.143  7.009   -7.725  1.00 44.58  ? 74  THR A N   1 
ATOM   231  C  CA  . THR A 1 47  ? 11.474  8.233   -8.136  1.00 44.51  ? 74  THR A CA  1 
ATOM   232  C  C   . THR A 1 47  ? 11.043  9.080   -6.923  1.00 44.31  ? 74  THR A C   1 
ATOM   233  O  O   . THR A 1 47  ? 9.843   9.327   -6.719  1.00 44.23  ? 74  THR A O   1 
ATOM   234  C  CB  . THR A 1 47  ? 10.242  7.909   -9.015  1.00 44.62  ? 74  THR A CB  1 
ATOM   235  N  N   . GLY A 1 48  ? 12.026  9.493   -6.116  1.00 43.81  ? 75  GLY A N   1 
ATOM   236  C  CA  . GLY A 1 48  ? 11.820  10.511  -5.066  1.00 43.39  ? 75  GLY A CA  1 
ATOM   237  C  C   . GLY A 1 48  ? 11.826  10.087  -3.597  1.00 42.93  ? 75  GLY A C   1 
ATOM   238  O  O   . GLY A 1 48  ? 11.857  8.903   -3.265  1.00 42.97  ? 75  GLY A O   1 
ATOM   239  N  N   . THR A 1 49  ? 11.846  11.095  -2.725  1.00 42.47  ? 76  THR A N   1 
ATOM   240  C  CA  . THR A 1 49  ? 11.550  10.965  -1.289  1.00 42.13  ? 76  THR A CA  1 
ATOM   241  C  C   . THR A 1 49  ? 10.351  11.882  -0.965  1.00 41.93  ? 76  THR A C   1 
ATOM   242  O  O   . THR A 1 49  ? 10.009  12.121  0.208   1.00 41.65  ? 76  THR A O   1 
ATOM   243  C  CB  . THR A 1 49  ? 12.761  11.390  -0.392  1.00 42.33  ? 76  THR A CB  1 
ATOM   244  O  OG1 . THR A 1 49  ? 12.585  12.737  0.078   1.00 42.06  ? 76  THR A OG1 1 
ATOM   245  C  CG2 . THR A 1 49  ? 14.109  11.277  -1.147  1.00 41.97  ? 76  THR A CG2 1 
ATOM   246  N  N   . HIS A 1 50  ? 9.716   12.383  -2.025  1.00 41.51  ? 77  HIS A N   1 
ATOM   247  C  CA  . HIS A 1 50  ? 8.724   13.432  -1.925  1.00 41.16  ? 77  HIS A CA  1 
ATOM   248  C  C   . HIS A 1 50  ? 7.354   12.822  -2.059  1.00 40.65  ? 77  HIS A C   1 
ATOM   249  O  O   . HIS A 1 50  ? 7.128   11.917  -2.864  1.00 40.60  ? 77  HIS A O   1 
ATOM   250  C  CB  . HIS A 1 50  ? 8.936   14.478  -3.020  1.00 41.53  ? 77  HIS A CB  1 
ATOM   251  C  CG  . HIS A 1 50  ? 10.268  15.165  -2.961  1.00 41.81  ? 77  HIS A CG  1 
ATOM   252  N  ND1 . HIS A 1 50  ? 11.459  14.474  -2.867  1.00 42.93  ? 77  HIS A ND1 1 
ATOM   253  C  CD2 . HIS A 1 50  ? 10.599  16.476  -3.018  1.00 43.31  ? 77  HIS A CD2 1 
ATOM   254  C  CE1 . HIS A 1 50  ? 12.465  15.333  -2.853  1.00 44.13  ? 77  HIS A CE1 1 
ATOM   255  N  NE2 . HIS A 1 50  ? 11.971  16.555  -2.941  1.00 44.03  ? 77  HIS A NE2 1 
ATOM   256  N  N   . TYR A 1 51  ? 6.434   13.342  -1.262  1.00 40.08  ? 78  TYR A N   1 
ATOM   257  C  CA  . TYR A 1 51  ? 5.104   12.789  -1.146  1.00 39.45  ? 78  TYR A CA  1 
ATOM   258  C  C   . TYR A 1 51  ? 4.105   13.836  -1.567  1.00 39.02  ? 78  TYR A C   1 
ATOM   259  O  O   . TYR A 1 51  ? 4.381   15.028  -1.525  1.00 39.20  ? 78  TYR A O   1 
ATOM   260  C  CB  . TYR A 1 51  ? 4.841   12.387  0.299   1.00 39.40  ? 78  TYR A CB  1 
ATOM   261  C  CG  . TYR A 1 51  ? 4.838   13.549  1.256   1.00 39.49  ? 78  TYR A CG  1 
ATOM   262  C  CD1 . TYR A 1 51  ? 3.684   14.296  1.471   1.00 40.41  ? 78  TYR A CD1 1 
ATOM   263  C  CD2 . TYR A 1 51  ? 5.991   13.915  1.938   1.00 40.18  ? 78  TYR A CD2 1 
ATOM   264  C  CE1 . TYR A 1 51  ? 3.679   15.376  2.350   1.00 40.59  ? 78  TYR A CE1 1 
ATOM   265  C  CE2 . TYR A 1 51  ? 5.998   14.992  2.814   1.00 40.47  ? 78  TYR A CE2 1 
ATOM   266  C  CZ  . TYR A 1 51  ? 4.837   15.713  3.017   1.00 40.49  ? 78  TYR A CZ  1 
ATOM   267  O  OH  . TYR A 1 51  ? 4.837   16.771  3.885   1.00 41.27  ? 78  TYR A OH  1 
ATOM   268  N  N   . LYS A 1 52  ? 2.934   13.382  -1.966  1.00 38.52  ? 79  LYS A N   1 
ATOM   269  C  CA  . LYS A 1 52  ? 1.830   14.268  -2.248  1.00 38.15  ? 79  LYS A CA  1 
ATOM   270  C  C   . LYS A 1 52  ? 0.760   13.953  -1.230  1.00 37.40  ? 79  LYS A C   1 
ATOM   271  O  O   . LYS A 1 52  ? 0.441   12.795  -1.024  1.00 38.30  ? 79  LYS A O   1 
ATOM   272  C  CB  . LYS A 1 52  ? 1.333   14.026  -3.668  1.00 38.30  ? 79  LYS A CB  1 
ATOM   273  C  CG  . LYS A 1 52  ? 2.348   14.450  -4.747  1.00 38.97  ? 79  LYS A CG  1 
ATOM   274  C  CD  . LYS A 1 52  ? 2.040   15.833  -5.304  1.00 39.45  ? 79  LYS A CD  1 
ATOM   275  C  CE  . LYS A 1 52  ? 2.991   16.236  -6.419  1.00 40.20  ? 79  LYS A CE  1 
ATOM   276  N  NZ  . LYS A 1 52  ? 4.183   16.984  -5.914  1.00 41.33  ? 79  LYS A NZ  1 
ATOM   277  N  N   . SER A 1 53  ? 0.230   14.974  -0.572  1.00 36.52  ? 80  SER A N   1 
ATOM   278  C  CA  . SER A 1 53  ? -0.842  14.797  0.399   1.00 35.73  ? 80  SER A CA  1 
ATOM   279  C  C   . SER A 1 53  ? -2.144  14.524  -0.345  1.00 35.07  ? 80  SER A C   1 
ATOM   280  O  O   . SER A 1 53  ? -2.504  15.263  -1.272  1.00 35.20  ? 80  SER A O   1 
ATOM   281  C  CB  . SER A 1 53  ? -0.981  16.037  1.284   1.00 35.75  ? 80  SER A CB  1 
ATOM   282  O  OG  . SER A 1 53  ? 0.179   16.232  2.086   1.00 35.65  ? 80  SER A OG  1 
ATOM   283  N  N   . VAL A 1 54  ? -2.835  13.457  0.054   1.00 33.82  ? 81  VAL A N   1 
ATOM   284  C  CA  . VAL A 1 54  ? -4.083  13.045  -0.577  1.00 32.76  ? 81  VAL A CA  1 
ATOM   285  C  C   . VAL A 1 54  ? -5.216  13.060  0.441   1.00 32.11  ? 81  VAL A C   1 
ATOM   286  O  O   . VAL A 1 54  ? -5.105  12.477  1.522   1.00 32.06  ? 81  VAL A O   1 
ATOM   287  C  CB  . VAL A 1 54  ? -3.961  11.634  -1.197  1.00 32.54  ? 81  VAL A CB  1 
ATOM   288  C  CG1 . VAL A 1 54  ? -5.320  11.051  -1.425  1.00 32.61  ? 81  VAL A CG1 1 
ATOM   289  C  CG2 . VAL A 1 54  ? -3.185  11.685  -2.509  1.00 31.57  ? 81  VAL A CG2 1 
ATOM   290  N  N   . LEU A 1 55  ? -6.305  13.729  0.085   1.00 31.37  ? 82  LEU A N   1 
ATOM   291  C  CA  . LEU A 1 55  ? -7.450  13.879  0.981   1.00 30.75  ? 82  LEU A CA  1 
ATOM   292  C  C   . LEU A 1 55  ? -8.290  12.621  1.008   1.00 30.36  ? 82  LEU A C   1 
ATOM   293  O  O   . LEU A 1 55  ? -8.512  12.004  -0.013  1.00 30.65  ? 82  LEU A O   1 
ATOM   294  C  CB  . LEU A 1 55  ? -8.324  15.053  0.551   1.00 30.48  ? 82  LEU A CB  1 
ATOM   295  C  CG  . LEU A 1 55  ? -7.852  16.460  0.917   1.00 30.33  ? 82  LEU A CG  1 
ATOM   296  C  CD1 . LEU A 1 55  ? -9.073  17.302  1.289   1.00 29.29  ? 82  LEU A CD1 1 
ATOM   297  C  CD2 . LEU A 1 55  ? -6.828  16.474  2.058   1.00 29.58  ? 82  LEU A CD2 1 
ATOM   298  N  N   . ALA A 1 56  ? -8.771  12.256  2.184   1.00 29.90  ? 83  ALA A N   1 
ATOM   299  C  CA  . ALA A 1 56  ? -9.513  11.020  2.340   1.00 29.82  ? 83  ALA A CA  1 
ATOM   300  C  C   . ALA A 1 56  ? -10.577 11.135  3.447   1.00 29.50  ? 83  ALA A C   1 
ATOM   301  O  O   . ALA A 1 56  ? -10.632 12.130  4.163   1.00 29.03  ? 83  ALA A O   1 
ATOM   302  C  CB  . ALA A 1 56  ? -8.536  9.865   2.633   1.00 29.67  ? 83  ALA A CB  1 
ATOM   303  N  N   . THR A 1 57  ? -11.459 10.141  3.524   1.00 29.07  ? 84  THR A N   1 
ATOM   304  C  CA  . THR A 1 57  ? -12.266 9.923   4.712   1.00 29.09  ? 84  THR A CA  1 
ATOM   305  C  C   . THR A 1 57  ? -12.180 8.437   4.980   1.00 29.00  ? 84  THR A C   1 
ATOM   306  O  O   . THR A 1 57  ? -11.646 7.702   4.164   1.00 29.16  ? 84  THR A O   1 
ATOM   307  C  CB  . THR A 1 57  ? -13.750 10.369  4.545   1.00 29.00  ? 84  THR A CB  1 
ATOM   308  O  OG1 . THR A 1 57  ? -14.437 9.460   3.677   1.00 30.44  ? 84  THR A OG1 1 
ATOM   309  C  CG2 . THR A 1 57  ? -13.850 11.759  3.970   1.00 27.68  ? 84  THR A CG2 1 
ATOM   310  N  N   . GLY A 1 58  ? -12.698 7.991   6.118   1.00 29.26  ? 85  GLY A N   1 
ATOM   311  C  CA  . GLY A 1 58  ? -12.745 6.559   6.423   1.00 29.36  ? 85  GLY A CA  1 
ATOM   312  C  C   . GLY A 1 58  ? -13.539 5.724   5.426   1.00 29.37  ? 85  GLY A C   1 
ATOM   313  O  O   . GLY A 1 58  ? -13.497 4.499   5.467   1.00 29.85  ? 85  GLY A O   1 
ATOM   314  N  N   . THR A 1 59  ? -14.272 6.377   4.534   1.00 29.16  ? 86  THR A N   1 
ATOM   315  C  CA  . THR A 1 59  ? -15.020 5.686   3.487   1.00 29.23  ? 86  THR A CA  1 
ATOM   316  C  C   . THR A 1 59  ? -14.250 5.546   2.162   1.00 29.11  ? 86  THR A C   1 
ATOM   317  O  O   . THR A 1 59  ? -14.613 4.716   1.324   1.00 29.39  ? 86  THR A O   1 
ATOM   318  C  CB  . THR A 1 59  ? -16.332 6.431   3.212   1.00 28.96  ? 86  THR A CB  1 
ATOM   319  O  OG1 . THR A 1 59  ? -17.079 6.500   4.428   1.00 30.29  ? 86  THR A OG1 1 
ATOM   320  C  CG2 . THR A 1 59  ? -17.146 5.731   2.152   1.00 28.82  ? 86  THR A CG2 1 
ATOM   321  N  N   . SER A 1 60  ? -13.205 6.352   1.968   1.00 28.67  ? 87  SER A N   1 
ATOM   322  C  CA  . SER A 1 60  ? -12.449 6.337   0.725   1.00 28.50  ? 87  SER A CA  1 
ATOM   323  C  C   . SER A 1 60  ? -11.818 4.975   0.443   1.00 28.49  ? 87  SER A C   1 
ATOM   324  O  O   . SER A 1 60  ? -11.075 4.448   1.260   1.00 28.59  ? 87  SER A O   1 
ATOM   325  C  CB  . SER A 1 60  ? -11.359 7.408   0.744   1.00 28.83  ? 87  SER A CB  1 
ATOM   326  O  OG  . SER A 1 60  ? -11.908 8.709   0.917   1.00 29.24  ? 87  SER A OG  1 
ATOM   327  N  N   . SER A 1 61  ? -12.122 4.410   -0.722  1.00 28.58  ? 88  SER A N   1 
ATOM   328  C  CA  . SER A 1 61  ? -11.533 3.149   -1.142  1.00 28.79  ? 88  SER A CA  1 
ATOM   329  C  C   . SER A 1 61  ? -10.105 3.354   -1.667  1.00 29.27  ? 88  SER A C   1 
ATOM   330  O  O   . SER A 1 61  ? -9.705  4.472   -1.995  1.00 28.93  ? 88  SER A O   1 
ATOM   331  C  CB  . SER A 1 61  ? -12.409 2.480   -2.208  1.00 28.75  ? 88  SER A CB  1 
ATOM   332  O  OG  . SER A 1 61  ? -12.441 3.238   -3.402  1.00 29.17  ? 88  SER A OG  1 
ATOM   333  N  N   . ALA A 1 62  ? -9.335  2.269   -1.737  1.00 29.68  ? 89  ALA A N   1 
ATOM   334  C  CA  . ALA A 1 62  ? -7.986  2.326   -2.310  1.00 29.93  ? 89  ALA A CA  1 
ATOM   335  C  C   . ALA A 1 62  ? -8.020  2.758   -3.788  1.00 30.30  ? 89  ALA A C   1 
ATOM   336  O  O   . ALA A 1 62  ? -7.140  3.480   -4.239  1.00 30.01  ? 89  ALA A O   1 
ATOM   337  C  CB  . ALA A 1 62  ? -7.287  0.982   -2.161  1.00 29.59  ? 89  ALA A CB  1 
ATOM   338  N  N   . ARG A 1 63  ? -9.039  2.317   -4.529  1.00 30.93  ? 90  ARG A N   1 
ATOM   339  C  CA  . ARG A 1 63  ? -9.209  2.691   -5.944  1.00 31.62  ? 90  ARG A CA  1 
ATOM   340  C  C   . ARG A 1 63  ? -9.494  4.181   -6.142  1.00 31.59  ? 90  ARG A C   1 
ATOM   341  O  O   . ARG A 1 63  ? -8.955  4.803   -7.047  1.00 31.72  ? 90  ARG A O   1 
ATOM   342  C  CB  . ARG A 1 63  ? -10.337 1.869   -6.585  1.00 32.16  ? 90  ARG A CB  1 
ATOM   343  C  CG  . ARG A 1 63  ? -10.787 2.371   -7.942  1.00 34.21  ? 90  ARG A CG  1 
ATOM   344  C  CD  . ARG A 1 63  ? -11.562 1.332   -8.747  1.00 37.17  ? 90  ARG A CD  1 
ATOM   345  N  NE  . ARG A 1 63  ? -11.368 1.577   -10.184 1.00 40.62  ? 90  ARG A NE  1 
ATOM   346  C  CZ  . ARG A 1 63  ? -10.334 1.139   -10.912 1.00 42.83  ? 90  ARG A CZ  1 
ATOM   347  N  NH1 . ARG A 1 63  ? -9.372  0.383   -10.366 1.00 43.80  ? 90  ARG A NH1 1 
ATOM   348  N  NH2 . ARG A 1 63  ? -10.264 1.443   -12.209 1.00 43.00  ? 90  ARG A NH2 1 
ATOM   349  N  N   . GLU A 1 64  ? -10.357 4.746   -5.308  1.00 31.84  ? 91  GLU A N   1 
ATOM   350  C  CA  . GLU A 1 64  ? -10.625 6.180   -5.343  1.00 31.98  ? 91  GLU A CA  1 
ATOM   351  C  C   . GLU A 1 64  ? -9.356  6.968   -5.023  1.00 31.62  ? 91  GLU A C   1 
ATOM   352  O  O   . GLU A 1 64  ? -9.024  7.931   -5.714  1.00 31.59  ? 91  GLU A O   1 
ATOM   353  C  CB  . GLU A 1 64  ? -11.722 6.538   -4.342  1.00 32.34  ? 91  GLU A CB  1 
ATOM   354  C  CG  . GLU A 1 64  ? -13.118 6.021   -4.708  1.00 33.13  ? 91  GLU A CG  1 
ATOM   355  C  CD  . GLU A 1 64  ? -14.111 6.111   -3.541  1.00 35.00  ? 91  GLU A CD  1 
ATOM   356  O  OE1 . GLU A 1 64  ? -13.666 6.238   -2.379  1.00 35.40  ? 91  GLU A OE1 1 
ATOM   357  O  OE2 . GLU A 1 64  ? -15.337 6.045   -3.783  1.00 36.38  ? 91  GLU A OE2 1 
ATOM   358  N  N   . LEU A 1 65  ? -8.650  6.534   -3.982  1.00 31.22  ? 92  LEU A N   1 
ATOM   359  C  CA  . LEU A 1 65  ? -7.391  7.153   -3.558  1.00 31.14  ? 92  LEU A CA  1 
ATOM   360  C  C   . LEU A 1 65  ? -6.208  6.978   -4.538  1.00 31.05  ? 92  LEU A C   1 
ATOM   361  O  O   . LEU A 1 65  ? -5.338  7.842   -4.583  1.00 31.00  ? 92  LEU A O   1 
ATOM   362  C  CB  . LEU A 1 65  ? -6.991  6.641   -2.170  1.00 31.02  ? 92  LEU A CB  1 
ATOM   363  C  CG  . LEU A 1 65  ? -7.908  7.068   -1.020  1.00 31.92  ? 92  LEU A CG  1 
ATOM   364  C  CD1 . LEU A 1 65  ? -7.487  6.437   0.315   1.00 32.40  ? 92  LEU A CD1 1 
ATOM   365  C  CD2 . LEU A 1 65  ? -7.942  8.578   -0.899  1.00 32.06  ? 92  LEU A CD2 1 
ATOM   366  N  N   . VAL A 1 66  ? -6.155  5.883   -5.298  1.00 31.11  ? 93  VAL A N   1 
ATOM   367  C  CA  . VAL A 1 66  ? -5.175  5.763   -6.394  1.00 31.36  ? 93  VAL A CA  1 
ATOM   368  C  C   . VAL A 1 66  ? -5.442  6.857   -7.452  1.00 32.09  ? 93  VAL A C   1 
ATOM   369  O  O   . VAL A 1 66  ? -4.529  7.576   -7.853  1.00 31.54  ? 93  VAL A O   1 
ATOM   370  C  CB  . VAL A 1 66  ? -5.197  4.354   -7.058  1.00 31.31  ? 93  VAL A CB  1 
ATOM   371  C  CG1 . VAL A 1 66  ? -4.316  4.321   -8.305  1.00 30.67  ? 93  VAL A CG1 1 
ATOM   372  C  CG2 . VAL A 1 66  ? -4.746  3.279   -6.078  1.00 30.28  ? 93  VAL A CG2 1 
ATOM   373  N  N   . LYS A 1 67  ? -6.701  6.980   -7.880  1.00 33.22  ? 94  LYS A N   1 
ATOM   374  C  CA  . LYS A 1 67  ? -7.135  8.072   -8.772  1.00 34.08  ? 94  LYS A CA  1 
ATOM   375  C  C   . LYS A 1 67  ? -6.753  9.470   -8.277  1.00 34.48  ? 94  LYS A C   1 
ATOM   376  O  O   . LYS A 1 67  ? -6.172  10.251  -9.038  1.00 35.26  ? 94  LYS A O   1 
ATOM   377  C  CB  . LYS A 1 67  ? -8.647  8.021   -9.016  1.00 34.19  ? 94  LYS A CB  1 
ATOM   378  C  CG  . LYS A 1 67  ? -9.057  7.032   -10.087 1.00 35.89  ? 94  LYS A CG  1 
ATOM   379  C  CD  . LYS A 1 67  ? -10.513 6.569   -9.939  1.00 38.05  ? 94  LYS A CD  1 
ATOM   380  C  CE  . LYS A 1 67  ? -10.854 5.486   -10.988 1.00 39.67  ? 94  LYS A CE  1 
ATOM   381  N  NZ  . LYS A 1 67  ? -12.134 4.752   -10.712 1.00 40.69  ? 94  LYS A NZ  1 
ATOM   382  N  N   . GLU A 1 68  ? -7.069  9.801   -7.028  1.00 34.54  ? 95  GLU A N   1 
ATOM   383  C  CA  . GLU A 1 68  ? -6.663  11.099  -6.501  1.00 35.21  ? 95  GLU A CA  1 
ATOM   384  C  C   . GLU A 1 68  ? -5.139  11.262  -6.514  1.00 35.23  ? 95  GLU A C   1 
ATOM   385  O  O   . GLU A 1 68  ? -4.626  12.301  -6.902  1.00 35.47  ? 95  GLU A O   1 
ATOM   386  C  CB  . GLU A 1 68  ? -7.208  11.345  -5.089  1.00 35.58  ? 95  GLU A CB  1 
ATOM   387  C  CG  . GLU A 1 68  ? -6.684  12.667  -4.473  1.00 37.94  ? 95  GLU A CG  1 
ATOM   388  C  CD  . GLU A 1 68  ? -7.511  13.197  -3.295  1.00 40.88  ? 95  GLU A CD  1 
ATOM   389  O  OE1 . GLU A 1 68  ? -8.273  12.399  -2.682  1.00 42.48  ? 95  GLU A OE1 1 
ATOM   390  O  OE2 . GLU A 1 68  ? -7.386  14.420  -2.994  1.00 40.88  ? 95  GLU A OE2 1 
ATOM   391  N  N   . ALA A 1 69  ? -4.418  10.232  -6.098  1.00 35.62  ? 96  ALA A N   1 
ATOM   392  C  CA  . ALA A 1 69  ? -2.961  10.281  -6.066  1.00 35.96  ? 96  ALA A CA  1 
ATOM   393  C  C   . ALA A 1 69  ? -2.330  10.558  -7.453  1.00 36.67  ? 96  ALA A C   1 
ATOM   394  O  O   . ALA A 1 69  ? -1.379  11.349  -7.566  1.00 36.58  ? 96  ALA A O   1 
ATOM   395  C  CB  . ALA A 1 69  ? -2.418  9.010   -5.480  1.00 35.47  ? 96  ALA A CB  1 
ATOM   396  N  N   . LEU A 1 70  ? -2.859  9.935   -8.501  1.00 37.23  ? 97  LEU A N   1 
ATOM   397  C  CA  . LEU A 1 70  ? -2.293  10.120  -9.837  1.00 37.89  ? 97  LEU A CA  1 
ATOM   398  C  C   . LEU A 1 70  ? -2.601  11.516  -10.364 1.00 38.60  ? 97  LEU A C   1 
ATOM   399  O  O   . LEU A 1 70  ? -1.738  12.168  -10.958 1.00 38.57  ? 97  LEU A O   1 
ATOM   400  C  CB  . LEU A 1 70  ? -2.789  9.040   -10.807 1.00 38.05  ? 97  LEU A CB  1 
ATOM   401  C  CG  . LEU A 1 70  ? -2.079  7.681   -10.679 1.00 37.63  ? 97  LEU A CG  1 
ATOM   402  C  CD1 . LEU A 1 70  ? -2.864  6.607   -11.376 1.00 36.76  ? 97  LEU A CD1 1 
ATOM   403  C  CD2 . LEU A 1 70  ? -0.657  7.758   -11.242 1.00 36.78  ? 97  LEU A CD2 1 
ATOM   404  N  N   . GLU A 1 71  ? -3.829  11.970  -10.124 1.00 39.36  ? 98  GLU A N   1 
ATOM   405  C  CA  . GLU A 1 71  ? -4.234  13.331  -10.449 1.00 39.69  ? 98  GLU A CA  1 
ATOM   406  C  C   . GLU A 1 71  ? -3.260  14.317  -9.820  1.00 40.04  ? 98  GLU A C   1 
ATOM   407  O  O   . GLU A 1 71  ? -2.770  15.231  -10.496 1.00 40.13  ? 98  GLU A O   1 
ATOM   408  C  CB  . GLU A 1 71  ? -5.662  13.585  -9.950  1.00 39.75  ? 98  GLU A CB  1 
ATOM   409  C  CG  . GLU A 1 71  ? -6.241  14.968  -10.253 1.00 40.36  ? 98  GLU A CG  1 
ATOM   410  C  CD  . GLU A 1 71  ? -6.597  15.181  -11.724 1.00 41.42  ? 98  GLU A CD  1 
ATOM   411  O  OE1 . GLU A 1 71  ? -7.541  15.960  -11.994 1.00 43.30  ? 98  GLU A OE1 1 
ATOM   412  O  OE2 . GLU A 1 71  ? -5.946  14.590  -12.611 1.00 41.13  ? 98  GLU A OE2 1 
ATOM   413  N  N   . ARG A 1 72  ? -2.948  14.107  -8.543  1.00 40.33  ? 99  ARG A N   1 
ATOM   414  C  CA  . ARG A 1 72  ? -2.045  15.008  -7.813  1.00 40.91  ? 99  ARG A CA  1 
ATOM   415  C  C   . ARG A 1 72  ? -0.560  14.877  -8.190  1.00 40.96  ? 99  ARG A C   1 
ATOM   416  O  O   . ARG A 1 72  ? 0.205   15.826  -8.028  1.00 40.83  ? 99  ARG A O   1 
ATOM   417  C  CB  . ARG A 1 72  ? -2.216  14.844  -6.301  1.00 41.25  ? 99  ARG A CB  1 
ATOM   418  C  CG  . ARG A 1 72  ? -3.407  15.607  -5.733  1.00 42.33  ? 99  ARG A CG  1 
ATOM   419  C  CD  . ARG A 1 72  ? -3.367  15.654  -4.209  1.00 44.13  ? 99  ARG A CD  1 
ATOM   420  N  NE  . ARG A 1 72  ? -2.091  16.163  -3.691  1.00 45.31  ? 99  ARG A NE  1 
ATOM   421  C  CZ  . ARG A 1 72  ? -1.704  17.443  -3.701  1.00 44.85  ? 99  ARG A CZ  1 
ATOM   422  N  NH1 . ARG A 1 72  ? -2.487  18.391  -4.211  1.00 44.68  ? 99  ARG A NH1 1 
ATOM   423  N  NH2 . ARG A 1 72  ? -0.513  17.774  -3.202  1.00 44.40  ? 99  ARG A NH2 1 
ATOM   424  N  N   . TYR A 1 73  ? -0.156  13.715  -8.694  1.00 41.16  ? 100 TYR A N   1 
ATOM   425  C  CA  . TYR A 1 73  ? 1.198   13.545  -9.232  1.00 40.95  ? 100 TYR A CA  1 
ATOM   426  C  C   . TYR A 1 73  ? 1.331   14.123  -10.640 1.00 41.12  ? 100 TYR A C   1 
ATOM   427  O  O   . TYR A 1 73  ? 2.413   14.066  -11.237 1.00 41.24  ? 100 TYR A O   1 
ATOM   428  C  CB  . TYR A 1 73  ? 1.631   12.064  -9.200  1.00 40.92  ? 100 TYR A CB  1 
ATOM   429  C  CG  . TYR A 1 73  ? 2.364   11.707  -7.925  1.00 40.74  ? 100 TYR A CG  1 
ATOM   430  C  CD1 . TYR A 1 73  ? 3.618   12.227  -7.675  1.00 41.01  ? 100 TYR A CD1 1 
ATOM   431  C  CD2 . TYR A 1 73  ? 1.801   10.882  -6.963  1.00 40.45  ? 100 TYR A CD2 1 
ATOM   432  C  CE1 . TYR A 1 73  ? 4.299   11.936  -6.518  1.00 40.93  ? 100 TYR A CE1 1 
ATOM   433  C  CE2 . TYR A 1 73  ? 2.480   10.592  -5.791  1.00 40.61  ? 100 TYR A CE2 1 
ATOM   434  C  CZ  . TYR A 1 73  ? 3.734   11.125  -5.584  1.00 40.66  ? 100 TYR A CZ  1 
ATOM   435  O  OH  . TYR A 1 73  ? 4.452   10.869  -4.445  1.00 42.21  ? 100 TYR A OH  1 
ATOM   436  N  N   . ALA A 1 74  ? 0.247   14.687  -11.172 1.00 41.20  ? 101 ALA A N   1 
ATOM   437  C  CA  . ALA A 1 74  ? 0.243   15.239  -12.534 1.00 41.44  ? 101 ALA A CA  1 
ATOM   438  C  C   . ALA A 1 74  ? 0.284   14.155  -13.623 1.00 41.43  ? 101 ALA A C   1 
ATOM   439  O  O   . ALA A 1 74  ? 0.442   14.458  -14.810 1.00 41.14  ? 101 ALA A O   1 
ATOM   440  C  CB  . ALA A 1 74  ? 1.392   16.250  -12.721 1.00 41.41  ? 101 ALA A CB  1 
ATOM   441  N  N   . LEU A 1 75  ? 0.131   12.897  -13.214 1.00 41.64  ? 102 LEU A N   1 
ATOM   442  C  CA  . LEU A 1 75  ? -0.060  11.796  -14.150 1.00 41.82  ? 102 LEU A CA  1 
ATOM   443  C  C   . LEU A 1 75  ? -1.529  11.773  -14.562 1.00 42.02  ? 102 LEU A C   1 
ATOM   444  O  O   . LEU A 1 75  ? -2.315  12.610  -14.114 1.00 41.81  ? 102 LEU A O   1 
ATOM   445  C  CB  . LEU A 1 75  ? 0.367   10.471  -13.515 1.00 41.78  ? 102 LEU A CB  1 
ATOM   446  C  CG  . LEU A 1 75  ? 1.881   10.311  -13.379 1.00 41.58  ? 102 LEU A CG  1 
ATOM   447  C  CD1 . LEU A 1 75  ? 2.221   9.489   -12.148 1.00 41.58  ? 102 LEU A CD1 1 
ATOM   448  C  CD2 . LEU A 1 75  ? 2.470   9.694   -14.639 1.00 41.35  ? 102 LEU A CD2 1 
ATOM   449  N  N   . ASP A 1 76  ? -1.885  10.827  -15.424 1.00 42.46  ? 103 ASP A N   1 
ATOM   450  C  CA  . ASP A 1 76  ? -3.225  10.752  -15.994 1.00 42.87  ? 103 ASP A CA  1 
ATOM   451  C  C   . ASP A 1 76  ? -4.047  9.636   -15.353 1.00 43.06  ? 103 ASP A C   1 
ATOM   452  O  O   . ASP A 1 76  ? -3.733  8.465   -15.548 1.00 43.28  ? 103 ASP A O   1 
ATOM   453  C  CB  . ASP A 1 76  ? -3.120  10.484  -17.493 1.00 43.09  ? 103 ASP A CB  1 
ATOM   454  C  CG  . ASP A 1 76  ? -4.468  10.303  -18.142 1.00 43.32  ? 103 ASP A CG  1 
ATOM   455  O  OD1 . ASP A 1 76  ? -5.483  10.739  -17.542 1.00 42.84  ? 103 ASP A OD1 1 
ATOM   456  O  OD2 . ASP A 1 76  ? -4.498  9.721   -19.248 1.00 42.78  ? 103 ASP A OD2 1 
ATOM   457  N  N   . PRO A 1 77  ? -5.107  9.994   -14.593 1.00 43.29  ? 104 PRO A N   1 
ATOM   458  C  CA  . PRO A 1 77  ? -6.019  9.018   -13.984 1.00 43.23  ? 104 PRO A CA  1 
ATOM   459  C  C   . PRO A 1 77  ? -6.626  7.959   -14.921 1.00 42.89  ? 104 PRO A C   1 
ATOM   460  O  O   . PRO A 1 77  ? -7.127  6.951   -14.434 1.00 43.19  ? 104 PRO A O   1 
ATOM   461  C  CB  . PRO A 1 77  ? -7.123  9.899   -13.393 1.00 43.30  ? 104 PRO A CB  1 
ATOM   462  C  CG  . PRO A 1 77  ? -6.423  11.139  -13.012 1.00 43.50  ? 104 PRO A CG  1 
ATOM   463  C  CD  . PRO A 1 77  ? -5.324  11.341  -14.030 1.00 43.41  ? 104 PRO A CD  1 
ATOM   464  N  N   . ARG A 1 78  ? -6.599  8.163   -16.231 1.00 42.31  ? 105 ARG A N   1 
ATOM   465  C  CA  . ARG A 1 78  ? -7.023  7.093   -17.128 1.00 42.18  ? 105 ARG A CA  1 
ATOM   466  C  C   . ARG A 1 78  ? -6.328  5.776   -16.778 1.00 41.50  ? 105 ARG A C   1 
ATOM   467  O  O   . ARG A 1 78  ? -6.967  4.725   -16.735 1.00 41.65  ? 105 ARG A O   1 
ATOM   468  C  CB  . ARG A 1 78  ? -6.759  7.435   -18.593 1.00 42.38  ? 105 ARG A CB  1 
ATOM   469  C  CG  . ARG A 1 78  ? -7.629  8.557   -19.127 1.00 43.07  ? 105 ARG A CG  1 
ATOM   470  C  CD  . ARG A 1 78  ? -7.755  8.484   -20.634 1.00 44.33  ? 105 ARG A CD  1 
ATOM   471  N  NE  . ARG A 1 78  ? -7.790  9.811   -21.245 1.00 45.14  ? 105 ARG A NE  1 
ATOM   472  C  CZ  . ARG A 1 78  ? -6.715  10.543  -21.535 1.00 46.10  ? 105 ARG A CZ  1 
ATOM   473  N  NH1 . ARG A 1 78  ? -5.494  10.102  -21.266 1.00 46.43  ? 105 ARG A NH1 1 
ATOM   474  N  NH2 . ARG A 1 78  ? -6.861  11.732  -22.097 1.00 46.70  ? 105 ARG A NH2 1 
ATOM   475  N  N   . GLN A 1 79  ? -5.031  5.839   -16.500 1.00 40.66  ? 106 GLN A N   1 
ATOM   476  C  CA  . GLN A 1 79  ? -4.268  4.624   -16.206 1.00 40.13  ? 106 GLN A CA  1 
ATOM   477  C  C   . GLN A 1 79  ? -4.331  4.175   -14.736 1.00 39.19  ? 106 GLN A C   1 
ATOM   478  O  O   . GLN A 1 79  ? -3.645  3.233   -14.345 1.00 38.80  ? 106 GLN A O   1 
ATOM   479  C  CB  . GLN A 1 79  ? -2.819  4.751   -16.717 1.00 40.40  ? 106 GLN A CB  1 
ATOM   480  C  CG  . GLN A 1 79  ? -1.952  5.818   -16.057 1.00 41.36  ? 106 GLN A CG  1 
ATOM   481  C  CD  . GLN A 1 79  ? -0.691  6.153   -16.861 1.00 42.01  ? 106 GLN A CD  1 
ATOM   482  O  OE1 . GLN A 1 79  ? -0.616  5.899   -18.065 1.00 41.71  ? 106 GLN A OE1 1 
ATOM   483  N  NE2 . GLN A 1 79  ? 0.300   6.745   -16.190 1.00 43.26  ? 106 GLN A NE2 1 
ATOM   484  N  N   . ALA A 1 80  ? -5.197  4.818   -13.948 1.00 38.35  ? 107 ALA A N   1 
ATOM   485  C  CA  . ALA A 1 80  ? -5.421  4.479   -12.539 1.00 37.50  ? 107 ALA A CA  1 
ATOM   486  C  C   . ALA A 1 80  ? -5.544  2.980   -12.292 1.00 37.03  ? 107 ALA A C   1 
ATOM   487  O  O   . ALA A 1 80  ? -4.910  2.433   -11.387 1.00 36.93  ? 107 ALA A O   1 
ATOM   488  C  CB  . ALA A 1 80  ? -6.658  5.186   -12.033 1.00 37.49  ? 107 ALA A CB  1 
ATOM   489  N  N   . GLY A 1 81  ? -6.345  2.313   -13.110 1.00 36.33  ? 108 GLY A N   1 
ATOM   490  C  CA  . GLY A 1 81  ? -6.514  0.873   -13.011 1.00 35.87  ? 108 GLY A CA  1 
ATOM   491  C  C   . GLY A 1 81  ? -5.250  0.046   -13.185 1.00 35.44  ? 108 GLY A C   1 
ATOM   492  O  O   . GLY A 1 81  ? -5.269  -1.158  -12.952 1.00 35.39  ? 108 GLY A O   1 
ATOM   493  N  N   . GLN A 1 82  ? -4.151  0.672   -13.596 1.00 35.13  ? 109 GLN A N   1 
ATOM   494  C  CA  . GLN A 1 82  ? -2.883  -0.040  -13.753 1.00 34.81  ? 109 GLN A CA  1 
ATOM   495  C  C   . GLN A 1 82  ? -1.855  0.326   -12.667 1.00 34.12  ? 109 GLN A C   1 
ATOM   496  O  O   . GLN A 1 82  ? -0.696  -0.089  -12.726 1.00 33.80  ? 109 GLN A O   1 
ATOM   497  C  CB  . GLN A 1 82  ? -2.345  0.142   -15.186 1.00 35.00  ? 109 GLN A CB  1 
ATOM   498  C  CG  . GLN A 1 82  ? -1.472  1.357   -15.464 1.00 35.73  ? 109 GLN A CG  1 
ATOM   499  C  CD  . GLN A 1 82  ? -1.217  1.533   -16.974 1.00 37.38  ? 109 GLN A CD  1 
ATOM   500  O  OE1 . GLN A 1 82  ? -1.695  0.736   -17.779 1.00 38.39  ? 109 GLN A OE1 1 
ATOM   501  N  NE2 . GLN A 1 82  ? -0.478  2.585   -17.354 1.00 36.50  ? 109 GLN A NE2 1 
ATOM   502  N  N   . TYR A 1 83  ? -2.302  1.083   -11.668 1.00 33.68  ? 110 TYR A N   1 
ATOM   503  C  CA  . TYR A 1 83  ? -1.480  1.431   -10.515 1.00 32.99  ? 110 TYR A CA  1 
ATOM   504  C  C   . TYR A 1 83  ? -2.137  0.850   -9.278  1.00 32.34  ? 110 TYR A C   1 
ATOM   505  O  O   . TYR A 1 83  ? -3.280  0.394   -9.331  1.00 32.29  ? 110 TYR A O   1 
ATOM   506  C  CB  . TYR A 1 83  ? -1.353  2.947   -10.376 1.00 33.19  ? 110 TYR A CB  1 
ATOM   507  C  CG  . TYR A 1 83  ? -0.266  3.584   -11.209 1.00 33.75  ? 110 TYR A CG  1 
ATOM   508  C  CD1 . TYR A 1 83  ? 0.996   3.818   -10.678 1.00 34.80  ? 110 TYR A CD1 1 
ATOM   509  C  CD2 . TYR A 1 83  ? -0.514  3.988   -12.517 1.00 35.69  ? 110 TYR A CD2 1 
ATOM   510  C  CE1 . TYR A 1 83  ? 2.010   4.414   -11.447 1.00 36.59  ? 110 TYR A CE1 1 
ATOM   511  C  CE2 . TYR A 1 83  ? 0.486   4.584   -13.297 1.00 36.56  ? 110 TYR A CE2 1 
ATOM   512  C  CZ  . TYR A 1 83  ? 1.746   4.798   -12.755 1.00 37.38  ? 110 TYR A CZ  1 
ATOM   513  O  OH  . TYR A 1 83  ? 2.731   5.392   -13.526 1.00 39.02  ? 110 TYR A OH  1 
ATOM   514  N  N   . VAL A 1 84  ? -1.418  0.878   -8.162  1.00 31.64  ? 111 VAL A N   1 
ATOM   515  C  CA  . VAL A 1 84  ? -1.881  0.254   -6.933  1.00 31.11  ? 111 VAL A CA  1 
ATOM   516  C  C   . VAL A 1 84  ? -1.274  0.970   -5.723  1.00 30.64  ? 111 VAL A C   1 
ATOM   517  O  O   . VAL A 1 84  ? -0.150  1.467   -5.775  1.00 30.61  ? 111 VAL A O   1 
ATOM   518  C  CB  . VAL A 1 84  ? -1.542  -1.276  -6.965  1.00 31.37  ? 111 VAL A CB  1 
ATOM   519  C  CG1 . VAL A 1 84  ? -0.119  -1.574  -6.442  1.00 32.21  ? 111 VAL A CG1 1 
ATOM   520  C  CG2 . VAL A 1 84  ? -2.583  -2.087  -6.242  1.00 31.81  ? 111 VAL A CG2 1 
ATOM   521  N  N   . LEU A 1 85  ? -2.033  1.044   -4.640  1.00 30.20  ? 112 LEU A N   1 
ATOM   522  C  CA  . LEU A 1 85  ? -1.559  1.630   -3.404  1.00 29.63  ? 112 LEU A CA  1 
ATOM   523  C  C   . LEU A 1 85  ? -1.008  0.541   -2.511  1.00 29.35  ? 112 LEU A C   1 
ATOM   524  O  O   . LEU A 1 85  ? -1.620  -0.506  -2.352  1.00 29.15  ? 112 LEU A O   1 
ATOM   525  C  CB  . LEU A 1 85  ? -2.691  2.347   -2.693  1.00 29.91  ? 112 LEU A CB  1 
ATOM   526  C  CG  . LEU A 1 85  ? -2.266  3.318   -1.588  1.00 30.39  ? 112 LEU A CG  1 
ATOM   527  C  CD1 . LEU A 1 85  ? -1.628  4.580   -2.194  1.00 28.83  ? 112 LEU A CD1 1 
ATOM   528  C  CD2 . LEU A 1 85  ? -3.494  3.669   -0.732  1.00 29.58  ? 112 LEU A CD2 1 
ATOM   529  N  N   . CYS A 1 86  ? 0.150   0.802   -1.914  1.00 29.18  ? 113 CYS A N   1 
ATOM   530  C  CA  . CYS A 1 86  ? 0.849   -0.188  -1.117  1.00 29.03  ? 113 CYS A CA  1 
ATOM   531  C  C   . CYS A 1 86  ? 1.135   0.310   0.284   1.00 28.43  ? 113 CYS A C   1 
ATOM   532  O  O   . CYS A 1 86  ? 1.559   1.445   0.458   1.00 28.07  ? 113 CYS A O   1 
ATOM   533  C  CB  . CYS A 1 86  ? 2.176   -0.536  -1.781  1.00 29.10  ? 113 CYS A CB  1 
ATOM   534  S  SG  . CYS A 1 86  ? 2.018   -1.183  -3.438  1.00 31.68  ? 113 CYS A SG  1 
ATOM   535  N  N   . ASP A 1 87  ? 0.937   -0.566  1.268   1.00 28.16  ? 114 ASP A N   1 
ATOM   536  C  CA  . ASP A 1 87  ? 1.331   -0.302  2.645   1.00 28.14  ? 114 ASP A CA  1 
ATOM   537  C  C   . ASP A 1 87  ? 2.746   -0.832  2.890   1.00 28.17  ? 114 ASP A C   1 
ATOM   538  O  O   . ASP A 1 87  ? 2.941   -2.009  3.185   1.00 28.11  ? 114 ASP A O   1 
ATOM   539  C  CB  . ASP A 1 87  ? 0.336   -0.958  3.593   1.00 28.30  ? 114 ASP A CB  1 
ATOM   540  C  CG  . ASP A 1 87  ? 0.488   -0.491  5.028   1.00 28.63  ? 114 ASP A CG  1 
ATOM   541  O  OD1 . ASP A 1 87  ? 1.476   0.200   5.347   1.00 30.27  ? 114 ASP A OD1 1 
ATOM   542  O  OD2 . ASP A 1 87  ? -0.386  -0.834  5.849   1.00 30.14  ? 114 ASP A OD2 1 
ATOM   543  N  N   . VAL A 1 88  ? 3.731   0.050   2.768   1.00 28.40  ? 115 VAL A N   1 
ATOM   544  C  CA  . VAL A 1 88  ? 5.137   -0.349  2.741   1.00 28.72  ? 115 VAL A CA  1 
ATOM   545  C  C   . VAL A 1 88  ? 5.788   -0.127  4.098   1.00 29.12  ? 115 VAL A C   1 
ATOM   546  O  O   . VAL A 1 88  ? 5.730   0.973   4.630   1.00 29.88  ? 115 VAL A O   1 
ATOM   547  C  CB  . VAL A 1 88  ? 5.902   0.435   1.645   1.00 28.86  ? 115 VAL A CB  1 
ATOM   548  C  CG1 . VAL A 1 88  ? 7.352   -0.029  1.543   1.00 28.08  ? 115 VAL A CG1 1 
ATOM   549  C  CG2 . VAL A 1 88  ? 5.183   0.286   0.296   1.00 28.36  ? 115 VAL A CG2 1 
ATOM   550  N  N   . VAL A 1 89  ? 6.378   -1.176  4.663   1.00 29.25  ? 116 VAL A N   1 
ATOM   551  C  CA  . VAL A 1 89  ? 7.106   -1.071  5.918   1.00 29.64  ? 116 VAL A CA  1 
ATOM   552  C  C   . VAL A 1 89  ? 8.613   -1.049  5.602   1.00 30.10  ? 116 VAL A C   1 
ATOM   553  O  O   . VAL A 1 89  ? 9.067   -1.743  4.685   1.00 30.06  ? 116 VAL A O   1 
ATOM   554  C  CB  . VAL A 1 89  ? 6.734   -2.227  6.912   1.00 29.69  ? 116 VAL A CB  1 
ATOM   555  C  CG1 . VAL A 1 89  ? 5.233   -2.439  6.940   1.00 29.34  ? 116 VAL A CG1 1 
ATOM   556  C  CG2 . VAL A 1 89  ? 7.444   -3.528  6.569   1.00 29.43  ? 116 VAL A CG2 1 
ATOM   557  N  N   . GLY A 1 90  ? 9.376   -0.240  6.338   1.00 30.25  ? 117 GLY A N   1 
ATOM   558  C  CA  . GLY A 1 90  ? 10.804  -0.052  6.045   1.00 30.38  ? 117 GLY A CA  1 
ATOM   559  C  C   . GLY A 1 90  ? 11.664  0.198   7.273   1.00 30.44  ? 117 GLY A C   1 
ATOM   560  O  O   . GLY A 1 90  ? 11.277  0.952   8.163   1.00 30.23  ? 117 GLY A O   1 
ATOM   561  N  N   . TRP A 1 99  ? 15.750  5.733   5.611   1.00 42.53  ? 126 TRP A N   1 
ATOM   562  C  CA  . TRP A 1 99  ? 14.576  4.897   5.335   1.00 42.36  ? 126 TRP A CA  1 
ATOM   563  C  C   . TRP A 1 99  ? 14.807  3.972   4.132   1.00 42.09  ? 126 TRP A C   1 
ATOM   564  O  O   . TRP A 1 99  ? 15.097  4.442   3.026   1.00 42.28  ? 126 TRP A O   1 
ATOM   565  C  CB  . TRP A 1 99  ? 13.343  5.771   5.085   1.00 42.38  ? 126 TRP A CB  1 
ATOM   566  C  CG  . TRP A 1 99  ? 12.066  4.978   5.091   1.00 42.87  ? 126 TRP A CG  1 
ATOM   567  C  CD1 . TRP A 1 99  ? 11.305  4.662   6.179   1.00 43.01  ? 126 TRP A CD1 1 
ATOM   568  C  CD2 . TRP A 1 99  ? 11.416  4.375   3.959   1.00 42.59  ? 126 TRP A CD2 1 
ATOM   569  N  NE1 . TRP A 1 99  ? 10.219  3.906   5.798   1.00 43.01  ? 126 TRP A NE1 1 
ATOM   570  C  CE2 . TRP A 1 99  ? 10.263  3.715   4.442   1.00 42.43  ? 126 TRP A CE2 1 
ATOM   571  C  CE3 . TRP A 1 99  ? 11.695  4.333   2.586   1.00 42.45  ? 126 TRP A CE3 1 
ATOM   572  C  CZ2 . TRP A 1 99  ? 9.386   3.023   3.601   1.00 42.34  ? 126 TRP A CZ2 1 
ATOM   573  C  CZ3 . TRP A 1 99  ? 10.823  3.644   1.749   1.00 42.68  ? 126 TRP A CZ3 1 
ATOM   574  C  CH2 . TRP A 1 99  ? 9.682   2.998   2.261   1.00 42.31  ? 126 TRP A CH2 1 
ATOM   575  N  N   . GLN A 1 100 ? 14.678  2.664   4.355   1.00 41.61  ? 127 GLN A N   1 
ATOM   576  C  CA  . GLN A 1 100 ? 14.847  1.660   3.294   1.00 41.11  ? 127 GLN A CA  1 
ATOM   577  C  C   . GLN A 1 100 ? 13.695  0.650   3.324   1.00 40.72  ? 127 GLN A C   1 
ATOM   578  O  O   . GLN A 1 100 ? 13.465  -0.002  4.353   1.00 40.70  ? 127 GLN A O   1 
ATOM   579  C  CB  . GLN A 1 100 ? 16.176  0.931   3.464   1.00 40.96  ? 127 GLN A CB  1 
ATOM   580  N  N   . ALA A 1 101 ? 12.986  0.524   2.200   1.00 40.11  ? 128 ALA A N   1 
ATOM   581  C  CA  . ALA A 1 101 ? 11.811  -0.362  2.098   1.00 39.78  ? 128 ALA A CA  1 
ATOM   582  C  C   . ALA A 1 101 ? 12.188  -1.844  2.199   1.00 39.42  ? 128 ALA A C   1 
ATOM   583  O  O   . ALA A 1 101 ? 13.138  -2.299  1.550   1.00 39.58  ? 128 ALA A O   1 
ATOM   584  C  CB  . ALA A 1 101 ? 11.046  -0.104  0.796   1.00 39.60  ? 128 ALA A CB  1 
ATOM   585  N  N   . ARG A 1 102 ? 11.424  -2.582  3.003   1.00 38.83  ? 129 ARG A N   1 
ATOM   586  C  CA  . ARG A 1 102 ? 11.715  -3.982  3.328   1.00 38.48  ? 129 ARG A CA  1 
ATOM   587  C  C   . ARG A 1 102 ? 10.634  -4.965  2.885   1.00 37.76  ? 129 ARG A C   1 
ATOM   588  O  O   . ARG A 1 102 ? 10.942  -6.067  2.419   1.00 37.54  ? 129 ARG A O   1 
ATOM   589  C  CB  . ARG A 1 102 ? 11.926  -4.112  4.837   1.00 38.66  ? 129 ARG A CB  1 
ATOM   590  C  CG  . ARG A 1 102 ? 13.185  -3.410  5.330   1.00 39.82  ? 129 ARG A CG  1 
ATOM   591  C  CD  . ARG A 1 102 ? 14.412  -3.908  4.569   1.00 40.70  ? 129 ARG A CD  1 
ATOM   592  N  NE  . ARG A 1 102 ? 15.642  -3.834  5.346   1.00 42.20  ? 129 ARG A NE  1 
ATOM   593  C  CZ  . ARG A 1 102 ? 15.933  -4.617  6.389   1.00 43.44  ? 129 ARG A CZ  1 
ATOM   594  N  NH1 . ARG A 1 102 ? 15.064  -5.533  6.822   1.00 43.82  ? 129 ARG A NH1 1 
ATOM   595  N  NH2 . ARG A 1 102 ? 17.103  -4.476  7.016   1.00 43.14  ? 129 ARG A NH2 1 
ATOM   596  N  N   . CYS A 1 103 ? 9.375   -4.559  3.050   1.00 37.01  ? 130 CYS A N   1 
ATOM   597  C  CA  . CYS A 1 103 ? 8.222   -5.408  2.779   1.00 36.41  ? 130 CYS A CA  1 
ATOM   598  C  C   . CYS A 1 103 ? 6.999   -4.543  2.546   1.00 35.70  ? 130 CYS A C   1 
ATOM   599  O  O   . CYS A 1 103 ? 6.901   -3.449  3.092   1.00 35.78  ? 130 CYS A O   1 
ATOM   600  C  CB  . CYS A 1 103 ? 7.964   -6.322  3.979   1.00 36.39  ? 130 CYS A CB  1 
ATOM   601  S  SG  . CYS A 1 103 ? 6.438   -7.275  3.884   1.00 37.36  ? 130 CYS A SG  1 
ATOM   602  N  N   . PHE A 1 104 ? 6.058   -5.027  1.749   1.00 34.91  ? 131 PHE A N   1 
ATOM   603  C  CA  . PHE A 1 104 ? 4.802   -4.303  1.595   1.00 34.43  ? 131 PHE A CA  1 
ATOM   604  C  C   . PHE A 1 104 ? 3.606   -5.186  1.247   1.00 33.57  ? 131 PHE A C   1 
ATOM   605  O  O   . PHE A 1 104 ? 3.736   -6.372  0.935   1.00 32.82  ? 131 PHE A O   1 
ATOM   606  C  CB  . PHE A 1 104 ? 4.954   -3.185  0.558   1.00 34.65  ? 131 PHE A CB  1 
ATOM   607  C  CG  . PHE A 1 104 ? 5.160   -3.679  -0.837  1.00 35.12  ? 131 PHE A CG  1 
ATOM   608  C  CD1 . PHE A 1 104 ? 6.441   -3.900  -1.320  1.00 36.02  ? 131 PHE A CD1 1 
ATOM   609  C  CD2 . PHE A 1 104 ? 4.076   -3.911  -1.674  1.00 35.50  ? 131 PHE A CD2 1 
ATOM   610  C  CE1 . PHE A 1 104 ? 6.644   -4.360  -2.619  1.00 36.86  ? 131 PHE A CE1 1 
ATOM   611  C  CE2 . PHE A 1 104 ? 4.266   -4.361  -2.974  1.00 36.21  ? 131 PHE A CE2 1 
ATOM   612  C  CZ  . PHE A 1 104 ? 5.560   -4.589  -3.449  1.00 36.69  ? 131 PHE A CZ  1 
ATOM   613  N  N   . ARG A 1 105 ? 2.438   -4.563  1.310   1.00 32.70  ? 132 ARG A N   1 
ATOM   614  C  CA  . ARG A 1 105 ? 1.166   -5.235  1.090   1.00 31.99  ? 132 ARG A CA  1 
ATOM   615  C  C   . ARG A 1 105 ? 0.353   -4.366  0.142   1.00 30.61  ? 132 ARG A C   1 
ATOM   616  O  O   . ARG A 1 105 ? 0.282   -3.162  0.319   1.00 30.32  ? 132 ARG A O   1 
ATOM   617  C  CB  . ARG A 1 105 ? 0.441   -5.385  2.422   1.00 32.01  ? 132 ARG A CB  1 
ATOM   618  C  CG  . ARG A 1 105 ? -0.441  -6.581  2.536   1.00 34.07  ? 132 ARG A CG  1 
ATOM   619  C  CD  . ARG A 1 105 ? -1.296  -6.518  3.808   1.00 36.71  ? 132 ARG A CD  1 
ATOM   620  N  NE  . ARG A 1 105 ? -2.344  -5.507  3.667   1.00 40.21  ? 132 ARG A NE  1 
ATOM   621  C  CZ  . ARG A 1 105 ? -3.574  -5.722  3.190   1.00 43.17  ? 132 ARG A CZ  1 
ATOM   622  N  NH1 . ARG A 1 105 ? -3.976  -6.941  2.829   1.00 44.85  ? 132 ARG A NH1 1 
ATOM   623  N  NH2 . ARG A 1 105 ? -4.429  -4.706  3.102   1.00 43.73  ? 132 ARG A NH2 1 
ATOM   624  N  N   . VAL A 1 106 ? -0.246  -4.972  -0.866  1.00 29.37  ? 133 VAL A N   1 
ATOM   625  C  CA  . VAL A 1 106 ? -1.036  -4.234  -1.811  1.00 28.57  ? 133 VAL A CA  1 
ATOM   626  C  C   . VAL A 1 106 ? -2.461  -4.116  -1.324  1.00 28.36  ? 133 VAL A C   1 
ATOM   627  O  O   . VAL A 1 106 ? -3.064  -5.106  -0.922  1.00 28.39  ? 133 VAL A O   1 
ATOM   628  C  CB  . VAL A 1 106 ? -1.011  -4.895  -3.185  1.00 28.60  ? 133 VAL A CB  1 
ATOM   629  C  CG1 . VAL A 1 106 ? -1.882  -4.104  -4.174  1.00 26.70  ? 133 VAL A CG1 1 
ATOM   630  C  CG2 . VAL A 1 106 ? 0.432   -4.989  -3.675  1.00 28.05  ? 133 VAL A CG2 1 
ATOM   631  N  N   . PHE A 1 107 ? -2.997  -2.899  -1.349  1.00 28.06  ? 134 PHE A N   1 
ATOM   632  C  CA  . PHE A 1 107 ? -4.373  -2.672  -0.936  1.00 27.69  ? 134 PHE A CA  1 
ATOM   633  C  C   . PHE A 1 107 ? -5.291  -3.234  -1.996  1.00 27.80  ? 134 PHE A C   1 
ATOM   634  O  O   . PHE A 1 107 ? -5.061  -3.008  -3.161  1.00 28.19  ? 134 PHE A O   1 
ATOM   635  C  CB  . PHE A 1 107 ? -4.655  -1.183  -0.764  1.00 27.70  ? 134 PHE A CB  1 
ATOM   636  C  CG  . PHE A 1 107 ? -4.160  -0.604  0.530   1.00 26.44  ? 134 PHE A CG  1 
ATOM   637  C  CD1 . PHE A 1 107 ? -4.676  -1.023  1.734   1.00 24.71  ? 134 PHE A CD1 1 
ATOM   638  C  CD2 . PHE A 1 107 ? -3.203  0.400   0.540   1.00 27.30  ? 134 PHE A CD2 1 
ATOM   639  C  CE1 . PHE A 1 107 ? -4.221  -0.490  2.925   1.00 25.01  ? 134 PHE A CE1 1 
ATOM   640  C  CE2 . PHE A 1 107 ? -2.749  0.951   1.752   1.00 25.83  ? 134 PHE A CE2 1 
ATOM   641  C  CZ  . PHE A 1 107 ? -3.261  0.494   2.933   1.00 24.69  ? 134 PHE A CZ  1 
ATOM   642  N  N   . GLY A 1 108 ? -6.308  -3.995  -1.598  1.00 28.05  ? 135 GLY A N   1 
ATOM   643  C  CA  . GLY A 1 108 ? -7.404  -4.362  -2.493  1.00 27.92  ? 135 GLY A CA  1 
ATOM   644  C  C   . GLY A 1 108 ? -8.231  -3.120  -2.801  1.00 28.18  ? 135 GLY A C   1 
ATOM   645  O  O   . GLY A 1 108 ? -8.251  -2.174  -2.018  1.00 28.42  ? 135 GLY A O   1 
ATOM   646  N  N   . ASP A 1 109 ? -8.923  -3.127  -3.933  1.00 28.30  ? 136 ASP A N   1 
ATOM   647  C  CA  . ASP A 1 109 ? -9.590  -1.923  -4.438  1.00 28.40  ? 136 ASP A CA  1 
ATOM   648  C  C   . ASP A 1 109 ? -10.584 -1.320  -3.467  1.00 28.31  ? 136 ASP A C   1 
ATOM   649  O  O   . ASP A 1 109 ? -10.653 -0.095  -3.337  1.00 28.21  ? 136 ASP A O   1 
ATOM   650  C  CB  . ASP A 1 109 ? -10.286 -2.196  -5.778  1.00 28.32  ? 136 ASP A CB  1 
ATOM   651  C  CG  . ASP A 1 109 ? -9.322  -2.193  -6.962  1.00 28.55  ? 136 ASP A CG  1 
ATOM   652  O  OD1 . ASP A 1 109 ? -8.196  -1.695  -6.827  1.00 26.41  ? 136 ASP A OD1 1 
ATOM   653  O  OD2 . ASP A 1 109 ? -9.701  -2.687  -8.046  1.00 31.29  ? 136 ASP A OD2 1 
ATOM   654  N  N   . SER A 1 110 ? -11.323 -2.188  -2.780  1.00 28.36  ? 137 SER A N   1 
ATOM   655  C  CA  . SER A 1 110 ? -12.392 -1.787  -1.871  1.00 28.38  ? 137 SER A CA  1 
ATOM   656  C  C   . SER A 1 110 ? -11.936 -1.525  -0.440  1.00 28.24  ? 137 SER A C   1 
ATOM   657  O  O   . SER A 1 110 ? -12.751 -1.192  0.418   1.00 29.02  ? 137 SER A O   1 
ATOM   658  C  CB  . SER A 1 110 ? -13.466 -2.869  -1.853  1.00 28.39  ? 137 SER A CB  1 
ATOM   659  O  OG  . SER A 1 110 ? -14.372 -2.683  -2.926  1.00 30.73  ? 137 SER A OG  1 
ATOM   660  N  N   . GLU A 1 111 ? -10.650 -1.673  -0.163  1.00 27.96  ? 138 GLU A N   1 
ATOM   661  C  CA  . GLU A 1 111 ? -10.162 -1.463  1.191   1.00 27.88  ? 138 GLU A CA  1 
ATOM   662  C  C   . GLU A 1 111 ? -10.194 0.014   1.533   1.00 27.36  ? 138 GLU A C   1 
ATOM   663  O  O   . GLU A 1 111 ? -10.281 0.845   0.638   1.00 27.17  ? 138 GLU A O   1 
ATOM   664  C  CB  . GLU A 1 111 ? -8.751  -2.031  1.348   1.00 28.17  ? 138 GLU A CB  1 
ATOM   665  C  CG  . GLU A 1 111 ? -8.700  -3.543  1.139   1.00 28.88  ? 138 GLU A CG  1 
ATOM   666  C  CD  . GLU A 1 111 ? -7.470  -4.184  1.733   1.00 29.99  ? 138 GLU A CD  1 
ATOM   667  O  OE1 . GLU A 1 111 ? -7.419  -4.371  2.961   1.00 32.99  ? 138 GLU A OE1 1 
ATOM   668  O  OE2 . GLU A 1 111 ? -6.545  -4.519  0.974   1.00 31.48  ? 138 GLU A OE2 1 
ATOM   669  N  N   . LYS A 1 112 ? -10.154 0.319   2.832   1.00 27.10  ? 139 LYS A N   1 
ATOM   670  C  CA  . LYS A 1 112 ? -10.234 1.689   3.343   1.00 26.71  ? 139 LYS A CA  1 
ATOM   671  C  C   . LYS A 1 112 ? -8.903  2.053   4.012   1.00 26.63  ? 139 LYS A C   1 
ATOM   672  O  O   . LYS A 1 112 ? -8.705  1.771   5.209   1.00 26.46  ? 139 LYS A O   1 
ATOM   673  C  CB  . LYS A 1 112 ? -11.376 1.827   4.353   1.00 26.99  ? 139 LYS A CB  1 
ATOM   674  C  CG  . LYS A 1 112 ? -12.702 1.178   3.971   1.00 26.56  ? 139 LYS A CG  1 
ATOM   675  C  CD  . LYS A 1 112 ? -13.261 1.730   2.686   1.00 27.58  ? 139 LYS A CD  1 
ATOM   676  C  CE  . LYS A 1 112 ? -14.760 1.419   2.534   1.00 27.26  ? 139 LYS A CE  1 
ATOM   677  N  NZ  . LYS A 1 112 ? -15.249 1.915   1.227   1.00 26.72  ? 139 LYS A NZ  1 
ATOM   678  N  N   . PRO A 1 113 ? -7.981  2.685   3.249   1.00 25.99  ? 140 PRO A N   1 
ATOM   679  C  CA  . PRO A 1 113 ? -6.625  2.901   3.719   1.00 25.55  ? 140 PRO A CA  1 
ATOM   680  C  C   . PRO A 1 113 ? -6.508  3.844   4.885   1.00 25.82  ? 140 PRO A C   1 
ATOM   681  O  O   . PRO A 1 113 ? -5.596  3.694   5.705   1.00 26.14  ? 140 PRO A O   1 
ATOM   682  C  CB  . PRO A 1 113 ? -5.936  3.493   2.503   1.00 25.87  ? 140 PRO A CB  1 
ATOM   683  C  CG  . PRO A 1 113 ? -6.684  2.934   1.347   1.00 25.74  ? 140 PRO A CG  1 
ATOM   684  C  CD  . PRO A 1 113 ? -8.097  2.998   1.817   1.00 26.11  ? 140 PRO A CD  1 
ATOM   685  N  N   . LEU A 1 114 ? -7.409  4.816   4.973   1.00 25.80  ? 141 LEU A N   1 
ATOM   686  C  CA  . LEU A 1 114 ? -7.356  5.788   6.059   1.00 25.47  ? 141 LEU A CA  1 
ATOM   687  C  C   . LEU A 1 114 ? -7.577  5.102   7.386   1.00 25.65  ? 141 LEU A C   1 
ATOM   688  O  O   . LEU A 1 114 ? -6.977  5.472   8.388   1.00 25.64  ? 141 LEU A O   1 
ATOM   689  C  CB  . LEU A 1 114 ? -8.396  6.898   5.856   1.00 25.38  ? 141 LEU A CB  1 
ATOM   690  C  CG  . LEU A 1 114 ? -8.372  8.045   6.881   1.00 24.97  ? 141 LEU A CG  1 
ATOM   691  C  CD1 . LEU A 1 114 ? -7.019  8.784   6.859   1.00 24.16  ? 141 LEU A CD1 1 
ATOM   692  C  CD2 . LEU A 1 114 ? -9.556  9.009   6.672   1.00 23.52  ? 141 LEU A CD2 1 
ATOM   693  N  N   . LEU A 1 115 ? -8.456  4.107   7.388   1.00 26.27  ? 142 LEU A N   1 
ATOM   694  C  CA  . LEU A 1 115 ? -8.824  3.406   8.619   1.00 26.50  ? 142 LEU A CA  1 
ATOM   695  C  C   . LEU A 1 115 ? -7.750  2.398   8.983   1.00 26.28  ? 142 LEU A C   1 
ATOM   696  O  O   . LEU A 1 115 ? -7.431  2.247   10.159  1.00 26.89  ? 142 LEU A O   1 
ATOM   697  C  CB  . LEU A 1 115 ? -10.162 2.690   8.463   1.00 26.74  ? 142 LEU A CB  1 
ATOM   698  C  CG  . LEU A 1 115 ? -11.431 3.547   8.339   1.00 27.28  ? 142 LEU A CG  1 
ATOM   699  C  CD1 . LEU A 1 115 ? -12.588 2.729   7.708   1.00 27.19  ? 142 LEU A CD1 1 
ATOM   700  C  CD2 . LEU A 1 115 ? -11.850 4.082   9.689   1.00 26.89  ? 142 LEU A CD2 1 
ATOM   701  N  N   . ILE A 1 116 ? -7.191  1.716   7.986   1.00 25.80  ? 143 ILE A N   1 
ATOM   702  C  CA  . ILE A 1 116 ? -6.096  0.788   8.234   1.00 25.48  ? 143 ILE A CA  1 
ATOM   703  C  C   . ILE A 1 116 ? -4.887  1.541   8.771   1.00 25.48  ? 143 ILE A C   1 
ATOM   704  O  O   . ILE A 1 116 ? -4.236  1.075   9.687   1.00 25.55  ? 143 ILE A O   1 
ATOM   705  C  CB  . ILE A 1 116 ? -5.749  -0.053  6.980   1.00 25.73  ? 143 ILE A CB  1 
ATOM   706  C  CG1 . ILE A 1 116 ? -6.874  -1.064  6.695   1.00 25.52  ? 143 ILE A CG1 1 
ATOM   707  C  CG2 . ILE A 1 116 ? -4.436  -0.802  7.165   1.00 24.26  ? 143 ILE A CG2 1 
ATOM   708  C  CD1 . ILE A 1 116 ? -6.980  -1.462  5.219   1.00 26.55  ? 143 ILE A CD1 1 
ATOM   709  N  N   . GLN A 1 117 ? -4.611  2.721   8.228   1.00 25.99  ? 144 GLN A N   1 
ATOM   710  C  CA  . GLN A 1 117 ? -3.590  3.621   8.790   1.00 26.22  ? 144 GLN A CA  1 
ATOM   711  C  C   . GLN A 1 117 ? -3.766  3.792   10.309  1.00 26.33  ? 144 GLN A C   1 
ATOM   712  O  O   . GLN A 1 117 ? -2.840  3.530   11.079  1.00 26.37  ? 144 GLN A O   1 
ATOM   713  C  CB  . GLN A 1 117 ? -3.640  4.979   8.075   1.00 26.44  ? 144 GLN A CB  1 
ATOM   714  C  CG  . GLN A 1 117 ? -2.877  6.154   8.732   1.00 27.05  ? 144 GLN A CG  1 
ATOM   715  C  CD  . GLN A 1 117 ? -2.899  7.397   7.845   1.00 29.17  ? 144 GLN A CD  1 
ATOM   716  O  OE1 . GLN A 1 117 ? -2.364  7.382   6.735   1.00 30.80  ? 144 GLN A OE1 1 
ATOM   717  N  NE2 . GLN A 1 117 ? -3.545  8.468   8.316   1.00 29.52  ? 144 GLN A NE2 1 
ATOM   718  N  N   . GLU A 1 118 ? -4.960  4.209   10.723  1.00 26.27  ? 145 GLU A N   1 
ATOM   719  C  CA  . GLU A 1 118 ? -5.274  4.444   12.138  1.00 26.68  ? 145 GLU A CA  1 
ATOM   720  C  C   . GLU A 1 118 ? -5.076  3.223   13.031  1.00 26.24  ? 145 GLU A C   1 
ATOM   721  O  O   . GLU A 1 118 ? -4.528  3.329   14.126  1.00 26.29  ? 145 GLU A O   1 
ATOM   722  C  CB  . GLU A 1 118 ? -6.737  4.904   12.311  1.00 26.99  ? 145 GLU A CB  1 
ATOM   723  C  CG  . GLU A 1 118 ? -7.050  6.286   11.779  1.00 28.80  ? 145 GLU A CG  1 
ATOM   724  C  CD  . GLU A 1 118 ? -8.496  6.719   12.048  1.00 32.52  ? 145 GLU A CD  1 
ATOM   725  O  OE1 . GLU A 1 118 ? -9.088  6.257   13.063  1.00 34.31  ? 145 GLU A OE1 1 
ATOM   726  O  OE2 . GLU A 1 118 ? -9.034  7.529   11.241  1.00 33.02  ? 145 GLU A OE2 1 
ATOM   727  N  N   . LEU A 1 119 ? -5.538  2.071   12.565  1.00 25.77  ? 146 LEU A N   1 
ATOM   728  C  CA  . LEU A 1 119 ? -5.747  0.933   13.445  1.00 25.69  ? 146 LEU A CA  1 
ATOM   729  C  C   . LEU A 1 119 ? -4.568  -0.016  13.527  1.00 25.78  ? 146 LEU A C   1 
ATOM   730  O  O   . LEU A 1 119 ? -4.414  -0.720  14.530  1.00 25.65  ? 146 LEU A O   1 
ATOM   731  C  CB  . LEU A 1 119 ? -7.018  0.182   13.031  1.00 25.61  ? 146 LEU A CB  1 
ATOM   732  C  CG  . LEU A 1 119 ? -8.274  1.023   13.291  1.00 25.49  ? 146 LEU A CG  1 
ATOM   733  C  CD1 . LEU A 1 119 ? -9.482  0.506   12.516  1.00 25.09  ? 146 LEU A CD1 1 
ATOM   734  C  CD2 . LEU A 1 119 ? -8.564  1.120   14.803  1.00 24.60  ? 146 LEU A CD2 1 
ATOM   735  N  N   . TRP A 1 120 ? -3.740  -0.039  12.488  1.00 25.98  ? 147 TRP A N   1 
ATOM   736  C  CA  . TRP A 1 120 ? -2.588  -0.934  12.447  1.00 26.34  ? 147 TRP A CA  1 
ATOM   737  C  C   . TRP A 1 120 ? -1.328  -0.141  12.181  1.00 26.62  ? 147 TRP A C   1 
ATOM   738  O  O   . TRP A 1 120 ? -1.362  0.846   11.472  1.00 26.89  ? 147 TRP A O   1 
ATOM   739  C  CB  . TRP A 1 120 ? -2.783  -2.002  11.382  1.00 26.34  ? 147 TRP A CB  1 
ATOM   740  C  CG  . TRP A 1 120 ? -3.694  -3.106  11.808  1.00 26.48  ? 147 TRP A CG  1 
ATOM   741  C  CD1 . TRP A 1 120 ? -3.352  -4.209  12.522  1.00 26.86  ? 147 TRP A CD1 1 
ATOM   742  C  CD2 . TRP A 1 120 ? -5.092  -3.228  11.524  1.00 26.62  ? 147 TRP A CD2 1 
ATOM   743  N  NE1 . TRP A 1 120 ? -4.451  -5.010  12.719  1.00 27.13  ? 147 TRP A NE1 1 
ATOM   744  C  CE2 . TRP A 1 120 ? -5.535  -4.430  12.117  1.00 26.25  ? 147 TRP A CE2 1 
ATOM   745  C  CE3 . TRP A 1 120 ? -6.017  -2.429  10.844  1.00 27.15  ? 147 TRP A CE3 1 
ATOM   746  C  CZ2 . TRP A 1 120 ? -6.857  -4.867  12.041  1.00 25.82  ? 147 TRP A CZ2 1 
ATOM   747  C  CZ3 . TRP A 1 120 ? -7.340  -2.855  10.782  1.00 27.88  ? 147 TRP A CZ3 1 
ATOM   748  C  CH2 . TRP A 1 120 ? -7.743  -4.069  11.372  1.00 26.81  ? 147 TRP A CH2 1 
ATOM   749  N  N   . LYS A 1 121 ? -0.218  -0.580  12.757  1.00 27.19  ? 148 LYS A N   1 
ATOM   750  C  CA  . LYS A 1 121 ? 1.035   0.182   12.735  1.00 27.48  ? 148 LYS A CA  1 
ATOM   751  C  C   . LYS A 1 121 ? 2.244   -0.736  12.526  1.00 27.46  ? 148 LYS A C   1 
ATOM   752  O  O   . LYS A 1 121 ? 2.160   -1.937  12.760  1.00 27.46  ? 148 LYS A O   1 
ATOM   753  C  CB  . LYS A 1 121 ? 1.216   0.939   14.049  1.00 27.30  ? 148 LYS A CB  1 
ATOM   754  C  CG  . LYS A 1 121 ? 0.082   1.898   14.397  1.00 28.12  ? 148 LYS A CG  1 
ATOM   755  C  CD  . LYS A 1 121 ? 0.022   3.115   13.466  1.00 28.43  ? 148 LYS A CD  1 
ATOM   756  C  CE  . LYS A 1 121 ? -1.062  4.104   13.904  1.00 27.54  ? 148 LYS A CE  1 
ATOM   757  N  NZ  . LYS A 1 121 ? -0.875  5.422   13.265  1.00 26.45  ? 148 LYS A NZ  1 
ATOM   758  N  N   . PRO A 1 122 ? 3.372   -0.171  12.076  1.00 27.60  ? 149 PRO A N   1 
ATOM   759  C  CA  . PRO A 1 122 ? 4.599   -0.943  11.972  1.00 27.63  ? 149 PRO A CA  1 
ATOM   760  C  C   . PRO A 1 122 ? 5.090   -1.479  13.311  1.00 27.72  ? 149 PRO A C   1 
ATOM   761  O  O   . PRO A 1 122 ? 5.096   -0.751  14.318  1.00 27.53  ? 149 PRO A O   1 
ATOM   762  C  CB  . PRO A 1 122 ? 5.603   0.079   11.441  1.00 27.66  ? 149 PRO A CB  1 
ATOM   763  C  CG  . PRO A 1 122 ? 4.797   1.022   10.686  1.00 27.96  ? 149 PRO A CG  1 
ATOM   764  C  CD  . PRO A 1 122 ? 3.505   1.140   11.421  1.00 27.78  ? 149 PRO A CD  1 
ATOM   765  N  N   . ARG A 1 123 ? 5.489   -2.750  13.304  1.00 27.72  ? 150 ARG A N   1 
ATOM   766  C  CA  . ARG A 1 123 ? 6.208   -3.371  14.408  1.00 27.81  ? 150 ARG A CA  1 
ATOM   767  C  C   . ARG A 1 123 ? 7.290   -2.416  14.907  1.00 27.91  ? 150 ARG A C   1 
ATOM   768  O  O   . ARG A 1 123 ? 7.905   -1.697  14.117  1.00 27.84  ? 150 ARG A O   1 
ATOM   769  C  CB  . ARG A 1 123 ? 6.829   -4.692  13.921  1.00 27.83  ? 150 ARG A CB  1 
ATOM   770  C  CG  . ARG A 1 123 ? 7.721   -5.421  14.926  1.00 27.79  ? 150 ARG A CG  1 
ATOM   771  N  N   . GLU A 1 124 ? 7.501   -2.398  16.219  1.00 28.12  ? 151 GLU A N   1 
ATOM   772  C  CA  . GLU A 1 124 ? 8.555   -1.573  16.839  1.00 28.60  ? 151 GLU A CA  1 
ATOM   773  C  C   . GLU A 1 124 ? 9.872   -1.654  16.049  1.00 28.48  ? 151 GLU A C   1 
ATOM   774  O  O   . GLU A 1 124 ? 10.372  -2.752  15.781  1.00 28.55  ? 151 GLU A O   1 
ATOM   775  C  CB  . GLU A 1 124 ? 8.813   -2.020  18.292  1.00 28.71  ? 151 GLU A CB  1 
ATOM   776  C  CG  . GLU A 1 124 ? 7.576   -1.966  19.209  1.00 29.30  ? 151 GLU A CG  1 
ATOM   777  C  CD  . GLU A 1 124 ? 7.663   -0.902  20.286  1.00 29.81  ? 151 GLU A CD  1 
ATOM   778  O  OE1 . GLU A 1 124 ? 8.544   -1.019  21.172  1.00 30.35  ? 151 GLU A OE1 1 
ATOM   779  O  OE2 . GLU A 1 124 ? 6.835   0.034   20.261  1.00 29.63  ? 151 GLU A OE2 1 
ATOM   780  N  N   . GLY A 1 125 ? 10.414  -0.497  15.671  1.00 28.26  ? 152 GLY A N   1 
ATOM   781  C  CA  . GLY A 1 125 ? 11.646  -0.427  14.883  1.00 28.06  ? 152 GLY A CA  1 
ATOM   782  C  C   . GLY A 1 125 ? 11.424  -0.022  13.437  1.00 27.82  ? 152 GLY A C   1 
ATOM   783  O  O   . GLY A 1 125 ? 12.195  0.747   12.870  1.00 27.81  ? 152 GLY A O   1 
ATOM   784  N  N   . LEU A 1 126 ? 10.363  -0.536  12.833  1.00 27.79  ? 153 LEU A N   1 
ATOM   785  C  CA  . LEU A 1 126 ? 10.056  -0.231  11.438  1.00 27.58  ? 153 LEU A CA  1 
ATOM   786  C  C   . LEU A 1 126 ? 9.137   0.987   11.341  1.00 27.21  ? 153 LEU A C   1 
ATOM   787  O  O   . LEU A 1 126 ? 8.487   1.360   12.315  1.00 27.27  ? 153 LEU A O   1 
ATOM   788  C  CB  . LEU A 1 126 ? 9.429   -1.457  10.771  1.00 27.68  ? 153 LEU A CB  1 
ATOM   789  C  CG  . LEU A 1 126 ? 10.273  -2.745  10.854  1.00 28.19  ? 153 LEU A CG  1 
ATOM   790  C  CD1 . LEU A 1 126 ? 9.439   -3.967  10.485  1.00 28.94  ? 153 LEU A CD1 1 
ATOM   791  C  CD2 . LEU A 1 126 ? 11.537  -2.665  9.983   1.00 27.92  ? 153 LEU A CD2 1 
ATOM   792  N  N   . SER A 1 127 ? 9.114   1.622   10.174  1.00 26.85  ? 154 SER A N   1 
ATOM   793  C  CA  . SER A 1 127 ? 8.217   2.752   9.927   1.00 26.64  ? 154 SER A CA  1 
ATOM   794  C  C   . SER A 1 127 ? 7.457   2.546   8.604   1.00 26.53  ? 154 SER A C   1 
ATOM   795  O  O   . SER A 1 127 ? 7.786   1.628   7.834   1.00 26.44  ? 154 SER A O   1 
ATOM   796  C  CB  . SER A 1 127 ? 8.992   4.078   9.949   1.00 26.51  ? 154 SER A CB  1 
ATOM   797  O  OG  . SER A 1 127 ? 9.643   4.323   8.717   1.00 26.09  ? 154 SER A OG  1 
ATOM   798  N  N   . ARG A 1 128 ? 6.455   3.400   8.356   1.00 26.38  ? 155 ARG A N   1 
ATOM   799  C  CA  . ARG A 1 128 ? 5.441   3.163   7.310   1.00 26.39  ? 155 ARG A CA  1 
ATOM   800  C  C   . ARG A 1 128 ? 5.375   4.206   6.184   1.00 25.81  ? 155 ARG A C   1 
ATOM   801  O  O   . ARG A 1 128 ? 5.495   5.404   6.414   1.00 25.77  ? 155 ARG A O   1 
ATOM   802  C  CB  . ARG A 1 128 ? 4.038   3.097   7.945   1.00 26.56  ? 155 ARG A CB  1 
ATOM   803  C  CG  . ARG A 1 128 ? 3.057   2.239   7.136   1.00 28.14  ? 155 ARG A CG  1 
ATOM   804  C  CD  . ARG A 1 128 ? 1.723   2.913   6.895   1.00 28.66  ? 155 ARG A CD  1 
ATOM   805  N  NE  . ARG A 1 128 ? 0.898   2.977   8.089   1.00 29.29  ? 155 ARG A NE  1 
ATOM   806  C  CZ  . ARG A 1 128 ? 0.218   1.964   8.623   1.00 29.81  ? 155 ARG A CZ  1 
ATOM   807  N  NH1 . ARG A 1 128 ? 0.242   0.748   8.103   1.00 29.23  ? 155 ARG A NH1 1 
ATOM   808  N  NH2 . ARG A 1 128 ? -0.495  2.182   9.716   1.00 31.84  ? 155 ARG A NH2 1 
ATOM   809  N  N   . ARG A 1 129 ? 5.114   3.734   4.974   1.00 25.34  ? 156 ARG A N   1 
ATOM   810  C  CA  . ARG A 1 129 ? 4.884   4.610   3.832   1.00 25.26  ? 156 ARG A CA  1 
ATOM   811  C  C   . ARG A 1 129 ? 3.845   4.008   2.892   1.00 24.55  ? 156 ARG A C   1 
ATOM   812  O  O   . ARG A 1 129 ? 3.979   2.854   2.497   1.00 24.70  ? 156 ARG A O   1 
ATOM   813  C  CB  . ARG A 1 129 ? 6.191   4.815   3.056   1.00 25.54  ? 156 ARG A CB  1 
ATOM   814  C  CG  . ARG A 1 129 ? 6.905   6.112   3.386   1.00 26.70  ? 156 ARG A CG  1 
ATOM   815  C  CD  . ARG A 1 129 ? 8.251   6.315   2.661   1.00 27.76  ? 156 ARG A CD  1 
ATOM   816  N  NE  . ARG A 1 129 ? 8.262   5.953   1.236   1.00 28.01  ? 156 ARG A NE  1 
ATOM   817  C  CZ  . ARG A 1 129 ? 9.130   6.436   0.343   1.00 28.09  ? 156 ARG A CZ  1 
ATOM   818  N  NH1 . ARG A 1 129 ? 10.059  7.322   0.703   1.00 28.31  ? 156 ARG A NH1 1 
ATOM   819  N  NH2 . ARG A 1 129 ? 9.066   6.035   -0.927  1.00 27.38  ? 156 ARG A NH2 1 
ATOM   820  N  N   . PHE A 1 130 ? 2.818   4.781   2.541   1.00 23.58  ? 157 PHE A N   1 
ATOM   821  C  CA  . PHE A 1 130 ? 1.922   4.411   1.445   1.00 22.94  ? 157 PHE A CA  1 
ATOM   822  C  C   . PHE A 1 130 ? 2.620   4.810   0.166   1.00 22.46  ? 157 PHE A C   1 
ATOM   823  O  O   . PHE A 1 130 ? 3.046   5.957   0.013   1.00 22.04  ? 157 PHE A O   1 
ATOM   824  C  CB  . PHE A 1 130 ? 0.571   5.147   1.518   1.00 22.83  ? 157 PHE A CB  1 
ATOM   825  C  CG  . PHE A 1 130 ? -0.392  4.603   2.552   1.00 22.85  ? 157 PHE A CG  1 
ATOM   826  C  CD1 . PHE A 1 130 ? -0.031  3.594   3.438   1.00 22.39  ? 157 PHE A CD1 1 
ATOM   827  C  CD2 . PHE A 1 130 ? -1.663  5.145   2.655   1.00 23.02  ? 157 PHE A CD2 1 
ATOM   828  C  CE1 . PHE A 1 130 ? -0.917  3.127   4.375   1.00 22.41  ? 157 PHE A CE1 1 
ATOM   829  C  CE2 . PHE A 1 130 ? -2.553  4.686   3.602   1.00 23.03  ? 157 PHE A CE2 1 
ATOM   830  C  CZ  . PHE A 1 130 ? -2.177  3.671   4.465   1.00 22.74  ? 157 PHE A CZ  1 
ATOM   831  N  N   . GLU A 1 131 ? 2.719   3.880   -0.765  1.00 21.99  ? 158 GLU A N   1 
ATOM   832  C  CA  . GLU A 1 131 ? 3.371   4.178   -2.021  1.00 22.06  ? 158 GLU A CA  1 
ATOM   833  C  C   . GLU A 1 131 ? 2.434   3.893   -3.175  1.00 21.91  ? 158 GLU A C   1 
ATOM   834  O  O   . GLU A 1 131 ? 1.681   2.942   -3.130  1.00 21.28  ? 158 GLU A O   1 
ATOM   835  C  CB  . GLU A 1 131 ? 4.670   3.378   -2.147  1.00 22.02  ? 158 GLU A CB  1 
ATOM   836  C  CG  . GLU A 1 131 ? 5.640   3.625   -0.984  1.00 22.36  ? 158 GLU A CG  1 
ATOM   837  C  CD  . GLU A 1 131 ? 7.047   3.096   -1.249  1.00 22.93  ? 158 GLU A CD  1 
ATOM   838  O  OE1 . GLU A 1 131 ? 7.211   2.293   -2.183  1.00 23.50  ? 158 GLU A OE1 1 
ATOM   839  O  OE2 . GLU A 1 131 ? 7.994   3.486   -0.528  1.00 22.49  ? 158 GLU A OE2 1 
ATOM   840  N  N   . LEU A 1 132 ? 2.460   4.760   -4.187  1.00 22.39  ? 159 LEU A N   1 
ATOM   841  C  CA  . LEU A 1 132 ? 1.786   4.486   -5.442  1.00 22.49  ? 159 LEU A CA  1 
ATOM   842  C  C   . LEU A 1 132 ? 2.757   3.667   -6.247  1.00 22.97  ? 159 LEU A C   1 
ATOM   843  O  O   . LEU A 1 132 ? 3.946   3.970   -6.257  1.00 23.81  ? 159 LEU A O   1 
ATOM   844  C  CB  . LEU A 1 132 ? 1.444   5.769   -6.176  1.00 22.27  ? 159 LEU A CB  1 
ATOM   845  C  CG  . LEU A 1 132 ? 0.403   5.606   -7.289  1.00 21.90  ? 159 LEU A CG  1 
ATOM   846  C  CD1 . LEU A 1 132 ? -0.902  5.060   -6.735  1.00 19.67  ? 159 LEU A CD1 1 
ATOM   847  C  CD2 . LEU A 1 132 ? 0.178   6.936   -8.009  1.00 20.29  ? 159 LEU A CD2 1 
ATOM   848  N  N   . ARG A 1 133 ? 2.264   2.619   -6.897  1.00 23.30  ? 160 ARG A N   1 
ATOM   849  C  CA  . ARG A 1 133 ? 3.115   1.715   -7.669  1.00 23.56  ? 160 ARG A CA  1 
ATOM   850  C  C   . ARG A 1 133 ? 2.327   1.025   -8.767  1.00 23.89  ? 160 ARG A C   1 
ATOM   851  O  O   . ARG A 1 133 ? 1.151   0.711   -8.610  1.00 23.41  ? 160 ARG A O   1 
ATOM   852  C  CB  . ARG A 1 133 ? 3.738   0.651   -6.768  1.00 23.60  ? 160 ARG A CB  1 
ATOM   853  C  CG  . ARG A 1 133 ? 4.984   1.087   -6.038  1.00 24.27  ? 160 ARG A CG  1 
ATOM   854  C  CD  . ARG A 1 133 ? 5.127   0.417   -4.699  1.00 25.20  ? 160 ARG A CD  1 
ATOM   855  N  NE  . ARG A 1 133 ? 6.200   -0.571  -4.680  1.00 26.78  ? 160 ARG A NE  1 
ATOM   856  C  CZ  . ARG A 1 133 ? 7.348   -0.443  -4.019  1.00 27.89  ? 160 ARG A CZ  1 
ATOM   857  N  NH1 . ARG A 1 133 ? 7.606   0.644   -3.307  1.00 27.99  ? 160 ARG A NH1 1 
ATOM   858  N  NH2 . ARG A 1 133 ? 8.253   -1.410  -4.075  1.00 28.40  ? 160 ARG A NH2 1 
ATOM   859  N  N   . LYS A 1 134 ? 3.007   0.772   -9.873  1.00 24.84  ? 161 LYS A N   1 
ATOM   860  C  CA  . LYS A 1 134 ? 2.404   0.151   -11.029 1.00 25.62  ? 161 LYS A CA  1 
ATOM   861  C  C   . LYS A 1 134 ? 2.293   -1.352  -10.752 1.00 26.32  ? 161 LYS A C   1 
ATOM   862  O  O   . LYS A 1 134 ? 3.252   -1.974  -10.297 1.00 25.89  ? 161 LYS A O   1 
ATOM   863  C  CB  . LYS A 1 134 ? 3.277   0.436   -12.252 1.00 25.76  ? 161 LYS A CB  1 
ATOM   864  C  CG  . LYS A 1 134 ? 2.545   0.524   -13.591 1.00 26.61  ? 161 LYS A CG  1 
ATOM   865  C  CD  . LYS A 1 134 ? 3.144   1.636   -14.485 1.00 27.74  ? 161 LYS A CD  1 
ATOM   866  C  CE  . LYS A 1 134 ? 3.051   1.316   -15.975 1.00 28.35  ? 161 LYS A CE  1 
ATOM   867  N  NZ  . LYS A 1 134 ? 3.886   0.117   -16.353 1.00 28.09  ? 161 LYS A NZ  1 
ATOM   868  N  N   . ARG A 1 135 ? 1.109   -1.912  -11.002 1.00 27.20  ? 162 ARG A N   1 
ATOM   869  C  CA  . ARG A 1 135 ? 0.875   -3.355  -10.902 1.00 28.14  ? 162 ARG A CA  1 
ATOM   870  C  C   . ARG A 1 135 ? 2.017   -4.167  -11.478 1.00 28.69  ? 162 ARG A C   1 
ATOM   871  O  O   . ARG A 1 135 ? 2.584   -5.028  -10.802 1.00 29.01  ? 162 ARG A O   1 
ATOM   872  C  CB  . ARG A 1 135 ? -0.396  -3.746  -11.655 1.00 28.31  ? 162 ARG A CB  1 
ATOM   873  C  CG  . ARG A 1 135 ? -1.657  -3.564  -10.857 1.00 29.33  ? 162 ARG A CG  1 
ATOM   874  C  CD  . ARG A 1 135 ? -2.878  -3.934  -11.676 1.00 30.30  ? 162 ARG A CD  1 
ATOM   875  N  NE  . ARG A 1 135 ? -3.980  -3.022  -11.389 1.00 30.81  ? 162 ARG A NE  1 
ATOM   876  C  CZ  . ARG A 1 135 ? -4.760  -3.074  -10.313 1.00 30.58  ? 162 ARG A CZ  1 
ATOM   877  N  NH1 . ARG A 1 135 ? -4.596  -4.015  -9.398  1.00 29.64  ? 162 ARG A NH1 1 
ATOM   878  N  NH2 . ARG A 1 135 ? -5.729  -2.174  -10.167 1.00 31.80  ? 162 ARG A NH2 1 
ATOM   879  N  N   . SER A 1 136 ? 2.345   -3.887  -12.735 1.00 29.36  ? 163 SER A N   1 
ATOM   880  C  CA  . SER A 1 136 ? 3.364   -4.635  -13.457 1.00 29.73  ? 163 SER A CA  1 
ATOM   881  C  C   . SER A 1 136 ? 4.715   -4.602  -12.739 1.00 30.55  ? 163 SER A C   1 
ATOM   882  O  O   . SER A 1 136 ? 5.510   -5.535  -12.876 1.00 30.65  ? 163 SER A O   1 
ATOM   883  C  CB  . SER A 1 136 ? 3.498   -4.100  -14.882 1.00 29.59  ? 163 SER A CB  1 
ATOM   884  O  OG  . SER A 1 136 ? 3.881   -2.743  -14.881 1.00 29.08  ? 163 SER A OG  1 
ATOM   885  N  N   . ASP A 1 137 ? 4.974   -3.535  -11.983 1.00 31.62  ? 164 ASP A N   1 
ATOM   886  C  CA  . ASP A 1 137 ? 6.187   -3.442  -11.171 1.00 32.61  ? 164 ASP A CA  1 
ATOM   887  C  C   . ASP A 1 137 ? 6.071   -4.314  -9.931  1.00 33.68  ? 164 ASP A C   1 
ATOM   888  O  O   . ASP A 1 137 ? 7.077   -4.793  -9.401  1.00 33.63  ? 164 ASP A O   1 
ATOM   889  C  CB  . ASP A 1 137 ? 6.480   -1.993  -10.766 1.00 32.45  ? 164 ASP A CB  1 
ATOM   890  C  CG  . ASP A 1 137 ? 6.740   -1.084  -11.966 1.00 32.60  ? 164 ASP A CG  1 
ATOM   891  O  OD1 . ASP A 1 137 ? 7.250   -1.555  -13.010 1.00 30.93  ? 164 ASP A OD1 1 
ATOM   892  O  OD2 . ASP A 1 137 ? 6.430   0.121   -11.858 1.00 34.18  ? 164 ASP A OD2 1 
ATOM   893  N  N   . VAL A 1 138 ? 4.839   -4.512  -9.474  1.00 35.13  ? 165 VAL A N   1 
ATOM   894  C  CA  . VAL A 1 138 ? 4.567   -5.395  -8.356  1.00 36.39  ? 165 VAL A CA  1 
ATOM   895  C  C   . VAL A 1 138 ? 4.767   -6.845  -8.800  1.00 37.93  ? 165 VAL A C   1 
ATOM   896  O  O   . VAL A 1 138 ? 5.542   -7.562  -8.176  1.00 37.65  ? 165 VAL A O   1 
ATOM   897  C  CB  . VAL A 1 138 ? 3.154   -5.150  -7.762  1.00 36.49  ? 165 VAL A CB  1 
ATOM   898  C  CG1 . VAL A 1 138 ? 2.865   -6.108  -6.612  1.00 36.31  ? 165 VAL A CG1 1 
ATOM   899  C  CG2 . VAL A 1 138 ? 3.031   -3.707  -7.287  1.00 35.68  ? 165 VAL A CG2 1 
ATOM   900  N  N   . GLU A 1 139 ? 4.136   -7.269  -9.899  1.00 39.95  ? 166 GLU A N   1 
ATOM   901  C  CA  . GLU A 1 139 ? 4.274   -8.670  -10.332 1.00 41.93  ? 166 GLU A CA  1 
ATOM   902  C  C   . GLU A 1 139 ? 5.725   -9.023  -10.672 1.00 43.07  ? 166 GLU A C   1 
ATOM   903  O  O   . GLU A 1 139 ? 6.197   -10.113 -10.344 1.00 43.49  ? 166 GLU A O   1 
ATOM   904  C  CB  . GLU A 1 139 ? 3.305   -9.060  -11.467 1.00 42.20  ? 166 GLU A CB  1 
ATOM   905  C  CG  . GLU A 1 139 ? 3.466   -8.329  -12.795 1.00 44.82  ? 166 GLU A CG  1 
ATOM   906  C  CD  . GLU A 1 139 ? 2.682   -8.991  -13.958 1.00 48.07  ? 166 GLU A CD  1 
ATOM   907  O  OE1 . GLU A 1 139 ? 2.993   -10.160 -14.307 1.00 49.81  ? 166 GLU A OE1 1 
ATOM   908  O  OE2 . GLU A 1 139 ? 1.774   -8.335  -14.543 1.00 49.15  ? 166 GLU A OE2 1 
ATOM   909  N  N   . GLU A 1 140 ? 6.438   -8.096  -11.302 1.00 44.41  ? 167 GLU A N   1 
ATOM   910  C  CA  . GLU A 1 140 ? 7.861   -8.285  -11.577 1.00 45.26  ? 167 GLU A CA  1 
ATOM   911  C  C   . GLU A 1 140 ? 8.665   -8.418  -10.283 1.00 45.70  ? 167 GLU A C   1 
ATOM   912  O  O   . GLU A 1 140 ? 9.718   -9.037  -10.274 1.00 46.15  ? 167 GLU A O   1 
ATOM   913  C  CB  . GLU A 1 140 ? 8.406   -7.133  -12.435 1.00 45.58  ? 167 GLU A CB  1 
ATOM   914  C  CG  . GLU A 1 140 ? 9.910   -7.198  -12.745 1.00 46.47  ? 167 GLU A CG  1 
ATOM   915  C  CD  . GLU A 1 140 ? 10.346  -8.554  -13.299 1.00 48.41  ? 167 GLU A CD  1 
ATOM   916  O  OE1 . GLU A 1 140 ? 9.642   -9.094  -14.189 1.00 48.80  ? 167 GLU A OE1 1 
ATOM   917  O  OE2 . GLU A 1 140 ? 11.388  -9.078  -12.831 1.00 48.78  ? 167 GLU A OE2 1 
ATOM   918  N  N   . LEU A 1 141 ? 8.168   -7.849  -9.189  1.00 46.20  ? 168 LEU A N   1 
ATOM   919  C  CA  . LEU A 1 141 ? 8.834   -7.993  -7.892  1.00 46.44  ? 168 LEU A CA  1 
ATOM   920  C  C   . LEU A 1 141 ? 8.569   -9.375  -7.270  1.00 46.54  ? 168 LEU A C   1 
ATOM   921  O  O   . LEU A 1 141 ? 9.406   -9.911  -6.542  1.00 46.73  ? 168 LEU A O   1 
ATOM   922  C  CB  . LEU A 1 141 ? 8.401   -6.875  -6.943  1.00 46.42  ? 168 LEU A CB  1 
ATOM   923  C  CG  . LEU A 1 141 ? 9.383   -6.534  -5.825  1.00 47.18  ? 168 LEU A CG  1 
ATOM   924  C  CD1 . LEU A 1 141 ? 10.801  -6.318  -6.367  1.00 48.03  ? 168 LEU A CD1 1 
ATOM   925  C  CD2 . LEU A 1 141 ? 8.912   -5.304  -5.078  1.00 47.49  ? 168 LEU A CD2 1 
ATOM   926  N  N   . ALA A 1 142 ? 7.410   -9.952  -7.564  1.00 46.54  ? 169 ALA A N   1 
ATOM   927  C  CA  . ALA A 1 142 ? 7.112   -11.316 -7.152  1.00 46.61  ? 169 ALA A CA  1 
ATOM   928  C  C   . ALA A 1 142 ? 8.046   -12.277 -7.896  1.00 46.79  ? 169 ALA A C   1 
ATOM   929  O  O   . ALA A 1 142 ? 8.796   -13.024 -7.271  1.00 46.72  ? 169 ALA A O   1 
ATOM   930  C  CB  . ALA A 1 142 ? 5.646   -11.648 -7.422  1.00 46.41  ? 169 ALA A CB  1 
ATOM   931  N  N   . ALA A 1 143 ? 8.018   -12.228 -9.227  1.00 47.22  ? 170 ALA A N   1 
ATOM   932  C  CA  . ALA A 1 143 ? 8.956   -12.993 -10.075 1.00 47.39  ? 170 ALA A CA  1 
ATOM   933  C  C   . ALA A 1 143 ? 10.388  -12.870 -9.570  1.00 47.64  ? 170 ALA A C   1 
ATOM   934  O  O   . ALA A 1 143 ? 11.082  -13.862 -9.397  1.00 47.21  ? 170 ALA A O   1 
ATOM   935  C  CB  . ALA A 1 143 ? 8.871   -12.526 -11.510 1.00 46.95  ? 170 ALA A CB  1 
ATOM   936  N  N   . LYS A 1 144 ? 10.810  -11.640 -9.310  1.00 48.47  ? 171 LYS A N   1 
ATOM   937  C  CA  . LYS A 1 144 ? 12.142  -11.377 -8.761  1.00 49.21  ? 171 LYS A CA  1 
ATOM   938  C  C   . LYS A 1 144 ? 12.409  -12.157 -7.471  1.00 49.63  ? 171 LYS A C   1 
ATOM   939  O  O   . LYS A 1 144 ? 13.495  -12.711 -7.316  1.00 49.92  ? 171 LYS A O   1 
ATOM   940  C  CB  . LYS A 1 144 ? 12.341  -9.869  -8.523  1.00 49.35  ? 171 LYS A CB  1 
ATOM   941  C  CG  . LYS A 1 144 ? 13.766  -9.423  -8.162  1.00 50.20  ? 171 LYS A CG  1 
ATOM   942  C  CD  . LYS A 1 144 ? 14.739  -9.557  -9.338  1.00 51.62  ? 171 LYS A CD  1 
ATOM   943  C  CE  . LYS A 1 144 ? 16.042  -8.757  -9.132  1.00 52.07  ? 171 LYS A CE  1 
ATOM   944  N  NZ  . LYS A 1 144 ? 15.841  -7.267  -9.127  1.00 51.68  ? 171 LYS A NZ  1 
ATOM   945  N  N   . GLU A 1 145 ? 11.443  -12.218 -6.545  1.00 50.19  ? 172 GLU A N   1 
ATOM   946  C  CA  . GLU A 1 145 ? 11.697  -12.914 -5.260  1.00 50.41  ? 172 GLU A CA  1 
ATOM   947  C  C   . GLU A 1 145 ? 11.652  -14.446 -5.415  1.00 50.08  ? 172 GLU A C   1 
ATOM   948  O  O   . GLU A 1 145 ? 12.360  -15.167 -4.713  1.00 49.92  ? 172 GLU A O   1 
ATOM   949  C  CB  . GLU A 1 145 ? 10.843  -12.369 -4.087  1.00 50.52  ? 172 GLU A CB  1 
ATOM   950  C  CG  . GLU A 1 145 ? 9.386   -12.810 -4.014  1.00 51.82  ? 172 GLU A CG  1 
ATOM   951  C  CD  . GLU A 1 145 ? 8.539   -11.951 -3.052  1.00 53.26  ? 172 GLU A CD  1 
ATOM   952  O  OE1 . GLU A 1 145 ? 9.088   -11.288 -2.138  1.00 54.37  ? 172 GLU A OE1 1 
ATOM   953  O  OE2 . GLU A 1 145 ? 7.304   -11.938 -3.216  1.00 54.51  ? 172 GLU A OE2 1 
ATOM   954  N  N   . VAL A 1 146 ? 10.872  -14.940 -6.364  1.00 49.90  ? 173 VAL A N   1 
ATOM   955  C  CA  . VAL A 1 146 ? 10.951  -16.351 -6.711  1.00 50.13  ? 173 VAL A CA  1 
ATOM   956  C  C   . VAL A 1 146 ? 12.368  -16.716 -7.195  1.00 50.58  ? 173 VAL A C   1 
ATOM   957  O  O   . VAL A 1 146 ? 12.885  -17.790 -6.878  1.00 50.64  ? 173 VAL A O   1 
ATOM   958  C  CB  . VAL A 1 146 ? 9.908   -16.734 -7.775  1.00 50.01  ? 173 VAL A CB  1 
ATOM   959  C  CG1 . VAL A 1 146 ? 10.173  -18.137 -8.303  1.00 49.56  ? 173 VAL A CG1 1 
ATOM   960  C  CG2 . VAL A 1 146 ? 8.500   -16.623 -7.188  1.00 49.65  ? 173 VAL A CG2 1 
ATOM   961  N  N   . ASP A 1 147 ? 12.998  -15.812 -7.937  1.00 50.83  ? 174 ASP A N   1 
ATOM   962  C  CA  . ASP A 1 147 ? 14.327  -16.062 -8.481  1.00 51.03  ? 174 ASP A CA  1 
ATOM   963  C  C   . ASP A 1 147 ? 15.449  -15.931 -7.445  1.00 50.95  ? 174 ASP A C   1 
ATOM   964  O  O   . ASP A 1 147 ? 16.425  -16.666 -7.502  1.00 50.89  ? 174 ASP A O   1 
ATOM   965  C  CB  . ASP A 1 147 ? 14.564  -15.166 -9.706  1.00 51.35  ? 174 ASP A CB  1 
ATOM   966  C  CG  . ASP A 1 147 ? 13.641  -15.528 -10.879 1.00 52.14  ? 174 ASP A CG  1 
ATOM   967  O  OD1 . ASP A 1 147 ? 13.065  -16.641 -10.852 1.00 53.50  ? 174 ASP A OD1 1 
ATOM   968  O  OD2 . ASP A 1 147 ? 13.480  -14.712 -11.818 1.00 52.87  ? 174 ASP A OD2 1 
ATOM   969  N  N   . THR A 1 148 ? 15.315  -15.020 -6.490  1.00 51.24  ? 175 THR A N   1 
ATOM   970  C  CA  . THR A 1 148 ? 16.305  -14.926 -5.395  1.00 51.20  ? 175 THR A CA  1 
ATOM   971  C  C   . THR A 1 148 ? 16.207  -16.135 -4.440  1.00 51.01  ? 175 THR A C   1 
ATOM   972  O  O   . THR A 1 148 ? 17.220  -16.610 -3.940  1.00 51.10  ? 175 THR A O   1 
ATOM   973  C  CB  . THR A 1 148 ? 16.263  -13.535 -4.630  1.00 51.03  ? 175 THR A CB  1 
ATOM   974  O  OG1 . THR A 1 148 ? 16.857  -13.658 -3.331  1.00 51.44  ? 175 THR A OG1 1 
ATOM   975  C  CG2 . THR A 1 148 ? 14.864  -13.025 -4.456  1.00 51.19  ? 175 THR A CG2 1 
ATOM   976  N  N   . ILE A 1 149 ? 15.003  -16.639 -4.195  1.00 51.07  ? 176 ILE A N   1 
ATOM   977  C  CA  . ILE A 1 149 ? 14.848  -17.886 -3.436  1.00 51.08  ? 176 ILE A CA  1 
ATOM   978  C  C   . ILE A 1 149 ? 15.487  -19.053 -4.200  1.00 51.30  ? 176 ILE A C   1 
ATOM   979  O  O   . ILE A 1 149 ? 16.320  -19.784 -3.648  1.00 51.70  ? 176 ILE A O   1 
ATOM   980  C  CB  . ILE A 1 149 ? 13.364  -18.227 -3.168  1.00 51.02  ? 176 ILE A CB  1 
ATOM   981  C  CG1 . ILE A 1 149 ? 12.768  -17.244 -2.151  1.00 51.06  ? 176 ILE A CG1 1 
ATOM   982  C  CG2 . ILE A 1 149 ? 13.216  -19.680 -2.676  1.00 50.25  ? 176 ILE A CG2 1 
ATOM   983  C  CD1 . ILE A 1 149 ? 11.238  -17.261 -2.095  1.00 50.79  ? 176 ILE A CD1 1 
ATOM   984  N  N   . THR A 1 150 ? 15.099  -19.203 -5.468  1.00 51.08  ? 177 THR A N   1 
ATOM   985  C  CA  . THR A 1 150 ? 15.507  -20.330 -6.299  1.00 50.89  ? 177 THR A CA  1 
ATOM   986  C  C   . THR A 1 150 ? 17.007  -20.333 -6.563  1.00 51.04  ? 177 THR A C   1 
ATOM   987  O  O   . THR A 1 150 ? 17.639  -21.390 -6.550  1.00 51.09  ? 177 THR A O   1 
ATOM   988  C  CB  . THR A 1 150 ? 14.725  -20.327 -7.624  1.00 50.96  ? 177 THR A CB  1 
ATOM   989  O  OG1 . THR A 1 150 ? 13.323  -20.234 -7.334  1.00 51.60  ? 177 THR A OG1 1 
ATOM   990  C  CG2 . THR A 1 150 ? 14.980  -21.590 -8.444  1.00 49.89  ? 177 THR A CG2 1 
ATOM   991  N  N   . ALA A 1 151 ? 17.577  -19.155 -6.794  1.00 51.21  ? 178 ALA A N   1 
ATOM   992  C  CA  . ALA A 1 151 ? 19.020  -19.026 -6.965  1.00 51.29  ? 178 ALA A CA  1 
ATOM   993  C  C   . ALA A 1 151 ? 19.704  -19.502 -5.702  1.00 51.43  ? 178 ALA A C   1 
ATOM   994  O  O   . ALA A 1 151 ? 20.641  -20.292 -5.758  1.00 51.47  ? 178 ALA A O   1 
ATOM   995  C  CB  . ALA A 1 151 ? 19.401  -17.586 -7.250  1.00 51.23  ? 178 ALA A CB  1 
ATOM   996  N  N   . GLY A 1 152 ? 19.211  -19.020 -4.564  1.00 51.72  ? 179 GLY A N   1 
ATOM   997  C  CA  . GLY A 1 152 ? 19.741  -19.384 -3.255  1.00 51.93  ? 179 GLY A CA  1 
ATOM   998  C  C   . GLY A 1 152 ? 19.766  -20.883 -3.014  1.00 52.19  ? 179 GLY A C   1 
ATOM   999  O  O   . GLY A 1 152 ? 20.710  -21.406 -2.420  1.00 52.46  ? 179 GLY A O   1 
ATOM   1000 N  N   . ILE A 1 153 ? 18.732  -21.574 -3.480  1.00 52.28  ? 180 ILE A N   1 
ATOM   1001 C  CA  . ILE A 1 153 ? 18.658  -23.026 -3.338  1.00 52.32  ? 180 ILE A CA  1 
ATOM   1002 C  C   . ILE A 1 153 ? 19.645  -23.742 -4.252  1.00 52.46  ? 180 ILE A C   1 
ATOM   1003 O  O   . ILE A 1 153 ? 20.265  -24.716 -3.836  1.00 52.61  ? 180 ILE A O   1 
ATOM   1004 C  CB  . ILE A 1 153 ? 17.229  -23.542 -3.571  1.00 52.22  ? 180 ILE A CB  1 
ATOM   1005 C  CG1 . ILE A 1 153 ? 16.406  -23.309 -2.300  1.00 52.28  ? 180 ILE A CG1 1 
ATOM   1006 C  CG2 . ILE A 1 153 ? 17.238  -25.015 -3.943  1.00 51.42  ? 180 ILE A CG2 1 
ATOM   1007 C  CD1 . ILE A 1 153 ? 14.908  -23.256 -2.530  1.00 52.34  ? 180 ILE A CD1 1 
ATOM   1008 N  N   . ASN A 1 154 ? 19.797  -23.261 -5.483  1.00 52.64  ? 181 ASN A N   1 
ATOM   1009 C  CA  . ASN A 1 154 ? 20.790  -23.815 -6.407  1.00 52.71  ? 181 ASN A CA  1 
ATOM   1010 C  C   . ASN A 1 154 ? 22.240  -23.484 -5.983  1.00 53.27  ? 181 ASN A C   1 
ATOM   1011 O  O   . ASN A 1 154 ? 23.171  -24.189 -6.349  1.00 53.20  ? 181 ASN A O   1 
ATOM   1012 C  CB  . ASN A 1 154 ? 20.513  -23.346 -7.840  1.00 52.42  ? 181 ASN A CB  1 
ATOM   1013 C  CG  . ASN A 1 154 ? 19.322  -24.056 -8.480  1.00 51.82  ? 181 ASN A CG  1 
ATOM   1014 O  OD1 . ASN A 1 154 ? 18.324  -23.428 -8.841  1.00 51.04  ? 181 ASN A OD1 1 
ATOM   1015 N  ND2 . ASN A 1 154 ? 19.435  -25.365 -8.646  1.00 51.20  ? 181 ASN A ND2 1 
ATOM   1016 N  N   . ALA A 1 155 ? 22.421  -22.425 -5.202  1.00 54.12  ? 182 ALA A N   1 
ATOM   1017 C  CA  . ALA A 1 155 ? 23.728  -22.100 -4.622  1.00 54.93  ? 182 ALA A CA  1 
ATOM   1018 C  C   . ALA A 1 155 ? 24.077  -23.086 -3.511  1.00 55.74  ? 182 ALA A C   1 
ATOM   1019 O  O   . ALA A 1 155 ? 25.134  -23.716 -3.543  1.00 55.98  ? 182 ALA A O   1 
ATOM   1020 C  CB  . ALA A 1 155 ? 23.726  -20.679 -4.068  1.00 54.82  ? 182 ALA A CB  1 
ATOM   1021 N  N   . GLN A 1 156 ? 23.184  -23.188 -2.525  1.00 56.64  ? 183 GLN A N   1 
ATOM   1022 C  CA  . GLN A 1 156 ? 23.275  -24.187 -1.453  1.00 57.45  ? 183 GLN A CA  1 
ATOM   1023 C  C   . GLN A 1 156 ? 23.613  -25.573 -2.016  1.00 57.63  ? 183 GLN A C   1 
ATOM   1024 O  O   . GLN A 1 156 ? 24.533  -26.241 -1.543  1.00 57.43  ? 183 GLN A O   1 
ATOM   1025 C  CB  . GLN A 1 156 ? 21.935  -24.286 -0.690  1.00 57.83  ? 183 GLN A CB  1 
ATOM   1026 C  CG  . GLN A 1 156 ? 21.547  -23.068 0.181   1.00 59.16  ? 183 GLN A CG  1 
ATOM   1027 C  CD  . GLN A 1 156 ? 20.024  -22.965 0.458   1.00 61.13  ? 183 GLN A CD  1 
ATOM   1028 O  OE1 . GLN A 1 156 ? 19.283  -23.959 0.378   1.00 61.68  ? 183 GLN A OE1 1 
ATOM   1029 N  NE2 . GLN A 1 156 ? 19.563  -21.751 0.788   1.00 61.49  ? 183 GLN A NE2 1 
ATOM   1030 N  N   . ALA A 1 157 ? 22.850  -25.989 -3.026  1.00 57.90  ? 184 ALA A N   1 
ATOM   1031 C  CA  . ALA A 1 157 ? 23.010  -27.301 -3.634  1.00 58.33  ? 184 ALA A CA  1 
ATOM   1032 C  C   . ALA A 1 157 ? 24.410  -27.501 -4.189  1.00 58.82  ? 184 ALA A C   1 
ATOM   1033 O  O   . ALA A 1 157 ? 25.012  -28.542 -3.967  1.00 59.04  ? 184 ALA A O   1 
ATOM   1034 C  CB  . ALA A 1 157 ? 21.984  -27.509 -4.732  1.00 58.26  ? 184 ALA A CB  1 
ATOM   1035 N  N   . ARG A 1 158 ? 24.934  -26.504 -4.893  1.00 59.45  ? 185 ARG A N   1 
ATOM   1036 C  CA  . ARG A 1 158 ? 26.225  -26.654 -5.571  1.00 59.94  ? 185 ARG A CA  1 
ATOM   1037 C  C   . ARG A 1 158 ? 27.383  -26.723 -4.585  1.00 60.12  ? 185 ARG A C   1 
ATOM   1038 O  O   . ARG A 1 158 ? 28.253  -27.582 -4.713  1.00 59.91  ? 185 ARG A O   1 
ATOM   1039 C  CB  . ARG A 1 158 ? 26.435  -25.547 -6.608  1.00 60.20  ? 185 ARG A CB  1 
ATOM   1040 C  CG  . ARG A 1 158 ? 25.793  -25.883 -7.958  1.00 61.15  ? 185 ARG A CG  1 
ATOM   1041 C  CD  . ARG A 1 158 ? 25.742  -24.688 -8.900  1.00 62.24  ? 185 ARG A CD  1 
ATOM   1042 N  NE  . ARG A 1 158 ? 25.532  -25.097 -10.293 1.00 62.71  ? 185 ARG A NE  1 
ATOM   1043 C  CZ  . ARG A 1 158 ? 25.194  -24.273 -11.286 1.00 62.81  ? 185 ARG A CZ  1 
ATOM   1044 N  NH1 . ARG A 1 158 ? 25.008  -22.973 -11.061 1.00 62.61  ? 185 ARG A NH1 1 
ATOM   1045 N  NH2 . ARG A 1 158 ? 25.035  -24.752 -12.514 1.00 62.60  ? 185 ARG A NH2 1 
ATOM   1046 N  N   . ARG A 1 159 ? 27.377  -25.824 -3.606  1.00 60.58  ? 186 ARG A N   1 
ATOM   1047 C  CA  . ARG A 1 159 ? 28.288  -25.897 -2.455  1.00 60.98  ? 186 ARG A CA  1 
ATOM   1048 C  C   . ARG A 1 159 ? 28.419  -27.336 -1.918  1.00 61.34  ? 186 ARG A C   1 
ATOM   1049 O  O   . ARG A 1 159 ? 29.530  -27.846 -1.734  1.00 61.39  ? 186 ARG A O   1 
ATOM   1050 C  CB  . ARG A 1 159 ? 27.782  -24.958 -1.345  1.00 60.95  ? 186 ARG A CB  1 
ATOM   1051 C  CG  . ARG A 1 159 ? 28.426  -25.132 0.031   1.00 60.85  ? 186 ARG A CG  1 
ATOM   1052 C  CD  . ARG A 1 159 ? 27.857  -24.127 1.026   1.00 60.73  ? 186 ARG A CD  1 
ATOM   1053 N  N   . LEU A 1 160 ? 27.270  -27.975 -1.688  1.00 61.78  ? 187 LEU A N   1 
ATOM   1054 C  CA  . LEU A 1 160 ? 27.202  -29.309 -1.083  1.00 62.05  ? 187 LEU A CA  1 
ATOM   1055 C  C   . LEU A 1 160 ? 27.856  -30.379 -1.954  1.00 62.34  ? 187 LEU A C   1 
ATOM   1056 O  O   . LEU A 1 160 ? 28.806  -31.040 -1.534  1.00 62.44  ? 187 LEU A O   1 
ATOM   1057 C  CB  . LEU A 1 160 ? 25.739  -29.701 -0.808  1.00 61.98  ? 187 LEU A CB  1 
ATOM   1058 C  CG  . LEU A 1 160 ? 25.039  -28.988 0.354   1.00 61.99  ? 187 LEU A CG  1 
ATOM   1059 C  CD1 . LEU A 1 160 ? 23.519  -29.069 0.224   1.00 61.38  ? 187 LEU A CD1 1 
ATOM   1060 C  CD2 . LEU A 1 160 ? 25.506  -29.561 1.698   1.00 62.31  ? 187 LEU A CD2 1 
ATOM   1061 N  N   . GLN A 1 161 ? 27.366  -30.513 -3.181  1.00 62.67  ? 188 GLN A N   1 
ATOM   1062 C  CA  . GLN A 1 161 ? 27.741  -31.635 -4.045  1.00 63.01  ? 188 GLN A CA  1 
ATOM   1063 C  C   . GLN A 1 161 ? 29.169  -31.527 -4.592  1.00 63.26  ? 188 GLN A C   1 
ATOM   1064 O  O   . GLN A 1 161 ? 29.600  -32.382 -5.372  1.00 63.55  ? 188 GLN A O   1 
ATOM   1065 C  CB  . GLN A 1 161 ? 26.737  -31.787 -5.199  1.00 62.99  ? 188 GLN A CB  1 
ATOM   1066 C  CG  . GLN A 1 161 ? 25.278  -31.559 -4.781  1.00 63.20  ? 188 GLN A CG  1 
ATOM   1067 C  CD  . GLN A 1 161 ? 24.286  -32.414 -5.538  1.00 63.52  ? 188 GLN A CD  1 
ATOM   1068 O  OE1 . GLN A 1 161 ? 24.120  -32.267 -6.750  1.00 63.94  ? 188 GLN A OE1 1 
ATOM   1069 N  NE2 . GLN A 1 161 ? 23.603  -33.306 -4.823  1.00 63.56  ? 188 GLN A NE2 1 
ATOM   1070 N  N   . ARG A 1 162 ? 29.891  -30.485 -4.179  1.00 63.46  ? 189 ARG A N   1 
ATOM   1071 C  CA  . ARG A 1 162 ? 31.278  -30.267 -4.585  1.00 63.73  ? 189 ARG A CA  1 
ATOM   1072 C  C   . ARG A 1 162 ? 32.041  -29.623 -3.424  1.00 63.66  ? 189 ARG A C   1 
ATOM   1073 O  O   . ARG A 1 162 ? 33.071  -28.974 -3.611  1.00 63.55  ? 189 ARG A O   1 
ATOM   1074 C  CB  . ARG A 1 162 ? 31.330  -29.380 -5.843  1.00 63.89  ? 189 ARG A CB  1 
ATOM   1075 C  CG  . ARG A 1 162 ? 30.866  -30.073 -7.143  1.00 64.60  ? 189 ARG A CG  1 
ATOM   1076 C  CD  . ARG A 1 162 ? 30.667  -29.081 -8.294  1.00 65.45  ? 189 ARG A CD  1 
ATOM   1077 N  NE  . ARG A 1 162 ? 30.433  -29.748 -9.584  1.00 65.96  ? 189 ARG A NE  1 
ATOM   1078 C  CZ  . ARG A 1 162 ? 30.082  -29.129 -10.718 1.00 65.79  ? 189 ARG A CZ  1 
ATOM   1079 N  NH1 . ARG A 1 162 ? 29.905  -27.808 -10.748 1.00 65.85  ? 189 ARG A NH1 1 
ATOM   1080 N  NH2 . ARG A 1 162 ? 29.901  -29.836 -11.835 1.00 65.04  ? 189 ARG A NH2 1 
HETATM 1081 CL CL  . CL  B 2 .   ? -2.645  13.640  -18.983 0.50 18.92  ? 1   CL  A CL  1 
HETATM 1082 PB PB  . PB  C 3 .   ? 5.753   7.787   -9.752  0.25 101.64 ? 194 PB  A PB  1 
HETATM 1083 PB PB  . PB  D 3 .   ? -17.786 -1.413  6.864   0.50 113.33 ? 2   PB  A PB  1 
HETATM 1084 C  C1  . GOL E 4 .   ? -3.874  -6.326  9.160   0.50 74.90  ? 195 GOL A C1  1 
HETATM 1085 O  O1  . GOL E 4 .   ? -4.338  -7.645  8.970   0.50 74.25  ? 195 GOL A O1  1 
HETATM 1086 C  C2  . GOL E 4 .   ? -3.502  -5.693  7.819   0.50 75.88  ? 195 GOL A C2  1 
HETATM 1087 O  O2  . GOL E 4 .   ? -4.443  -4.704  7.464   0.50 77.22  ? 195 GOL A O2  1 
HETATM 1088 C  C3  . GOL E 4 .   ? -2.111  -5.069  7.900   0.50 75.72  ? 195 GOL A C3  1 
HETATM 1089 O  O3  . GOL E 4 .   ? -2.079  -3.853  7.183   0.50 74.72  ? 195 GOL A O3  1 
HETATM 1090 O  O   . HOH F 5 .   ? -9.971  5.355   3.308   1.00 33.93  ? 196 HOH A O   1 
HETATM 1091 O  O   . HOH F 5 .   ? -12.809 -2.960  3.453   1.00 28.39  ? 197 HOH A O   1 
HETATM 1092 O  O   . HOH F 5 .   ? -1.993  17.875  -10.718 1.00 44.82  ? 198 HOH A O   1 
HETATM 1093 O  O   . HOH F 5 .   ? 2.061   7.141   3.797   1.00 11.21  ? 199 HOH A O   1 
HETATM 1094 O  O   . HOH F 5 .   ? 24.025  -22.125 -13.373 1.00 2.00   ? 200 HOH A O   1 
HETATM 1095 O  O   . HOH F 5 .   ? -6.652  0.183   -6.136  1.00 16.49  ? 201 HOH A O   1 
HETATM 1096 O  O   . HOH F 5 .   ? -10.840 8.662   10.882  1.00 16.90  ? 202 HOH A O   1 
HETATM 1097 O  O   . HOH F 5 .   ? -19.187 0.233   5.228   1.00 40.09  ? 203 HOH A O   1 
HETATM 1098 O  O   . HOH F 5 .   ? -12.265 8.844   8.895   1.00 25.93  ? 204 HOH A O   1 
# 
